data_8RC3
#
_entry.id   8RC3
#
_cell.length_a   1.00
_cell.length_b   1.00
_cell.length_c   1.00
_cell.angle_alpha   90.00
_cell.angle_beta   90.00
_cell.angle_gamma   90.00
#
_symmetry.space_group_name_H-M   'P 1'
#
loop_
_entity.id
_entity.type
_entity.pdbx_description
1 polymer 'CRISPR type AFERR-associated protein Csf2'
2 polymer 'CRISPR type AFERR-associated protein Csf3'
3 polymer 'CRISPR type AFERR-associated protein Csf1'
4 polymer crRNA
5 polymer 'Target strand (TS) DNA'
6 polymer 'Non-target strand (NTS) DNA'
7 polymer 'CRISPR type AFERR-associated protein Csf5'
8 non-polymer 'ZINC ION'
#
loop_
_entity_poly.entity_id
_entity_poly.type
_entity_poly.pdbx_seq_one_letter_code
_entity_poly.pdbx_strand_id
1 'polypeptide(L)'
;MQIEVLIRNITPIFSAAPGSYYVSLDGTINPPQGASRFPLTRARTMTVVAETGDGVAKAVPLPIVPGNTMRNLLRRTMLK
DVIEPALRDKSAQLSIGAYATAYAGNSSGNPDGVPSSFDEIVTMRAHPFLGLFGGGPRMLQGRLMVDSLYPIHQFSQRII
GSDYINDSIKGGITEIVWTRRNDPILQLGSPDDAAVIEGGAQAANDWITSLLATTKAKKGKAAKQADEAAESSDDNGRGL
KAFNAHEVVIAGVKWLWRINVDRPSESQIGLILLALNKLANQRIAGGHAKDYGRFVIEDVILDGESVWTPSGVSGQATEQ
FFDAIAEALDGMTSSEFEQFAASAKEA
;
A,B,C,D,E
2 'polypeptide(L)'
;MDFLKVTINLGSPMVEPGDLFHLDALLGALRVSEVRAELGDGINPRDHHYDLPLEQYRSRSGQWVFKASAFHINKGAASQ
NWMQTSRINTAEAARHRSEGFLLLRAAKPNPAGGPFKNSLYHYPLVWATLTAYCVGDQARIADLLSQCRQIGGRRGVGCG
RVAGFSVEVVPEVECTWALRAMPDDSEQSILCGEYALAMSALQSPYWDRSLHKPALVPTSLA
;
F
3 'polypeptide(L)'
;MRYPSDVVDQVFKLPPDKGLLTWDNDPVACSHCARPIEKGDLYSPSSVGAFFSDTRNLASTSRSICWRCLILRKKQMLNG
LSYALITQDGVFQISKDTNKAWLFTTPPPAPFFVMHSSSTMQHLCWRTPVTLDNRLIKVRYGNNLFVVRPEAIREALEIA
DRMNEGQKKWQAPIFLDRKAADSGHGALTKAGREHLSAADQEFLLNITPGERWALAYIMHSKRPQPEEPECITSKILEKL
;
G
4 'polyribonucleotide' GUGAGCGGCAUCCAAGUUACGCAUCAGAUUCGAGACGCGAGUAUUUCCCGCGUGCGCGGGG H
5 'polydeoxyribonucleotide'
;(DC)(DG)(DG)(DT)(DC)(DG)(DG)(DG)(DT)(DC)(DA)(DT)(DA)(DC)(DG)(DT)(DC)(DG)(DC)(DG)
(DT)(DC)(DT)(DC)(DG)(DA)(DA)(DT)(DC)(DT)(DG)(DA)(DT)(DG)(DC)(DG)(DT)(DA)(DA)(DC)
(DT)(DT)(DG)(DG)(DA)(DT)(DG)(DC)(DT)(DT)(DC)(DG)(DT)(DG)(DC)(DG)(DT)(DG)(DA)(DT)
(DG)
;
I
6 'polydeoxyribonucleotide'
;(DC)(DA)(DT)(DC)(DA)(DC)(DG)(DC)(DA)(DC)(DG)(DA)(DA)(DG)(DA)(DC)(DC)(DA)(DA)(DG)
(DT)(DC)(DA)(DA)(DT)(DG)(DC)(DT)(DT)(DA)(DG)(DT)(DC)(DT)(DA)(DA)(DT)(DA)(DC)(DC)
(DT)(DG)(DC)(DG)(DC)(DT)(DC)(DG)(DT)(DA)(DT)(DG)(DA)(DC)(DC)(DC)(DG)(DA)(DC)(DC)
(DG)
;
J
7 'polypeptide(L)'
;MFVTQVIFNMGERAYPDRARAMVAELMDGVQPGLVATLMNYIPGTSTSRTEFPTVQFGGASDGFCLLGFGDGGGAIVRDA
VPLIHAALARRMPDRIIQVEHKEHSLSAEARPYVLSYTVPRMVVQKKQRHAERLLHEAEGKAHLEGLFLRSLQRQAAAVG
LPLPENLEVEFKGAVGNFAAKHNPNSKVAYRGLRGAVFDVNARLGGIWTAGFMLSKGYGQFNATHQLSGAVNALSE
;
M
#
# COMPACT_ATOMS: atom_id res chain seq x y z
N MET A 1 -8.22 -39.48 37.18
CA MET A 1 -9.29 -39.03 36.32
C MET A 1 -8.81 -37.91 35.42
N GLN A 2 -8.56 -38.24 34.15
CA GLN A 2 -7.97 -37.29 33.22
C GLN A 2 -8.93 -36.14 32.91
N ILE A 3 -8.38 -34.93 32.85
CA ILE A 3 -9.10 -33.76 32.36
C ILE A 3 -8.27 -33.20 31.22
N GLU A 4 -8.91 -33.05 30.05
CA GLU A 4 -8.27 -32.44 28.89
C GLU A 4 -8.96 -31.11 28.62
N VAL A 5 -8.23 -30.02 28.83
CA VAL A 5 -8.77 -28.67 28.64
C VAL A 5 -8.11 -28.06 27.41
N LEU A 6 -8.90 -27.82 26.38
CA LEU A 6 -8.42 -27.18 25.17
C LEU A 6 -8.64 -25.68 25.30
N ILE A 7 -7.56 -24.91 25.16
CA ILE A 7 -7.56 -23.48 25.44
C ILE A 7 -7.06 -22.74 24.22
N ARG A 8 -7.80 -21.72 23.80
CA ARG A 8 -7.37 -20.79 22.77
C ARG A 8 -7.17 -19.42 23.39
N ASN A 9 -5.99 -18.84 23.19
CA ASN A 9 -5.67 -17.57 23.82
C ASN A 9 -6.16 -16.41 22.95
N ILE A 10 -6.99 -15.55 23.54
CA ILE A 10 -7.44 -14.36 22.84
C ILE A 10 -6.32 -13.35 22.69
N THR A 11 -5.55 -13.13 23.74
CA THR A 11 -4.45 -12.20 23.76
C THR A 11 -3.13 -12.96 23.92
N PRO A 12 -2.01 -12.36 23.51
CA PRO A 12 -0.73 -13.06 23.62
C PRO A 12 -0.43 -13.47 25.05
N ILE A 13 0.22 -14.63 25.18
CA ILE A 13 0.58 -15.20 26.47
C ILE A 13 2.06 -14.94 26.70
N PHE A 14 2.38 -14.32 27.84
CA PHE A 14 3.74 -13.90 28.15
C PHE A 14 4.18 -14.54 29.46
N SER A 15 4.96 -15.61 29.36
CA SER A 15 5.56 -16.26 30.50
C SER A 15 7.06 -15.96 30.44
N ALA A 16 7.48 -14.95 31.21
CA ALA A 16 8.83 -14.43 31.10
C ALA A 16 9.85 -15.51 31.44
N ALA A 17 10.81 -15.71 30.56
CA ALA A 17 11.90 -16.63 30.81
C ALA A 17 13.02 -15.93 31.58
N PRO A 18 13.55 -16.56 32.61
CA PRO A 18 14.65 -15.94 33.37
C PRO A 18 15.89 -15.77 32.51
N GLY A 19 16.63 -14.71 32.80
CA GLY A 19 17.88 -14.47 32.10
C GLY A 19 17.92 -13.13 31.37
N SER A 20 19.12 -12.67 31.06
CA SER A 20 19.32 -11.42 30.33
C SER A 20 19.58 -11.75 28.86
N TYR A 21 18.62 -11.42 28.02
CA TYR A 21 18.73 -11.63 26.58
C TYR A 21 18.63 -10.29 25.87
N TYR A 22 19.28 -10.20 24.71
CA TYR A 22 19.38 -8.94 23.99
C TYR A 22 18.89 -9.11 22.56
N VAL A 23 18.34 -8.04 22.01
CA VAL A 23 17.82 -8.03 20.65
C VAL A 23 18.18 -6.69 20.03
N SER A 24 18.31 -6.68 18.71
CA SER A 24 18.54 -5.46 17.96
C SER A 24 17.24 -4.95 17.36
N LEU A 25 17.31 -3.75 16.78
CA LEU A 25 16.12 -3.14 16.21
C LEU A 25 15.54 -3.94 15.06
N ASP A 26 16.35 -4.77 14.40
CA ASP A 26 15.86 -5.60 13.31
C ASP A 26 15.20 -6.89 13.80
N GLY A 27 15.33 -7.21 15.08
CA GLY A 27 14.74 -8.42 15.63
C GLY A 27 15.68 -9.58 15.84
N THR A 28 16.99 -9.38 15.66
CA THR A 28 17.96 -10.46 15.81
C THR A 28 18.25 -10.68 17.29
N ILE A 29 18.01 -11.91 17.75
CA ILE A 29 18.22 -12.24 19.17
C ILE A 29 19.72 -12.39 19.42
N ASN A 30 20.18 -11.78 20.52
CA ASN A 30 21.59 -11.79 20.91
C ASN A 30 22.46 -11.37 19.74
N PRO A 31 22.42 -10.09 19.35
CA PRO A 31 23.18 -9.66 18.19
C PRO A 31 24.67 -9.63 18.48
N PRO A 32 25.51 -9.59 17.45
CA PRO A 32 26.94 -9.39 17.69
C PRO A 32 27.21 -8.04 18.32
N GLN A 33 28.39 -7.92 18.92
CA GLN A 33 28.72 -6.72 19.70
C GLN A 33 28.88 -5.47 18.85
N GLY A 34 28.87 -5.60 17.52
CA GLY A 34 29.02 -4.43 16.67
C GLY A 34 27.83 -3.48 16.77
N ALA A 35 26.61 -4.02 16.77
CA ALA A 35 25.41 -3.22 16.71
C ALA A 35 24.84 -2.96 18.11
N SER A 36 23.90 -2.01 18.17
CA SER A 36 23.27 -1.66 19.43
C SER A 36 22.37 -2.79 19.92
N ARG A 37 22.41 -3.05 21.22
CA ARG A 37 21.69 -4.16 21.84
C ARG A 37 20.61 -3.61 22.75
N PHE A 38 19.41 -4.19 22.67
CA PHE A 38 18.34 -3.82 23.58
C PHE A 38 17.90 -5.04 24.39
N PRO A 39 17.64 -4.87 25.68
CA PRO A 39 17.26 -6.02 26.50
C PRO A 39 15.98 -6.67 26.01
N LEU A 40 15.92 -7.99 26.16
CA LEU A 40 14.78 -8.79 25.71
C LEU A 40 14.40 -9.76 26.81
N THR A 41 13.10 -9.90 27.05
CA THR A 41 12.56 -10.85 28.02
C THR A 41 11.80 -11.91 27.24
N ARG A 42 12.47 -13.02 26.95
CA ARG A 42 11.90 -14.04 26.08
C ARG A 42 10.79 -14.80 26.80
N ALA A 43 9.92 -15.42 25.99
CA ALA A 43 8.90 -16.30 26.53
C ALA A 43 9.53 -17.61 26.98
N ARG A 44 8.86 -18.28 27.91
CA ARG A 44 9.34 -19.55 28.42
C ARG A 44 9.29 -20.60 27.33
N THR A 45 10.39 -21.33 27.17
CA THR A 45 10.49 -22.39 26.17
C THR A 45 11.02 -23.65 26.82
N MET A 46 10.46 -24.79 26.41
CA MET A 46 10.94 -26.10 26.81
C MET A 46 11.57 -26.79 25.61
N THR A 47 12.81 -27.23 25.76
CA THR A 47 13.51 -27.95 24.71
C THR A 47 12.84 -29.31 24.51
N VAL A 48 12.24 -29.50 23.34
CA VAL A 48 11.63 -30.77 22.99
C VAL A 48 12.24 -31.24 21.67
N VAL A 49 12.19 -32.55 21.47
CA VAL A 49 12.72 -33.17 20.26
C VAL A 49 11.59 -33.37 19.28
N ALA A 50 11.76 -32.87 18.06
CA ALA A 50 10.70 -32.89 17.07
C ALA A 50 11.26 -33.25 15.71
N GLU A 51 10.41 -33.87 14.89
CA GLU A 51 10.80 -34.27 13.54
C GLU A 51 10.73 -33.05 12.64
N THR A 52 11.87 -32.37 12.49
CA THR A 52 11.98 -31.19 11.64
C THR A 52 12.30 -31.67 10.23
N GLY A 53 11.28 -31.71 9.37
CA GLY A 53 11.47 -32.24 8.04
C GLY A 53 11.81 -33.71 8.01
N ASP A 54 11.18 -34.50 8.88
CA ASP A 54 11.43 -35.95 9.00
C ASP A 54 12.92 -36.15 9.30
N GLY A 55 13.58 -37.12 8.67
CA GLY A 55 14.98 -37.36 8.95
C GLY A 55 15.20 -37.75 10.40
N VAL A 56 16.17 -37.10 11.03
CA VAL A 56 16.51 -37.34 12.42
C VAL A 56 15.94 -36.20 13.26
N ALA A 57 15.19 -36.53 14.29
CA ALA A 57 14.57 -35.53 15.15
C ALA A 57 15.64 -34.76 15.91
N LYS A 58 15.48 -33.43 15.95
CA LYS A 58 16.41 -32.55 16.64
C LYS A 58 15.67 -31.76 17.71
N ALA A 59 16.43 -31.26 18.68
CA ALA A 59 15.85 -30.52 19.79
C ALA A 59 15.47 -29.12 19.32
N VAL A 60 14.23 -28.72 19.63
CA VAL A 60 13.74 -27.39 19.28
C VAL A 60 13.12 -26.76 20.51
N PRO A 61 13.19 -25.43 20.68
CA PRO A 61 12.53 -24.78 21.81
C PRO A 61 11.04 -24.63 21.56
N LEU A 62 10.22 -25.15 22.47
CA LEU A 62 8.77 -25.07 22.35
C LEU A 62 8.23 -24.11 23.38
N PRO A 63 7.56 -23.02 22.99
CA PRO A 63 7.05 -22.06 23.96
C PRO A 63 5.87 -22.64 24.73
N ILE A 64 5.98 -22.64 26.06
CA ILE A 64 4.98 -23.23 26.94
C ILE A 64 4.76 -22.30 28.13
N VAL A 65 3.71 -22.60 28.89
CA VAL A 65 3.49 -22.01 30.21
C VAL A 65 3.83 -23.09 31.23
N PRO A 66 4.71 -22.82 32.19
CA PRO A 66 5.17 -23.88 33.10
C PRO A 66 4.02 -24.51 33.88
N GLY A 67 4.20 -25.78 34.22
CA GLY A 67 3.17 -26.49 34.96
C GLY A 67 2.93 -25.92 36.35
N ASN A 68 3.98 -25.40 36.98
CA ASN A 68 3.79 -24.77 38.28
C ASN A 68 2.92 -23.53 38.18
N THR A 69 3.09 -22.76 37.10
CA THR A 69 2.26 -21.58 36.91
C THR A 69 0.79 -21.94 36.82
N MET A 70 0.46 -23.01 36.11
CA MET A 70 -0.94 -23.38 35.96
C MET A 70 -1.48 -24.11 37.18
N ARG A 71 -0.62 -24.82 37.91
CA ARG A 71 -1.00 -25.34 39.21
C ARG A 71 -1.43 -24.22 40.13
N ASN A 72 -0.60 -23.17 40.22
CA ASN A 72 -0.97 -22.02 41.04
C ASN A 72 -2.18 -21.28 40.48
N LEU A 73 -2.34 -21.25 39.16
CA LEU A 73 -3.51 -20.61 38.59
C LEU A 73 -4.79 -21.33 38.99
N LEU A 74 -4.77 -22.67 38.95
CA LEU A 74 -5.91 -23.43 39.42
C LEU A 74 -6.17 -23.19 40.89
N ARG A 75 -5.10 -23.16 41.70
CA ARG A 75 -5.27 -22.92 43.13
C ARG A 75 -5.88 -21.54 43.38
N ARG A 76 -5.39 -20.53 42.68
CA ARG A 76 -5.90 -19.17 42.85
C ARG A 76 -7.35 -19.06 42.39
N THR A 77 -7.69 -19.73 41.28
CA THR A 77 -9.08 -19.74 40.84
C THR A 77 -9.98 -20.36 41.89
N MET A 78 -9.58 -21.53 42.42
CA MET A 78 -10.37 -22.18 43.46
C MET A 78 -10.57 -21.25 44.65
N LEU A 79 -9.47 -20.71 45.17
CA LEU A 79 -9.58 -19.87 46.36
C LEU A 79 -10.43 -18.63 46.09
N LYS A 80 -10.10 -17.89 45.03
CA LYS A 80 -10.76 -16.61 44.78
C LYS A 80 -12.24 -16.78 44.42
N ASP A 81 -12.63 -17.90 43.82
CA ASP A 81 -13.96 -18.01 43.26
C ASP A 81 -14.90 -18.93 44.01
N VAL A 82 -14.41 -19.97 44.67
CA VAL A 82 -15.34 -20.93 45.28
C VAL A 82 -14.99 -21.26 46.72
N ILE A 83 -13.79 -20.90 47.17
CA ILE A 83 -13.33 -21.23 48.51
C ILE A 83 -13.36 -20.01 49.43
N GLU A 84 -12.66 -18.94 49.05
CA GLU A 84 -12.67 -17.73 49.86
C GLU A 84 -14.06 -17.14 50.02
N PRO A 85 -14.88 -17.00 48.96
CA PRO A 85 -16.27 -16.57 49.20
C PRO A 85 -17.06 -17.48 50.12
N ALA A 86 -16.83 -18.80 50.00
CA ALA A 86 -17.53 -19.74 50.87
C ALA A 86 -17.13 -19.53 52.33
N LEU A 87 -15.85 -19.26 52.58
CA LEU A 87 -15.41 -19.00 53.95
C LEU A 87 -15.90 -17.65 54.45
N ARG A 88 -16.00 -16.65 53.56
CA ARG A 88 -16.56 -15.36 53.98
C ARG A 88 -18.02 -15.49 54.35
N ASP A 89 -18.77 -16.36 53.65
CA ASP A 89 -20.17 -16.53 53.98
C ASP A 89 -20.37 -17.03 55.40
N LYS A 90 -19.41 -17.77 55.93
CA LYS A 90 -19.42 -18.20 57.32
C LYS A 90 -18.69 -17.23 58.24
N SER A 91 -18.20 -16.11 57.71
CA SER A 91 -17.37 -15.16 58.46
C SER A 91 -16.13 -15.85 59.03
N ALA A 92 -15.57 -16.79 58.26
CA ALA A 92 -14.40 -17.52 58.71
C ALA A 92 -13.17 -16.61 58.68
N GLN A 93 -12.25 -16.85 59.61
CA GLN A 93 -11.01 -16.11 59.71
C GLN A 93 -9.86 -17.09 59.68
N LEU A 94 -8.87 -16.81 58.84
CA LEU A 94 -7.73 -17.70 58.64
C LEU A 94 -6.50 -17.09 59.29
N SER A 95 -5.79 -17.89 60.07
CA SER A 95 -4.53 -17.45 60.64
C SER A 95 -3.48 -17.34 59.52
N ILE A 96 -2.30 -16.83 59.90
CA ILE A 96 -1.24 -16.66 58.92
C ILE A 96 -0.74 -18.01 58.42
N GLY A 97 -0.64 -19.00 59.31
CA GLY A 97 -0.21 -20.32 58.88
C GLY A 97 -1.21 -20.98 57.94
N ALA A 98 -2.50 -20.93 58.29
CA ALA A 98 -3.52 -21.53 57.44
C ALA A 98 -3.60 -20.81 56.11
N TYR A 99 -3.52 -19.48 56.11
CA TYR A 99 -3.54 -18.72 54.88
C TYR A 99 -2.35 -19.07 53.99
N ALA A 100 -1.16 -19.15 54.59
CA ALA A 100 0.02 -19.49 53.80
C ALA A 100 -0.08 -20.89 53.23
N THR A 101 -0.57 -21.85 54.02
CA THR A 101 -0.73 -23.21 53.53
C THR A 101 -1.75 -23.26 52.39
N ALA A 102 -2.84 -22.52 52.51
CA ALA A 102 -3.88 -22.56 51.49
C ALA A 102 -3.43 -21.89 50.20
N TYR A 103 -2.71 -20.78 50.29
CA TYR A 103 -2.41 -19.99 49.11
C TYR A 103 -1.07 -20.30 48.47
N ALA A 104 -0.12 -20.86 49.22
CA ALA A 104 1.17 -21.22 48.63
C ALA A 104 1.73 -22.53 49.16
N GLY A 105 0.98 -23.27 49.97
CA GLY A 105 1.52 -24.49 50.54
C GLY A 105 2.69 -24.29 51.47
N ASN A 106 2.85 -23.09 52.00
CA ASN A 106 3.99 -22.77 52.87
C ASN A 106 3.85 -23.47 54.22
N SER A 107 4.99 -23.69 54.87
CA SER A 107 5.05 -24.38 56.15
C SER A 107 5.44 -23.45 57.29
N SER A 108 5.33 -22.14 57.09
CA SER A 108 5.71 -21.20 58.14
C SER A 108 4.76 -21.21 59.34
N GLY A 109 3.59 -21.83 59.21
CA GLY A 109 2.70 -21.93 60.35
C GLY A 109 3.27 -22.78 61.46
N ASN A 110 3.94 -23.87 61.10
CA ASN A 110 4.56 -24.76 62.06
C ASN A 110 5.70 -25.51 61.39
N PRO A 111 6.87 -24.89 61.21
CA PRO A 111 7.94 -25.51 60.42
C PRO A 111 8.65 -26.64 61.12
N ASP A 112 8.29 -26.97 62.36
CA ASP A 112 8.96 -28.03 63.09
C ASP A 112 8.73 -29.40 62.47
N GLY A 113 7.69 -29.54 61.66
CA GLY A 113 7.34 -30.83 61.11
C GLY A 113 6.38 -31.55 62.04
N VAL A 114 5.17 -31.80 61.57
CA VAL A 114 4.15 -32.40 62.43
C VAL A 114 3.86 -33.82 61.96
N PRO A 115 3.79 -34.80 62.88
CA PRO A 115 3.47 -36.17 62.47
C PRO A 115 1.98 -36.29 62.20
N SER A 116 1.64 -36.90 61.07
CA SER A 116 0.26 -37.07 60.64
C SER A 116 -0.14 -38.52 60.86
N SER A 117 -1.20 -38.72 61.64
CA SER A 117 -1.73 -40.06 61.84
C SER A 117 -2.47 -40.53 60.59
N PHE A 118 -2.65 -41.85 60.49
CA PHE A 118 -3.31 -42.41 59.32
C PHE A 118 -4.75 -41.92 59.20
N ASP A 119 -5.46 -41.84 60.31
CA ASP A 119 -6.80 -41.25 60.29
C ASP A 119 -6.75 -39.80 59.84
N GLU A 120 -5.77 -39.04 60.34
CA GLU A 120 -5.63 -37.65 59.91
C GLU A 120 -5.30 -37.56 58.43
N ILE A 121 -4.45 -38.45 57.92
CA ILE A 121 -4.12 -38.44 56.50
C ILE A 121 -5.37 -38.73 55.67
N VAL A 122 -6.17 -39.71 56.09
CA VAL A 122 -7.41 -39.99 55.37
C VAL A 122 -8.34 -38.79 55.40
N THR A 123 -8.47 -38.15 56.57
CA THR A 123 -9.38 -37.02 56.71
C THR A 123 -8.95 -35.83 55.85
N MET A 124 -7.65 -35.55 55.82
CA MET A 124 -7.17 -34.31 55.21
C MET A 124 -6.85 -34.45 53.73
N ARG A 125 -6.38 -35.62 53.30
CA ARG A 125 -6.18 -35.82 51.87
C ARG A 125 -7.50 -35.96 51.13
N ALA A 126 -8.61 -36.11 51.84
CA ALA A 126 -9.94 -36.10 51.24
C ALA A 126 -10.59 -34.72 51.29
N HIS A 127 -9.88 -33.71 51.76
CA HIS A 127 -10.41 -32.36 51.79
C HIS A 127 -10.64 -31.86 50.37
N PRO A 128 -11.77 -31.21 50.09
CA PRO A 128 -12.08 -30.83 48.70
C PRO A 128 -11.03 -29.96 48.05
N PHE A 129 -10.40 -29.05 48.80
CA PHE A 129 -9.37 -28.17 48.26
C PHE A 129 -7.98 -28.57 48.71
N LEU A 130 -7.77 -28.72 50.01
CA LEU A 130 -6.44 -29.00 50.55
C LEU A 130 -5.95 -30.40 50.18
N GLY A 131 -6.86 -31.32 49.85
CA GLY A 131 -6.42 -32.63 49.39
C GLY A 131 -5.77 -32.57 48.02
N LEU A 132 -6.29 -31.71 47.15
CA LEU A 132 -5.74 -31.60 45.80
C LEU A 132 -4.34 -31.01 45.82
N PHE A 133 -4.15 -29.92 46.55
CA PHE A 133 -2.84 -29.29 46.70
C PHE A 133 -2.33 -29.60 48.10
N GLY A 134 -1.35 -30.48 48.20
CA GLY A 134 -0.81 -30.82 49.50
C GLY A 134 0.05 -29.72 50.08
N GLY A 135 1.02 -30.09 50.89
CA GLY A 135 1.93 -29.13 51.47
C GLY A 135 1.59 -28.76 52.90
N GLY A 136 2.11 -27.61 53.31
CA GLY A 136 2.00 -27.18 54.68
C GLY A 136 3.04 -27.87 55.52
N PRO A 137 2.93 -27.73 56.85
CA PRO A 137 3.88 -28.42 57.73
C PRO A 137 3.86 -29.93 57.55
N ARG A 138 2.70 -30.50 57.24
CA ARG A 138 2.60 -31.93 57.05
C ARG A 138 3.27 -32.37 55.76
N MET A 139 3.27 -31.52 54.75
CA MET A 139 3.78 -31.84 53.42
C MET A 139 3.13 -33.11 52.88
N LEU A 140 1.81 -33.17 52.99
CA LEU A 140 1.07 -34.25 52.39
C LEU A 140 1.15 -34.16 50.87
N GLN A 141 1.19 -35.32 50.23
CA GLN A 141 1.22 -35.35 48.77
C GLN A 141 -0.15 -34.98 48.23
N GLY A 142 -0.20 -33.97 47.37
CA GLY A 142 -1.47 -33.58 46.78
C GLY A 142 -1.93 -34.59 45.76
N ARG A 143 -3.25 -34.65 45.57
CA ARG A 143 -3.83 -35.56 44.60
C ARG A 143 -3.78 -35.02 43.18
N LEU A 144 -3.36 -33.77 43.00
CA LEU A 144 -3.39 -33.11 41.70
C LEU A 144 -2.03 -33.21 41.02
N MET A 145 -2.05 -33.50 39.72
CA MET A 145 -0.84 -33.52 38.89
C MET A 145 -1.18 -32.82 37.59
N VAL A 146 -0.98 -31.51 37.55
CA VAL A 146 -1.26 -30.71 36.36
C VAL A 146 -0.02 -30.69 35.48
N ASP A 147 -0.25 -30.52 34.18
CA ASP A 147 0.83 -30.44 33.21
C ASP A 147 1.03 -28.99 32.77
N SER A 148 2.07 -28.77 31.98
CA SER A 148 2.30 -27.46 31.40
C SER A 148 1.28 -27.19 30.29
N LEU A 149 1.28 -25.96 29.82
CA LEU A 149 0.42 -25.57 28.70
C LEU A 149 1.23 -25.72 27.41
N TYR A 150 1.05 -26.86 26.74
CA TYR A 150 1.74 -27.10 25.48
C TYR A 150 0.86 -26.63 24.32
N PRO A 151 1.35 -25.76 23.44
CA PRO A 151 0.56 -25.38 22.28
C PRO A 151 0.42 -26.55 21.31
N ILE A 152 -0.72 -26.57 20.61
CA ILE A 152 -0.93 -27.56 19.55
C ILE A 152 -0.08 -27.09 18.37
N HIS A 153 1.10 -27.69 18.22
CA HIS A 153 2.11 -27.23 17.29
C HIS A 153 2.74 -28.45 16.63
N GLN A 154 3.49 -28.20 15.55
CA GLN A 154 4.18 -29.29 14.87
C GLN A 154 5.23 -29.93 15.76
N PHE A 155 5.87 -29.14 16.62
CA PHE A 155 6.94 -29.64 17.47
C PHE A 155 6.44 -30.33 18.75
N SER A 156 5.16 -30.16 19.09
CA SER A 156 4.62 -30.74 20.31
C SER A 156 3.82 -32.02 20.03
N GLN A 157 3.87 -32.54 18.81
CA GLN A 157 3.10 -33.74 18.49
C GLN A 157 3.57 -34.96 19.26
N ARG A 158 4.81 -34.95 19.75
CA ARG A 158 5.30 -36.07 20.56
C ARG A 158 4.88 -35.96 22.02
N ILE A 159 4.34 -34.82 22.45
CA ILE A 159 3.86 -34.64 23.80
C ILE A 159 2.33 -34.66 23.77
N ILE A 160 1.75 -33.76 22.98
CA ILE A 160 0.29 -33.69 22.85
C ILE A 160 -0.25 -34.96 22.22
N GLY A 161 0.38 -35.41 21.15
CA GLY A 161 -0.13 -36.53 20.37
C GLY A 161 -0.68 -36.06 19.05
N SER A 162 -1.27 -37.01 18.31
CA SER A 162 -1.85 -36.74 17.01
C SER A 162 -3.36 -36.58 17.06
N ASP A 163 -3.92 -36.42 18.26
CA ASP A 163 -5.36 -36.29 18.41
C ASP A 163 -5.89 -34.93 17.97
N TYR A 164 -5.01 -33.93 17.87
CA TYR A 164 -5.42 -32.57 17.54
C TYR A 164 -4.63 -32.05 16.35
N ILE A 165 -4.51 -32.88 15.31
CA ILE A 165 -3.78 -32.48 14.11
C ILE A 165 -4.53 -31.39 13.35
N ASN A 166 -5.85 -31.29 13.53
CA ASN A 166 -6.63 -30.30 12.79
C ASN A 166 -6.38 -28.89 13.29
N ASP A 167 -6.01 -28.74 14.56
CA ASP A 167 -5.81 -27.44 15.19
C ASP A 167 -4.34 -27.08 15.35
N SER A 168 -3.46 -27.70 14.56
CA SER A 168 -2.04 -27.50 14.70
C SER A 168 -1.56 -26.34 13.84
N ILE A 169 -0.54 -25.64 14.32
CA ILE A 169 0.11 -24.55 13.61
C ILE A 169 1.53 -24.98 13.25
N LYS A 170 1.95 -24.67 12.03
CA LYS A 170 3.24 -25.15 11.54
C LYS A 170 4.38 -24.16 11.78
N GLY A 171 4.11 -22.86 11.72
CA GLY A 171 5.15 -21.87 11.85
C GLY A 171 5.47 -21.52 13.29
N GLY A 172 6.43 -20.61 13.44
CA GLY A 172 6.74 -20.09 14.76
C GLY A 172 5.61 -19.26 15.31
N ILE A 173 5.38 -19.37 16.62
CA ILE A 173 4.23 -18.76 17.25
C ILE A 173 4.64 -17.74 18.29
N THR A 174 5.81 -17.12 18.09
CA THR A 174 6.30 -16.09 18.99
C THR A 174 6.49 -14.79 18.22
N GLU A 175 6.60 -13.69 18.97
CA GLU A 175 6.83 -12.38 18.40
C GLU A 175 7.50 -11.50 19.44
N ILE A 176 8.08 -10.40 18.97
CA ILE A 176 8.77 -9.45 19.83
C ILE A 176 7.95 -8.17 19.88
N VAL A 177 7.59 -7.75 21.08
CA VAL A 177 6.83 -6.52 21.31
C VAL A 177 7.75 -5.52 21.94
N TRP A 178 7.89 -4.35 21.31
CA TRP A 178 8.80 -3.32 21.78
C TRP A 178 8.07 -2.36 22.71
N THR A 179 8.70 -2.03 23.82
CA THR A 179 8.13 -1.18 24.85
C THR A 179 9.07 -0.01 25.10
N ARG A 180 8.48 1.16 25.35
CA ARG A 180 9.22 2.39 25.53
C ARG A 180 8.69 3.14 26.75
N ARG A 181 9.58 3.74 27.52
CA ARG A 181 9.20 4.61 28.62
C ARG A 181 9.71 6.02 28.34
N ASN A 182 8.86 7.00 28.61
CA ASN A 182 9.18 8.40 28.34
C ASN A 182 9.35 9.16 29.64
N ASP A 183 10.23 10.16 29.59
CA ASP A 183 10.35 11.10 30.70
C ASP A 183 9.22 12.11 30.60
N PRO A 184 8.29 12.15 31.55
CA PRO A 184 7.16 13.08 31.42
C PRO A 184 7.57 14.54 31.43
N ILE A 185 8.70 14.87 32.07
CA ILE A 185 9.14 16.26 32.12
C ILE A 185 9.60 16.73 30.75
N LEU A 186 10.19 15.83 29.96
CA LEU A 186 10.60 16.17 28.61
C LEU A 186 9.42 16.43 27.68
N GLN A 187 8.20 16.12 28.12
CA GLN A 187 7.02 16.29 27.30
C GLN A 187 6.10 17.39 27.82
N LEU A 188 6.62 18.28 28.65
CA LEU A 188 5.89 19.49 29.02
C LEU A 188 6.10 20.56 27.96
N GLY A 189 5.04 21.31 27.67
CA GLY A 189 5.09 22.25 26.57
C GLY A 189 4.68 23.67 26.90
N SER A 190 4.25 23.92 28.14
CA SER A 190 3.78 25.24 28.53
C SER A 190 3.75 25.31 30.05
N PRO A 191 3.72 26.51 30.62
CA PRO A 191 3.51 26.62 32.07
C PRO A 191 2.18 26.08 32.54
N ASP A 192 1.19 25.98 31.66
CA ASP A 192 -0.06 25.34 32.03
C ASP A 192 0.15 23.87 32.38
N ASP A 193 1.02 23.20 31.63
CA ASP A 193 1.33 21.80 31.93
C ASP A 193 2.15 21.66 33.21
N ALA A 194 2.94 22.68 33.53
CA ALA A 194 3.79 22.65 34.73
C ALA A 194 3.11 23.30 35.94
N ALA A 195 1.86 23.74 35.81
CA ALA A 195 1.18 24.38 36.93
C ALA A 195 1.02 23.42 38.10
N VAL A 196 0.67 22.16 37.82
CA VAL A 196 0.39 21.22 38.89
C VAL A 196 1.65 20.82 39.64
N ILE A 197 2.82 21.08 39.08
CA ILE A 197 4.08 20.77 39.75
C ILE A 197 4.40 21.87 40.75
N GLU A 198 4.89 21.46 41.93
CA GLU A 198 5.12 22.43 43.00
C GLU A 198 6.17 23.47 42.62
N GLY A 199 7.25 23.03 41.95
CA GLY A 199 8.28 23.96 41.56
C GLY A 199 7.99 24.76 40.32
N GLY A 200 6.90 24.45 39.63
CA GLY A 200 6.58 25.15 38.40
C GLY A 200 7.63 24.90 37.34
N ALA A 201 8.09 25.97 36.70
CA ALA A 201 9.09 25.84 35.64
C ALA A 201 10.46 25.54 36.21
N GLN A 202 10.75 25.99 37.43
CA GLN A 202 12.08 25.78 38.00
C GLN A 202 12.35 24.30 38.28
N ALA A 203 11.34 23.58 38.78
CA ALA A 203 11.54 22.15 39.02
C ALA A 203 11.79 21.40 37.73
N ALA A 204 11.03 21.71 36.67
CA ALA A 204 11.25 21.07 35.38
C ALA A 204 12.62 21.42 34.82
N ASN A 205 13.04 22.68 34.98
CA ASN A 205 14.36 23.08 34.50
C ASN A 205 15.47 22.34 35.24
N ASP A 206 15.34 22.20 36.56
CA ASP A 206 16.33 21.46 37.32
C ASP A 206 16.36 20.00 36.92
N TRP A 207 15.19 19.41 36.71
CA TRP A 207 15.10 18.01 36.27
C TRP A 207 15.80 17.82 34.93
N ILE A 208 15.54 18.71 33.98
CA ILE A 208 16.14 18.59 32.65
C ILE A 208 17.63 18.83 32.72
N THR A 209 18.07 19.78 33.54
CA THR A 209 19.50 20.05 33.68
C THR A 209 20.23 18.86 34.26
N SER A 210 19.66 18.25 35.31
CA SER A 210 20.28 17.07 35.90
C SER A 210 20.28 15.90 34.93
N LEU A 211 19.20 15.75 34.15
CA LEU A 211 19.16 14.70 33.14
C LEU A 211 20.24 14.91 32.09
N LEU A 212 20.42 16.14 31.62
CA LEU A 212 21.45 16.43 30.65
C LEU A 212 22.84 16.16 31.21
N ALA A 213 23.09 16.59 32.45
CA ALA A 213 24.39 16.37 33.06
C ALA A 213 24.68 14.88 33.22
N THR A 214 23.70 14.12 33.69
CA THR A 214 23.89 12.68 33.84
C THR A 214 24.12 11.99 32.50
N THR A 215 23.36 12.38 31.47
CA THR A 215 23.55 11.79 30.15
C THR A 215 24.93 12.10 29.60
N LYS A 216 25.39 13.35 29.74
CA LYS A 216 26.71 13.71 29.25
C LYS A 216 27.80 12.97 30.01
N ALA A 217 27.64 12.85 31.33
CA ALA A 217 28.63 12.12 32.12
C ALA A 217 28.70 10.66 31.72
N LYS A 218 27.54 10.03 31.49
CA LYS A 218 27.53 8.63 31.08
C LYS A 218 28.12 8.46 29.68
N LYS A 219 27.84 9.40 28.77
CA LYS A 219 28.43 9.34 27.44
C LYS A 219 29.95 9.46 27.51
N GLY A 220 30.45 10.39 28.33
CA GLY A 220 31.89 10.49 28.50
C GLY A 220 32.50 9.29 29.18
N LYS A 221 31.78 8.71 30.15
CA LYS A 221 32.26 7.56 30.88
C LYS A 221 31.72 6.26 30.28
N ASN A 236 25.22 4.48 38.70
CA ASN A 236 24.74 5.52 39.60
C ASN A 236 23.21 5.61 39.53
N GLY A 237 22.71 6.74 39.03
CA GLY A 237 21.29 6.95 38.88
C GLY A 237 20.84 6.74 37.44
N ARG A 238 19.60 6.31 37.28
CA ARG A 238 19.03 6.01 35.98
C ARG A 238 17.79 6.87 35.74
N GLY A 239 17.69 7.39 34.53
CA GLY A 239 16.53 8.18 34.15
C GLY A 239 15.36 7.30 33.79
N LEU A 240 14.28 7.96 33.37
CA LEU A 240 13.05 7.25 33.04
C LEU A 240 13.03 6.73 31.62
N LYS A 241 13.72 7.39 30.69
CA LYS A 241 13.70 6.95 29.30
C LYS A 241 14.29 5.56 29.16
N ALA A 242 13.58 4.69 28.44
CA ALA A 242 14.03 3.33 28.26
C ALA A 242 13.38 2.75 27.01
N PHE A 243 14.11 1.88 26.33
CA PHE A 243 13.61 1.16 25.17
C PHE A 243 14.03 -0.29 25.30
N ASN A 244 13.05 -1.19 25.31
CA ASN A 244 13.31 -2.61 25.54
C ASN A 244 12.29 -3.42 24.77
N ALA A 245 12.42 -4.74 24.85
CA ALA A 245 11.56 -5.65 24.12
C ALA A 245 11.29 -6.89 24.96
N HIS A 246 10.24 -7.61 24.60
CA HIS A 246 9.91 -8.86 25.27
C HIS A 246 9.15 -9.74 24.29
N GLU A 247 9.38 -11.04 24.40
CA GLU A 247 8.80 -12.02 23.48
C GLU A 247 7.53 -12.60 24.06
N VAL A 248 6.47 -12.64 23.25
CA VAL A 248 5.20 -13.22 23.65
C VAL A 248 4.77 -14.24 22.61
N VAL A 249 3.95 -15.18 23.04
CA VAL A 249 3.37 -16.16 22.13
C VAL A 249 2.13 -15.55 21.48
N ILE A 250 2.10 -15.55 20.15
CA ILE A 250 1.08 -14.81 19.42
C ILE A 250 -0.31 -15.29 19.81
N ALA A 251 -1.29 -14.40 19.62
CA ALA A 251 -2.66 -14.67 19.99
C ALA A 251 -3.32 -15.61 18.99
N GLY A 252 -4.26 -16.42 19.50
CA GLY A 252 -5.02 -17.33 18.69
C GLY A 252 -4.54 -18.77 18.72
N VAL A 253 -3.31 -19.01 19.14
CA VAL A 253 -2.76 -20.36 19.16
C VAL A 253 -3.54 -21.22 20.16
N LYS A 254 -3.79 -22.46 19.80
CA LYS A 254 -4.51 -23.38 20.66
C LYS A 254 -3.55 -24.14 21.55
N TRP A 255 -3.98 -24.41 22.79
CA TRP A 255 -3.19 -25.11 23.77
C TRP A 255 -3.98 -26.28 24.32
N LEU A 256 -3.27 -27.30 24.80
CA LEU A 256 -3.88 -28.44 25.46
C LEU A 256 -3.37 -28.50 26.89
N TRP A 257 -4.29 -28.50 27.84
CA TRP A 257 -3.97 -28.58 29.26
C TRP A 257 -4.48 -29.89 29.82
N ARG A 258 -3.60 -30.64 30.47
CA ARG A 258 -3.94 -31.94 31.04
C ARG A 258 -3.84 -31.86 32.55
N ILE A 259 -4.92 -32.26 33.22
CA ILE A 259 -4.98 -32.33 34.68
C ILE A 259 -5.34 -33.76 35.05
N ASN A 260 -4.67 -34.28 36.08
CA ASN A 260 -4.94 -35.64 36.53
C ASN A 260 -5.03 -35.66 38.05
N VAL A 261 -5.79 -36.64 38.54
CA VAL A 261 -5.97 -36.87 39.97
C VAL A 261 -5.82 -38.37 40.24
N ASP A 262 -5.23 -38.70 41.38
CA ASP A 262 -4.89 -40.10 41.64
C ASP A 262 -6.10 -40.91 42.06
N ARG A 263 -6.84 -40.44 43.08
CA ARG A 263 -8.03 -41.13 43.58
C ARG A 263 -8.99 -40.09 44.13
N PRO A 264 -9.69 -39.37 43.25
CA PRO A 264 -10.47 -38.22 43.69
C PRO A 264 -11.76 -38.62 44.36
N SER A 265 -12.18 -37.81 45.33
CA SER A 265 -13.55 -37.87 45.77
C SER A 265 -14.43 -37.05 44.82
N GLU A 266 -15.73 -37.14 45.01
CA GLU A 266 -16.64 -36.34 44.18
C GLU A 266 -16.45 -34.85 44.45
N SER A 267 -16.14 -34.49 45.70
CA SER A 267 -15.96 -33.08 46.04
C SER A 267 -14.79 -32.47 45.29
N GLN A 268 -13.67 -33.19 45.19
CA GLN A 268 -12.50 -32.63 44.54
C GLN A 268 -12.70 -32.46 43.05
N ILE A 269 -13.34 -33.44 42.40
CA ILE A 269 -13.66 -33.30 40.98
C ILE A 269 -14.64 -32.15 40.77
N GLY A 270 -15.61 -32.00 41.67
CA GLY A 270 -16.54 -30.89 41.57
C GLY A 270 -15.84 -29.54 41.71
N LEU A 271 -14.87 -29.46 42.62
CA LEU A 271 -14.09 -28.23 42.76
C LEU A 271 -13.28 -27.95 41.50
N ILE A 272 -12.71 -28.99 40.90
CA ILE A 272 -11.98 -28.82 39.65
C ILE A 272 -12.89 -28.27 38.58
N LEU A 273 -14.11 -28.81 38.47
CA LEU A 273 -15.03 -28.37 37.44
C LEU A 273 -15.52 -26.94 37.72
N LEU A 274 -15.72 -26.59 38.98
CA LEU A 274 -16.08 -25.21 39.32
C LEU A 274 -14.98 -24.24 38.93
N ALA A 275 -13.72 -24.59 39.22
CA ALA A 275 -12.61 -23.76 38.82
C ALA A 275 -12.54 -23.63 37.31
N LEU A 276 -12.80 -24.73 36.60
CA LEU A 276 -12.81 -24.68 35.13
C LEU A 276 -13.90 -23.75 34.62
N ASN A 277 -15.08 -23.79 35.25
CA ASN A 277 -16.14 -22.86 34.88
C ASN A 277 -15.70 -21.42 35.12
N LYS A 278 -14.96 -21.18 36.20
CA LYS A 278 -14.52 -19.83 36.55
C LYS A 278 -13.09 -19.53 36.12
N LEU A 279 -12.49 -20.38 35.29
CA LEU A 279 -11.07 -20.22 34.97
C LEU A 279 -10.84 -19.09 33.99
N ALA A 280 -11.77 -18.88 33.05
CA ALA A 280 -11.55 -17.89 32.01
C ALA A 280 -11.49 -16.47 32.56
N ASN A 281 -11.98 -16.25 33.78
CA ASN A 281 -11.90 -14.92 34.38
C ASN A 281 -10.49 -14.54 34.76
N GLN A 282 -9.56 -15.49 34.79
CA GLN A 282 -8.19 -15.24 35.19
C GLN A 282 -7.30 -15.14 33.95
N ARG A 283 -6.04 -14.78 34.19
CA ARG A 283 -5.02 -14.69 33.16
C ARG A 283 -4.05 -15.85 33.28
N ILE A 284 -3.27 -16.05 32.23
CA ILE A 284 -2.24 -17.09 32.19
C ILE A 284 -0.88 -16.41 32.09
N ALA A 285 0.03 -16.80 32.98
CA ALA A 285 1.41 -16.30 33.01
C ALA A 285 1.35 -14.80 33.36
N GLY A 286 2.20 -13.98 32.77
CA GLY A 286 2.31 -12.58 33.14
C GLY A 286 1.90 -11.66 32.00
N GLY A 287 1.93 -10.37 32.31
CA GLY A 287 1.48 -9.36 31.37
C GLY A 287 0.12 -8.81 31.75
N HIS A 288 -0.10 -8.66 33.06
CA HIS A 288 -1.36 -8.15 33.55
C HIS A 288 -1.62 -6.73 33.06
N ALA A 289 -0.58 -5.90 33.03
CA ALA A 289 -0.73 -4.53 32.58
C ALA A 289 -1.16 -4.46 31.12
N LYS A 290 -0.59 -5.32 30.28
CA LYS A 290 -0.88 -5.34 28.86
C LYS A 290 -2.04 -6.26 28.50
N ASP A 291 -2.69 -6.86 29.50
CA ASP A 291 -3.79 -7.79 29.28
C ASP A 291 -3.32 -9.01 28.50
N TYR A 292 -2.28 -9.65 29.01
CA TYR A 292 -1.71 -10.86 28.41
C TYR A 292 -2.24 -12.09 29.12
N GLY A 293 -2.54 -13.13 28.36
CA GLY A 293 -3.00 -14.38 28.92
C GLY A 293 -4.49 -14.62 28.87
N ARG A 294 -5.26 -13.74 28.23
CA ARG A 294 -6.68 -13.96 28.10
C ARG A 294 -6.96 -15.14 27.17
N PHE A 295 -7.98 -15.92 27.50
CA PHE A 295 -8.26 -17.13 26.75
C PHE A 295 -9.72 -17.51 26.92
N VAL A 296 -10.12 -18.53 26.18
CA VAL A 296 -11.47 -19.10 26.25
C VAL A 296 -11.35 -20.62 26.23
N ILE A 297 -12.07 -21.29 27.13
CA ILE A 297 -12.09 -22.74 27.15
C ILE A 297 -12.92 -23.23 25.98
N GLU A 298 -12.36 -24.14 25.19
CA GLU A 298 -13.06 -24.68 24.03
C GLU A 298 -13.55 -26.10 24.22
N ASP A 299 -12.93 -26.88 25.10
CA ASP A 299 -13.35 -28.26 25.32
C ASP A 299 -12.74 -28.76 26.62
N VAL A 300 -13.58 -29.33 27.47
CA VAL A 300 -13.13 -30.04 28.67
C VAL A 300 -13.54 -31.50 28.51
N ILE A 301 -12.58 -32.40 28.58
CA ILE A 301 -12.80 -33.82 28.36
C ILE A 301 -12.53 -34.55 29.66
N LEU A 302 -13.54 -35.25 30.18
CA LEU A 302 -13.47 -35.96 31.45
C LEU A 302 -13.42 -37.46 31.16
N ASP A 303 -12.21 -38.01 31.12
CA ASP A 303 -11.99 -39.43 30.86
C ASP A 303 -12.60 -39.85 29.52
N GLY A 304 -12.32 -39.08 28.48
CA GLY A 304 -12.71 -39.43 27.14
C GLY A 304 -14.04 -38.89 26.68
N GLU A 305 -14.83 -38.29 27.56
CA GLU A 305 -16.12 -37.73 27.20
C GLU A 305 -16.07 -36.21 27.33
N SER A 306 -16.71 -35.52 26.40
CA SER A 306 -16.73 -34.07 26.40
C SER A 306 -17.82 -33.57 27.33
N VAL A 307 -17.42 -32.80 28.35
CA VAL A 307 -18.34 -32.29 29.34
C VAL A 307 -18.49 -30.77 29.23
N TRP A 308 -18.08 -30.19 28.12
CA TRP A 308 -18.11 -28.75 27.94
C TRP A 308 -19.30 -28.35 27.07
N THR A 309 -20.10 -27.44 27.56
CA THR A 309 -21.21 -26.81 26.84
C THR A 309 -20.92 -25.33 26.68
N PRO A 310 -21.68 -24.63 25.83
CA PRO A 310 -21.46 -23.18 25.69
C PRO A 310 -21.60 -22.42 27.00
N SER A 311 -22.45 -22.89 27.92
CA SER A 311 -22.65 -22.25 29.20
C SER A 311 -21.71 -22.75 30.29
N GLY A 312 -20.68 -23.50 29.91
CA GLY A 312 -19.74 -24.04 30.87
C GLY A 312 -19.93 -25.54 31.04
N VAL A 313 -19.14 -26.10 31.95
CA VAL A 313 -19.21 -27.52 32.25
C VAL A 313 -20.57 -27.82 32.86
N SER A 314 -21.38 -28.62 32.16
CA SER A 314 -22.71 -28.97 32.63
C SER A 314 -23.09 -30.32 32.04
N GLY A 315 -24.32 -30.72 32.25
CA GLY A 315 -24.83 -32.00 31.79
C GLY A 315 -25.09 -32.97 32.93
N GLN A 316 -25.72 -34.08 32.57
CA GLN A 316 -26.03 -35.10 33.57
C GLN A 316 -24.78 -35.84 34.01
N ALA A 317 -23.79 -35.97 33.12
CA ALA A 317 -22.59 -36.74 33.44
C ALA A 317 -21.73 -36.08 34.51
N THR A 318 -21.94 -34.79 34.79
CA THR A 318 -21.17 -34.08 35.80
C THR A 318 -22.06 -33.51 36.91
N GLU A 319 -23.28 -34.04 37.04
CA GLU A 319 -24.19 -33.51 38.05
C GLU A 319 -23.85 -33.96 39.46
N GLN A 320 -23.31 -35.18 39.61
CA GLN A 320 -22.98 -35.66 40.95
C GLN A 320 -21.83 -34.86 41.56
N PHE A 321 -20.83 -34.51 40.75
CA PHE A 321 -19.70 -33.76 41.27
C PHE A 321 -20.12 -32.39 41.76
N PHE A 322 -21.00 -31.72 41.02
CA PHE A 322 -21.43 -30.39 41.41
C PHE A 322 -22.23 -30.43 42.71
N ASP A 323 -23.13 -31.41 42.86
CA ASP A 323 -23.87 -31.54 44.11
C ASP A 323 -22.94 -31.84 45.28
N ALA A 324 -21.97 -32.73 45.07
CA ALA A 324 -21.05 -33.08 46.14
C ALA A 324 -20.20 -31.88 46.56
N ILE A 325 -19.70 -31.11 45.59
CA ILE A 325 -18.88 -29.96 45.95
C ILE A 325 -19.73 -28.87 46.58
N ALA A 326 -20.99 -28.71 46.16
CA ALA A 326 -21.87 -27.75 46.82
C ALA A 326 -22.09 -28.13 48.28
N GLU A 327 -22.33 -29.42 48.54
CA GLU A 327 -22.49 -29.87 49.92
C GLU A 327 -21.22 -29.66 50.71
N ALA A 328 -20.06 -29.94 50.12
CA ALA A 328 -18.80 -29.75 50.83
C ALA A 328 -18.55 -28.28 51.14
N LEU A 329 -18.87 -27.40 50.19
CA LEU A 329 -18.71 -25.96 50.40
C LEU A 329 -19.63 -25.45 51.50
N ASP A 330 -20.88 -25.93 51.52
CA ASP A 330 -21.82 -25.49 52.54
C ASP A 330 -21.35 -25.90 53.94
N GLY A 331 -20.76 -27.08 54.07
CA GLY A 331 -20.26 -27.54 55.34
C GLY A 331 -18.79 -27.24 55.55
N MET A 332 -18.24 -26.31 54.79
CA MET A 332 -16.83 -25.95 54.90
C MET A 332 -16.62 -25.01 56.07
N THR A 333 -15.62 -25.30 56.89
CA THR A 333 -15.28 -24.48 58.04
C THR A 333 -13.78 -24.21 58.06
N SER A 334 -13.40 -23.08 58.64
CA SER A 334 -12.00 -22.72 58.73
C SER A 334 -11.21 -23.68 59.61
N SER A 335 -11.90 -24.42 60.50
CA SER A 335 -11.19 -25.35 61.37
C SER A 335 -10.50 -26.44 60.58
N GLU A 336 -11.07 -26.85 59.45
CA GLU A 336 -10.39 -27.82 58.60
C GLU A 336 -9.07 -27.27 58.08
N PHE A 337 -9.07 -26.01 57.65
CA PHE A 337 -7.83 -25.37 57.21
C PHE A 337 -6.83 -25.26 58.34
N GLU A 338 -7.29 -24.90 59.54
CA GLU A 338 -6.39 -24.79 60.68
C GLU A 338 -5.76 -26.13 61.03
N GLN A 339 -6.57 -27.20 61.00
CA GLN A 339 -6.05 -28.53 61.29
C GLN A 339 -5.07 -28.99 60.23
N PHE A 340 -5.36 -28.71 58.96
CA PHE A 340 -4.43 -29.08 57.90
C PHE A 340 -3.11 -28.34 58.04
N ALA A 341 -3.18 -27.05 58.39
CA ALA A 341 -1.97 -26.27 58.63
C ALA A 341 -1.28 -26.64 59.94
N ALA A 342 -1.91 -27.49 60.75
CA ALA A 342 -1.36 -27.91 62.04
C ALA A 342 -1.04 -26.73 62.93
N SER A 343 -1.97 -25.77 62.99
CA SER A 343 -1.79 -24.58 63.80
C SER A 343 -2.74 -24.56 64.99
N MET B 1 -14.24 -6.15 35.68
CA MET B 1 -15.19 -5.63 34.70
C MET B 1 -14.56 -5.52 33.32
N GLN B 2 -15.33 -5.89 32.30
CA GLN B 2 -14.86 -5.91 30.92
C GLN B 2 -15.50 -4.75 30.16
N ILE B 3 -14.66 -3.88 29.61
CA ILE B 3 -15.10 -2.75 28.81
C ILE B 3 -14.61 -2.96 27.39
N GLU B 4 -15.52 -2.98 26.43
CA GLU B 4 -15.18 -3.07 25.03
C GLU B 4 -15.59 -1.78 24.35
N VAL B 5 -14.63 -1.11 23.71
CA VAL B 5 -14.83 0.19 23.09
C VAL B 5 -14.63 0.04 21.60
N LEU B 6 -15.60 0.53 20.82
CA LEU B 6 -15.55 0.47 19.37
C LEU B 6 -15.08 1.81 18.83
N ILE B 7 -14.06 1.78 17.98
CA ILE B 7 -13.36 2.99 17.53
C ILE B 7 -13.30 2.98 16.01
N ARG B 8 -13.64 4.12 15.41
CA ARG B 8 -13.47 4.33 13.98
C ARG B 8 -12.52 5.50 13.77
N ASN B 9 -11.46 5.29 12.99
CA ASN B 9 -10.43 6.30 12.81
C ASN B 9 -10.82 7.23 11.67
N ILE B 10 -10.99 8.51 11.99
CA ILE B 10 -11.30 9.51 10.97
C ILE B 10 -10.09 9.71 10.06
N THR B 11 -8.92 9.87 10.65
CA THR B 11 -7.67 10.04 9.94
C THR B 11 -6.84 8.78 10.04
N PRO B 12 -5.89 8.57 9.12
CA PRO B 12 -5.05 7.37 9.19
C PRO B 12 -4.28 7.30 10.50
N ILE B 13 -4.11 6.06 10.98
CA ILE B 13 -3.42 5.79 12.23
C ILE B 13 -2.02 5.32 11.90
N PHE B 14 -1.01 5.96 12.49
CA PHE B 14 0.39 5.65 12.22
C PHE B 14 1.09 5.33 13.54
N SER B 15 1.44 4.06 13.72
CA SER B 15 2.23 3.61 14.85
C SER B 15 3.52 3.04 14.29
N ALA B 16 4.63 3.72 14.52
CA ALA B 16 5.89 3.35 13.90
C ALA B 16 6.39 2.02 14.46
N ALA B 17 6.77 1.12 13.57
CA ALA B 17 7.36 -0.15 13.97
C ALA B 17 8.87 0.00 14.01
N PRO B 18 9.53 -0.26 15.14
CA PRO B 18 10.99 -0.08 15.21
C PRO B 18 11.70 -1.03 14.25
N GLY B 19 12.78 -0.53 13.67
CA GLY B 19 13.54 -1.31 12.71
C GLY B 19 13.57 -0.67 11.34
N SER B 20 14.66 -0.85 10.61
CA SER B 20 14.81 -0.24 9.31
C SER B 20 14.17 -1.10 8.23
N TYR B 21 13.30 -0.48 7.44
CA TYR B 21 12.70 -1.12 6.28
C TYR B 21 12.92 -0.23 5.07
N TYR B 22 12.87 -0.83 3.89
CA TYR B 22 13.06 -0.11 2.64
C TYR B 22 11.95 -0.47 1.67
N VAL B 23 11.58 0.50 0.85
CA VAL B 23 10.54 0.32 -0.17
C VAL B 23 10.99 0.98 -1.45
N SER B 24 10.54 0.45 -2.58
CA SER B 24 10.83 1.03 -3.87
C SER B 24 9.72 2.00 -4.26
N LEU B 25 9.95 2.73 -5.35
CA LEU B 25 8.94 3.69 -5.82
C LEU B 25 7.65 2.98 -6.19
N ASP B 26 7.74 1.75 -6.70
CA ASP B 26 6.54 1.00 -7.07
C ASP B 26 5.68 0.69 -5.85
N GLY B 27 6.32 0.33 -4.74
CA GLY B 27 5.60 0.01 -3.52
C GLY B 27 5.89 -1.38 -3.00
N THR B 28 7.03 -1.94 -3.37
CA THR B 28 7.43 -3.27 -2.94
C THR B 28 8.37 -3.16 -1.74
N ILE B 29 7.98 -3.76 -0.63
CA ILE B 29 8.74 -3.65 0.62
C ILE B 29 10.00 -4.51 0.52
N ASN B 30 11.12 -3.95 0.99
CA ASN B 30 12.43 -4.59 0.94
C ASN B 30 12.71 -5.05 -0.49
N PRO B 31 12.92 -4.12 -1.42
CA PRO B 31 13.01 -4.48 -2.83
C PRO B 31 14.32 -5.18 -3.13
N PRO B 32 14.44 -5.80 -4.31
CA PRO B 32 15.74 -6.32 -4.73
C PRO B 32 16.76 -5.20 -4.84
N GLN B 33 18.02 -5.55 -4.56
CA GLN B 33 19.08 -4.54 -4.52
C GLN B 33 19.29 -3.86 -5.87
N GLY B 34 18.81 -4.44 -6.95
CA GLY B 34 18.99 -3.82 -8.26
C GLY B 34 18.28 -2.49 -8.39
N ALA B 35 17.05 -2.41 -7.89
CA ALA B 35 16.26 -1.19 -7.99
C ALA B 35 16.64 -0.22 -6.87
N SER B 36 16.09 0.98 -6.96
CA SER B 36 16.31 2.01 -5.95
C SER B 36 15.39 1.76 -4.76
N ARG B 37 15.95 1.87 -3.56
CA ARG B 37 15.21 1.62 -2.33
C ARG B 37 15.18 2.89 -1.47
N PHE B 38 14.06 3.11 -0.80
CA PHE B 38 13.88 4.28 0.03
C PHE B 38 13.49 3.85 1.43
N PRO B 39 13.97 4.55 2.46
CA PRO B 39 13.64 4.16 3.83
C PRO B 39 12.13 4.22 4.07
N LEU B 40 11.63 3.25 4.82
CA LEU B 40 10.21 3.12 5.08
C LEU B 40 9.99 2.80 6.55
N THR B 41 9.14 3.57 7.21
CA THR B 41 8.77 3.32 8.60
C THR B 41 7.40 2.64 8.58
N ARG B 42 7.41 1.33 8.75
CA ARG B 42 6.19 0.56 8.63
C ARG B 42 5.29 0.71 9.85
N ALA B 43 3.99 0.59 9.64
CA ALA B 43 3.06 0.55 10.75
C ALA B 43 3.27 -0.73 11.56
N ARG B 44 3.14 -0.61 12.87
CA ARG B 44 3.34 -1.77 13.72
C ARG B 44 2.30 -2.84 13.42
N THR B 45 2.76 -4.08 13.32
CA THR B 45 1.89 -5.22 13.06
C THR B 45 2.14 -6.28 14.12
N MET B 46 1.07 -6.95 14.53
CA MET B 46 1.15 -8.08 15.44
C MET B 46 0.79 -9.36 14.69
N THR B 47 1.67 -10.35 14.77
CA THR B 47 1.37 -11.66 14.20
C THR B 47 0.24 -12.31 14.99
N VAL B 48 -0.80 -12.75 14.28
CA VAL B 48 -1.94 -13.41 14.90
C VAL B 48 -2.30 -14.64 14.09
N VAL B 49 -2.97 -15.57 14.75
CA VAL B 49 -3.44 -16.79 14.10
C VAL B 49 -4.86 -16.55 13.61
N ALA B 50 -5.05 -16.65 12.30
CA ALA B 50 -6.34 -16.37 11.69
C ALA B 50 -6.82 -17.59 10.91
N GLU B 51 -8.11 -17.89 11.06
CA GLU B 51 -8.76 -18.94 10.28
C GLU B 51 -9.34 -18.30 9.03
N THR B 52 -8.59 -18.40 7.92
CA THR B 52 -9.06 -17.83 6.66
C THR B 52 -10.16 -18.72 6.07
N GLY B 53 -10.61 -18.36 4.86
CA GLY B 53 -11.64 -19.12 4.20
C GLY B 53 -11.24 -20.54 3.85
N ASP B 54 -9.94 -20.83 3.86
CA ASP B 54 -9.47 -22.19 3.57
C ASP B 54 -9.78 -23.16 4.70
N GLY B 55 -10.11 -22.65 5.89
CA GLY B 55 -10.41 -23.49 7.03
C GLY B 55 -9.21 -23.84 7.89
N VAL B 56 -8.00 -23.66 7.38
CA VAL B 56 -6.80 -23.90 8.17
C VAL B 56 -6.43 -22.62 8.90
N ALA B 57 -5.66 -22.77 9.97
CA ALA B 57 -5.23 -21.65 10.78
C ALA B 57 -3.75 -21.36 10.50
N LYS B 58 -3.45 -20.11 10.16
CA LYS B 58 -2.10 -19.71 9.85
C LYS B 58 -1.78 -18.38 10.54
N ALA B 59 -0.50 -18.16 10.80
CA ALA B 59 -0.05 -16.93 11.43
C ALA B 59 0.03 -15.83 10.38
N VAL B 60 -0.67 -14.72 10.64
CA VAL B 60 -0.68 -13.60 9.70
C VAL B 60 -0.37 -12.32 10.45
N PRO B 61 0.26 -11.33 9.82
CA PRO B 61 0.48 -10.05 10.48
C PRO B 61 -0.75 -9.17 10.42
N LEU B 62 -1.02 -8.48 11.53
CA LEU B 62 -2.20 -7.64 11.67
C LEU B 62 -1.77 -6.26 12.15
N PRO B 63 -2.09 -5.20 11.41
CA PRO B 63 -1.71 -3.85 11.86
C PRO B 63 -2.54 -3.44 13.07
N ILE B 64 -1.86 -3.15 14.17
CA ILE B 64 -2.51 -2.85 15.44
C ILE B 64 -1.87 -1.60 16.04
N VAL B 65 -2.38 -1.22 17.21
CA VAL B 65 -1.78 -0.20 18.05
C VAL B 65 -1.42 -0.85 19.38
N PRO B 66 -0.21 -0.66 19.89
CA PRO B 66 0.22 -1.43 21.07
C PRO B 66 -0.66 -1.16 22.28
N GLY B 67 -0.75 -2.18 23.14
CA GLY B 67 -1.47 -2.01 24.39
C GLY B 67 -0.81 -1.01 25.32
N ASN B 68 0.52 -0.90 25.26
CA ASN B 68 1.20 0.12 26.04
C ASN B 68 0.84 1.52 25.58
N THR B 69 0.75 1.72 24.26
CA THR B 69 0.35 3.02 23.74
C THR B 69 -1.07 3.38 24.19
N MET B 70 -1.99 2.42 24.12
CA MET B 70 -3.36 2.68 24.55
C MET B 70 -3.43 2.91 26.06
N ARG B 71 -2.62 2.19 26.83
CA ARG B 71 -2.57 2.41 28.27
C ARG B 71 -2.10 3.81 28.60
N ASN B 72 -1.04 4.27 27.92
CA ASN B 72 -0.56 5.63 28.14
C ASN B 72 -1.56 6.65 27.65
N LEU B 73 -2.29 6.36 26.57
CA LEU B 73 -3.34 7.26 26.12
C LEU B 73 -4.42 7.42 27.18
N LEU B 74 -4.85 6.30 27.76
CA LEU B 74 -5.85 6.35 28.82
C LEU B 74 -5.32 7.11 30.03
N ARG B 75 -4.08 6.83 30.43
CA ARG B 75 -3.51 7.50 31.59
C ARG B 75 -3.37 8.99 31.37
N ARG B 76 -2.92 9.39 30.18
CA ARG B 76 -2.76 10.81 29.87
C ARG B 76 -4.10 11.52 29.83
N THR B 77 -5.13 10.88 29.26
CA THR B 77 -6.46 11.46 29.28
C THR B 77 -6.94 11.66 30.71
N MET B 78 -6.88 10.59 31.51
CA MET B 78 -7.27 10.64 32.92
C MET B 78 -6.59 11.79 33.64
N LEU B 79 -5.26 11.87 33.54
CA LEU B 79 -4.53 12.92 34.25
C LEU B 79 -4.90 14.30 33.72
N LYS B 80 -4.65 14.53 32.42
CA LYS B 80 -4.78 15.87 31.86
C LYS B 80 -6.21 16.41 31.90
N ASP B 81 -7.22 15.53 31.99
CA ASP B 81 -8.58 15.99 31.86
C ASP B 81 -9.47 15.74 33.06
N VAL B 82 -9.06 14.90 34.02
CA VAL B 82 -9.92 14.61 35.16
C VAL B 82 -9.18 14.88 36.46
N ILE B 83 -8.01 14.27 36.64
CA ILE B 83 -7.30 14.34 37.91
C ILE B 83 -6.66 15.71 38.09
N GLU B 84 -5.87 16.15 37.11
CA GLU B 84 -5.20 17.43 37.22
C GLU B 84 -6.16 18.61 37.34
N PRO B 85 -7.27 18.68 36.59
CA PRO B 85 -8.24 19.76 36.86
C PRO B 85 -8.73 19.77 38.29
N ALA B 86 -8.98 18.61 38.89
CA ALA B 86 -9.41 18.58 40.28
C ALA B 86 -8.32 19.06 41.22
N LEU B 87 -7.08 18.62 40.99
CA LEU B 87 -5.97 19.04 41.84
C LEU B 87 -5.75 20.54 41.75
N ARG B 88 -5.88 21.12 40.55
CA ARG B 88 -5.72 22.56 40.41
C ARG B 88 -6.92 23.32 40.96
N ASP B 89 -8.12 22.73 40.88
CA ASP B 89 -9.29 23.36 41.45
C ASP B 89 -9.18 23.46 42.96
N LYS B 90 -8.63 22.43 43.60
CA LYS B 90 -8.38 22.47 45.04
C LYS B 90 -7.00 23.00 45.38
N SER B 91 -6.29 23.55 44.39
CA SER B 91 -4.95 24.13 44.59
C SER B 91 -3.98 23.12 45.19
N ALA B 92 -3.94 21.94 44.59
CA ALA B 92 -3.06 20.86 45.03
C ALA B 92 -1.86 20.79 44.09
N GLN B 93 -0.66 20.85 44.67
CA GLN B 93 0.58 20.85 43.91
C GLN B 93 1.30 19.52 44.13
N LEU B 94 1.63 18.85 43.03
CA LEU B 94 2.43 17.65 43.09
C LEU B 94 3.91 18.00 42.99
N SER B 95 4.75 17.21 43.65
CA SER B 95 6.17 17.35 43.44
C SER B 95 6.54 16.82 42.05
N ILE B 96 7.75 17.13 41.63
CA ILE B 96 8.21 16.65 40.32
C ILE B 96 8.26 15.13 40.30
N GLY B 97 8.65 14.52 41.42
CA GLY B 97 8.66 13.08 41.51
C GLY B 97 7.27 12.47 41.46
N ALA B 98 6.32 13.07 42.18
CA ALA B 98 4.94 12.59 42.12
C ALA B 98 4.37 12.77 40.73
N TYR B 99 4.71 13.87 40.06
CA TYR B 99 4.26 14.09 38.69
C TYR B 99 4.79 13.00 37.76
N ALA B 100 6.11 12.74 37.84
CA ALA B 100 6.69 11.72 36.98
C ALA B 100 6.16 10.33 37.30
N THR B 101 5.82 10.07 38.57
CA THR B 101 5.26 8.79 38.93
C THR B 101 3.84 8.64 38.40
N ALA B 102 3.05 9.71 38.46
CA ALA B 102 1.69 9.65 37.93
C ALA B 102 1.69 9.51 36.41
N TYR B 103 2.67 10.10 35.73
CA TYR B 103 2.67 10.07 34.28
C TYR B 103 3.50 8.94 33.67
N ALA B 104 4.35 8.27 34.44
CA ALA B 104 5.18 7.22 33.87
C ALA B 104 5.31 6.01 34.79
N GLY B 105 4.59 5.97 35.91
CA GLY B 105 4.61 4.84 36.82
C GLY B 105 5.67 4.90 37.89
N ASN B 106 6.87 5.38 37.55
CA ASN B 106 7.98 5.44 38.48
C ASN B 106 8.72 6.76 38.30
N SER B 107 9.32 7.24 39.39
CA SER B 107 10.03 8.51 39.39
C SER B 107 11.48 8.39 38.95
N SER B 108 11.98 7.17 38.74
CA SER B 108 13.34 6.94 38.26
C SER B 108 13.39 5.54 37.65
N GLY B 109 14.57 5.12 37.24
CA GLY B 109 14.76 3.81 36.67
C GLY B 109 15.16 2.73 37.65
N ASN B 110 15.29 3.05 38.93
CA ASN B 110 15.73 2.10 39.95
C ASN B 110 14.61 1.82 40.93
N PRO B 111 13.96 0.66 40.85
CA PRO B 111 12.96 0.31 41.86
C PRO B 111 13.59 0.15 43.23
N ASP B 112 12.81 0.43 44.26
CA ASP B 112 13.33 0.40 45.63
C ASP B 112 13.80 -0.99 46.03
N GLY B 113 13.01 -2.01 45.72
CA GLY B 113 13.32 -3.35 46.17
C GLY B 113 12.96 -3.64 47.61
N VAL B 114 12.25 -2.74 48.26
CA VAL B 114 11.78 -2.91 49.64
C VAL B 114 10.28 -3.14 49.57
N PRO B 115 9.71 -4.07 50.34
CA PRO B 115 8.27 -4.28 50.29
C PRO B 115 7.49 -3.10 50.86
N SER B 116 6.25 -2.96 50.40
CA SER B 116 5.32 -1.98 50.93
C SER B 116 4.52 -2.57 52.08
N SER B 117 4.10 -1.70 53.00
CA SER B 117 3.24 -2.15 54.08
C SER B 117 1.86 -2.49 53.54
N PHE B 118 1.18 -3.40 54.24
CA PHE B 118 -0.11 -3.90 53.76
C PHE B 118 -1.14 -2.79 53.67
N ASP B 119 -1.19 -1.91 54.68
CA ASP B 119 -2.14 -0.82 54.66
C ASP B 119 -1.84 0.16 53.52
N GLU B 120 -0.57 0.39 53.24
CA GLU B 120 -0.22 1.23 52.08
C GLU B 120 -0.71 0.61 50.78
N ILE B 121 -0.55 -0.70 50.64
CA ILE B 121 -1.02 -1.37 49.42
C ILE B 121 -2.53 -1.27 49.30
N VAL B 122 -3.25 -1.48 50.39
CA VAL B 122 -4.70 -1.37 50.35
C VAL B 122 -5.13 0.04 50.01
N THR B 123 -4.44 1.04 50.59
CA THR B 123 -4.78 2.43 50.32
C THR B 123 -4.55 2.79 48.87
N MET B 124 -3.41 2.38 48.30
CA MET B 124 -3.11 2.73 46.92
C MET B 124 -4.01 1.99 45.95
N ARG B 125 -4.27 0.70 46.19
CA ARG B 125 -5.08 -0.06 45.25
C ARG B 125 -6.55 0.30 45.31
N ALA B 126 -6.98 1.05 46.33
CA ALA B 126 -8.32 1.62 46.36
C ALA B 126 -8.36 3.05 45.84
N HIS B 127 -7.21 3.63 45.54
CA HIS B 127 -7.16 4.98 44.97
C HIS B 127 -7.78 4.98 43.58
N PRO B 128 -8.50 6.03 43.21
CA PRO B 128 -9.13 6.05 41.88
C PRO B 128 -8.15 5.94 40.73
N PHE B 129 -6.95 6.50 40.87
CA PHE B 129 -5.98 6.53 39.79
C PHE B 129 -4.80 5.57 40.02
N LEU B 130 -4.12 5.69 41.15
CA LEU B 130 -2.96 4.85 41.40
C LEU B 130 -3.36 3.39 41.53
N GLY B 131 -4.60 3.11 41.94
CA GLY B 131 -5.06 1.74 42.01
C GLY B 131 -5.16 1.09 40.65
N LEU B 132 -5.54 1.86 39.63
CA LEU B 132 -5.69 1.28 38.30
C LEU B 132 -4.35 0.97 37.66
N PHE B 133 -3.38 1.88 37.76
CA PHE B 133 -2.11 1.73 37.07
C PHE B 133 -1.00 1.17 37.95
N GLY B 134 -0.96 1.55 39.22
CA GLY B 134 0.07 1.00 40.09
C GLY B 134 1.45 1.52 39.71
N GLY B 135 2.46 0.69 39.98
CA GLY B 135 3.84 1.06 39.72
C GLY B 135 4.49 1.60 40.97
N GLY B 136 5.12 2.76 40.85
CA GLY B 136 5.81 3.37 41.96
C GLY B 136 7.16 2.73 42.19
N PRO B 137 7.96 3.31 43.10
CA PRO B 137 9.23 2.67 43.42
C PRO B 137 9.08 1.27 43.97
N ARG B 138 8.07 1.05 44.79
CA ARG B 138 7.68 -0.28 45.23
C ARG B 138 6.65 -0.77 44.22
N MET B 139 7.08 -1.59 43.28
CA MET B 139 6.29 -1.82 42.07
C MET B 139 5.01 -2.56 42.44
N LEU B 140 3.90 -1.81 42.45
CA LEU B 140 2.60 -2.29 42.88
C LEU B 140 1.80 -2.80 41.69
N GLN B 141 0.89 -3.72 41.97
CA GLN B 141 0.03 -4.32 40.94
C GLN B 141 -1.21 -3.47 40.76
N GLY B 142 -1.41 -2.95 39.56
CA GLY B 142 -2.59 -2.19 39.27
C GLY B 142 -3.77 -3.06 38.94
N ARG B 143 -4.93 -2.43 38.83
CA ARG B 143 -6.17 -3.12 38.50
C ARG B 143 -6.48 -3.11 37.02
N LEU B 144 -5.78 -2.31 36.22
CA LEU B 144 -6.16 -2.07 34.84
C LEU B 144 -5.50 -3.08 33.92
N MET B 145 -6.30 -3.92 33.27
CA MET B 145 -5.86 -4.79 32.20
C MET B 145 -6.31 -4.12 30.90
N VAL B 146 -5.36 -3.50 30.19
CA VAL B 146 -5.66 -2.77 28.96
C VAL B 146 -4.99 -3.48 27.80
N ASP B 147 -5.74 -3.68 26.73
CA ASP B 147 -5.31 -4.47 25.58
C ASP B 147 -4.94 -3.56 24.41
N SER B 148 -4.45 -4.20 23.35
CA SER B 148 -4.10 -3.49 22.14
C SER B 148 -5.35 -3.06 21.38
N LEU B 149 -5.13 -2.37 20.27
CA LEU B 149 -6.21 -1.92 19.39
C LEU B 149 -6.22 -2.81 18.16
N TYR B 150 -7.17 -3.74 18.12
CA TYR B 150 -7.25 -4.71 17.03
C TYR B 150 -8.29 -4.25 16.03
N PRO B 151 -7.93 -4.02 14.76
CA PRO B 151 -8.94 -3.67 13.76
C PRO B 151 -9.93 -4.81 13.57
N ILE B 152 -11.19 -4.45 13.38
CA ILE B 152 -12.19 -5.46 13.06
C ILE B 152 -11.94 -5.92 11.63
N HIS B 153 -11.33 -7.08 11.50
CA HIS B 153 -10.79 -7.55 10.24
C HIS B 153 -11.11 -9.03 10.11
N GLN B 154 -10.92 -9.56 8.90
CA GLN B 154 -11.04 -11.01 8.72
C GLN B 154 -9.94 -11.73 9.48
N PHE B 155 -8.79 -11.10 9.67
CA PHE B 155 -7.65 -11.72 10.32
C PHE B 155 -7.75 -11.70 11.85
N SER B 156 -8.64 -10.89 12.41
CA SER B 156 -8.79 -10.78 13.86
C SER B 156 -10.05 -11.48 14.36
N GLN B 157 -10.62 -12.39 13.57
CA GLN B 157 -11.86 -13.05 13.98
C GLN B 157 -11.62 -14.00 15.14
N ARG B 158 -10.50 -14.72 15.13
CA ARG B 158 -10.21 -15.65 16.22
C ARG B 158 -9.93 -14.95 17.54
N ILE B 159 -9.51 -13.69 17.49
CA ILE B 159 -9.17 -12.95 18.71
C ILE B 159 -10.42 -12.30 19.28
N ILE B 160 -11.01 -11.38 18.51
CA ILE B 160 -12.08 -10.54 19.04
C ILE B 160 -13.45 -11.20 18.94
N GLY B 161 -13.53 -12.42 18.43
CA GLY B 161 -14.80 -13.08 18.28
C GLY B 161 -15.49 -12.72 16.99
N SER B 162 -16.74 -13.19 16.87
CA SER B 162 -17.50 -13.03 15.64
C SER B 162 -18.77 -12.22 15.85
N ASP B 163 -18.83 -11.40 16.90
CA ASP B 163 -19.98 -10.55 17.12
C ASP B 163 -19.84 -9.16 16.52
N TYR B 164 -18.74 -8.91 15.80
CA TYR B 164 -18.53 -7.66 15.07
C TYR B 164 -18.26 -7.94 13.60
N ILE B 165 -18.80 -9.04 13.07
CA ILE B 165 -18.51 -9.44 11.70
C ILE B 165 -19.06 -8.42 10.71
N ASN B 166 -20.12 -7.69 11.07
CA ASN B 166 -20.70 -6.73 10.14
C ASN B 166 -19.76 -5.57 9.86
N ASP B 167 -18.85 -5.27 10.78
CA ASP B 167 -17.88 -4.20 10.58
C ASP B 167 -16.57 -4.69 9.99
N SER B 168 -16.46 -5.99 9.70
CA SER B 168 -15.22 -6.55 9.20
C SER B 168 -14.89 -6.03 7.81
N ILE B 169 -13.60 -5.85 7.55
CA ILE B 169 -13.09 -5.41 6.26
C ILE B 169 -12.13 -6.48 5.75
N LYS B 170 -12.30 -6.87 4.49
CA LYS B 170 -11.65 -8.07 3.98
C LYS B 170 -10.18 -7.83 3.63
N GLY B 171 -9.93 -6.92 2.69
CA GLY B 171 -8.61 -6.76 2.12
C GLY B 171 -7.64 -6.06 3.05
N GLY B 172 -6.48 -5.73 2.50
CA GLY B 172 -5.48 -5.00 3.26
C GLY B 172 -5.99 -3.63 3.65
N ILE B 173 -5.66 -3.22 4.87
CA ILE B 173 -6.11 -1.95 5.43
C ILE B 173 -4.94 -0.99 5.62
N THR B 174 -3.81 -1.28 4.98
CA THR B 174 -2.57 -0.54 5.21
C THR B 174 -2.15 0.16 3.93
N GLU B 175 -1.69 1.40 4.05
CA GLU B 175 -1.33 2.23 2.90
C GLU B 175 0.00 2.90 3.16
N ILE B 176 0.71 3.20 2.08
CA ILE B 176 2.05 3.79 2.14
C ILE B 176 1.98 5.24 1.69
N VAL B 177 2.55 6.14 2.49
CA VAL B 177 2.53 7.58 2.23
C VAL B 177 3.96 8.04 2.02
N TRP B 178 4.19 8.75 0.92
CA TRP B 178 5.51 9.23 0.58
C TRP B 178 5.70 10.66 1.08
N THR B 179 6.86 10.93 1.65
CA THR B 179 7.15 12.21 2.29
C THR B 179 8.43 12.77 1.72
N ARG B 180 8.46 14.09 1.53
CA ARG B 180 9.59 14.78 0.92
C ARG B 180 10.04 15.92 1.83
N ARG B 181 11.32 16.24 1.75
CA ARG B 181 11.87 17.45 2.36
C ARG B 181 12.70 18.20 1.33
N ASN B 182 12.60 19.51 1.36
CA ASN B 182 13.23 20.37 0.37
C ASN B 182 14.23 21.30 1.02
N ASP B 183 15.27 21.65 0.28
CA ASP B 183 16.23 22.65 0.73
C ASP B 183 15.65 24.03 0.43
N PRO B 184 15.33 24.82 1.46
CA PRO B 184 14.67 26.11 1.20
C PRO B 184 15.51 27.06 0.37
N ILE B 185 16.84 27.02 0.51
CA ILE B 185 17.70 27.94 -0.20
C ILE B 185 17.68 27.69 -1.70
N LEU B 186 17.24 26.51 -2.13
CA LEU B 186 17.16 26.19 -3.54
C LEU B 186 15.93 26.76 -4.21
N GLN B 187 14.94 27.22 -3.44
CA GLN B 187 13.75 27.85 -3.99
C GLN B 187 13.83 29.36 -4.03
N LEU B 188 14.96 29.94 -3.64
CA LEU B 188 15.16 31.38 -3.81
C LEU B 188 15.33 31.70 -5.28
N GLY B 189 14.65 32.74 -5.74
CA GLY B 189 14.70 33.08 -7.15
C GLY B 189 14.89 34.55 -7.44
N SER B 190 14.86 35.38 -6.40
CA SER B 190 15.02 36.82 -6.54
C SER B 190 15.84 37.33 -5.38
N PRO B 191 16.52 38.47 -5.54
CA PRO B 191 17.19 39.08 -4.39
C PRO B 191 16.25 39.48 -3.27
N ASP B 192 14.95 39.66 -3.57
CA ASP B 192 13.99 39.99 -2.53
C ASP B 192 13.84 38.84 -1.54
N ASP B 193 13.81 37.60 -2.04
CA ASP B 193 13.65 36.45 -1.15
C ASP B 193 14.87 36.29 -0.24
N ALA B 194 16.06 36.60 -0.74
CA ALA B 194 17.28 36.49 0.03
C ALA B 194 17.58 37.76 0.83
N ALA B 195 16.70 38.77 0.78
CA ALA B 195 16.94 40.00 1.52
C ALA B 195 16.83 39.77 3.02
N VAL B 196 15.92 38.90 3.45
CA VAL B 196 15.77 38.61 4.87
C VAL B 196 16.94 37.79 5.40
N ILE B 197 17.67 37.12 4.52
CA ILE B 197 18.81 36.31 4.94
C ILE B 197 20.00 37.21 5.17
N GLU B 198 20.61 37.09 6.35
CA GLU B 198 21.83 37.83 6.64
C GLU B 198 22.93 37.40 5.68
N GLY B 199 23.60 38.38 5.08
CA GLY B 199 24.55 38.14 4.01
C GLY B 199 23.90 38.11 2.65
N GLY B 200 22.74 37.44 2.54
CA GLY B 200 21.95 37.47 1.33
C GLY B 200 22.43 36.56 0.22
N ALA B 201 22.72 37.17 -0.93
CA ALA B 201 23.13 36.38 -2.09
C ALA B 201 24.45 35.66 -1.83
N GLN B 202 25.37 36.30 -1.11
CA GLN B 202 26.63 35.64 -0.78
C GLN B 202 26.40 34.40 0.09
N ALA B 203 25.54 34.53 1.10
CA ALA B 203 25.24 33.38 1.96
C ALA B 203 24.55 32.28 1.17
N ALA B 204 23.61 32.63 0.30
CA ALA B 204 22.94 31.62 -0.52
C ALA B 204 23.92 30.92 -1.45
N ASN B 205 24.83 31.67 -2.06
CA ASN B 205 25.82 31.07 -2.94
C ASN B 205 26.74 30.14 -2.17
N ASP B 206 27.15 30.54 -0.96
CA ASP B 206 28.00 29.67 -0.15
C ASP B 206 27.27 28.39 0.22
N TRP B 207 26.00 28.51 0.61
CA TRP B 207 25.21 27.33 0.95
C TRP B 207 25.09 26.39 -0.24
N ILE B 208 24.80 26.94 -1.42
CA ILE B 208 24.61 26.10 -2.60
C ILE B 208 25.92 25.46 -3.04
N THR B 209 27.03 26.20 -2.93
CA THR B 209 28.33 25.62 -3.28
C THR B 209 28.69 24.49 -2.33
N SER B 210 28.45 24.68 -1.04
CA SER B 210 28.71 23.60 -0.08
C SER B 210 27.82 22.39 -0.37
N LEU B 211 26.56 22.64 -0.71
CA LEU B 211 25.65 21.55 -1.04
C LEU B 211 26.15 20.77 -2.26
N LEU B 212 26.58 21.49 -3.31
CA LEU B 212 27.07 20.83 -4.50
C LEU B 212 28.33 20.01 -4.21
N ALA B 213 29.26 20.57 -3.43
CA ALA B 213 30.47 19.84 -3.08
C ALA B 213 30.15 18.59 -2.27
N THR B 214 29.23 18.71 -1.30
CA THR B 214 28.87 17.55 -0.50
C THR B 214 28.18 16.48 -1.34
N THR B 215 27.30 16.89 -2.25
CA THR B 215 26.64 15.93 -3.13
C THR B 215 27.64 15.21 -4.02
N LYS B 216 28.60 15.95 -4.58
CA LYS B 216 29.62 15.32 -5.41
C LYS B 216 30.47 14.35 -4.60
N ALA B 217 30.83 14.74 -3.38
CA ALA B 217 31.64 13.85 -2.53
C ALA B 217 30.87 12.57 -2.19
N LYS B 218 29.60 12.70 -1.86
CA LYS B 218 28.80 11.52 -1.54
C LYS B 218 28.61 10.63 -2.76
N LYS B 219 28.41 11.23 -3.94
CA LYS B 219 28.28 10.44 -5.16
C LYS B 219 29.58 9.69 -5.47
N GLY B 220 30.72 10.36 -5.29
CA GLY B 220 31.99 9.71 -5.55
C GLY B 220 32.30 8.59 -4.56
N LYS B 221 32.00 8.81 -3.28
CA LYS B 221 32.34 7.83 -2.26
C LYS B 221 31.57 6.52 -2.45
N ALA B 222 30.35 6.60 -2.98
CA ALA B 222 29.54 5.41 -3.20
C ALA B 222 30.16 4.51 -4.25
N ASN B 236 30.90 15.28 7.27
CA ASN B 236 29.96 14.20 7.03
C ASN B 236 28.53 14.61 7.38
N GLY B 237 28.23 15.89 7.22
CA GLY B 237 26.90 16.38 7.47
C GLY B 237 25.92 15.93 6.40
N ARG B 238 24.63 16.01 6.74
CA ARG B 238 23.56 15.62 5.83
C ARG B 238 22.75 16.84 5.45
N GLY B 239 22.33 16.89 4.18
CA GLY B 239 21.55 17.99 3.68
C GLY B 239 20.09 17.89 4.06
N LEU B 240 19.31 18.84 3.54
CA LEU B 240 17.89 18.92 3.82
C LEU B 240 17.03 18.23 2.78
N LYS B 241 17.63 17.65 1.73
CA LYS B 241 16.85 16.93 0.73
C LYS B 241 16.61 15.51 1.22
N ALA B 242 15.35 15.13 1.32
CA ALA B 242 14.99 13.80 1.81
C ALA B 242 13.76 13.32 1.07
N PHE B 243 13.76 12.04 0.72
CA PHE B 243 12.59 11.38 0.15
C PHE B 243 12.47 10.00 0.77
N ASN B 244 11.47 9.82 1.62
CA ASN B 244 11.23 8.54 2.28
C ASN B 244 9.73 8.31 2.36
N ALA B 245 9.35 7.19 2.94
CA ALA B 245 7.95 6.83 3.07
C ALA B 245 7.69 6.30 4.47
N HIS B 246 6.42 6.37 4.87
CA HIS B 246 5.96 5.72 6.09
C HIS B 246 4.64 5.04 5.77
N GLU B 247 4.36 3.98 6.52
CA GLU B 247 3.22 3.12 6.25
C GLU B 247 2.15 3.34 7.32
N VAL B 248 0.92 3.57 6.89
CA VAL B 248 -0.16 3.93 7.79
C VAL B 248 -1.34 2.98 7.56
N VAL B 249 -2.20 2.89 8.57
CA VAL B 249 -3.47 2.18 8.45
C VAL B 249 -4.48 3.14 7.85
N ILE B 250 -5.19 2.68 6.82
CA ILE B 250 -6.08 3.56 6.08
C ILE B 250 -7.17 4.10 7.00
N ALA B 251 -7.74 5.23 6.59
CA ALA B 251 -8.74 5.92 7.40
C ALA B 251 -10.12 5.32 7.17
N GLY B 252 -10.89 5.21 8.26
CA GLY B 252 -12.24 4.69 8.19
C GLY B 252 -12.41 3.27 8.64
N VAL B 253 -11.36 2.61 9.11
CA VAL B 253 -11.42 1.22 9.56
C VAL B 253 -11.83 1.20 11.03
N LYS B 254 -12.65 0.21 11.39
CA LYS B 254 -13.16 0.11 12.75
C LYS B 254 -12.25 -0.76 13.62
N TRP B 255 -12.03 -0.33 14.85
CA TRP B 255 -11.15 -1.01 15.78
C TRP B 255 -11.93 -1.42 17.03
N LEU B 256 -11.47 -2.50 17.66
CA LEU B 256 -12.02 -2.94 18.94
C LEU B 256 -10.98 -2.76 20.03
N TRP B 257 -11.35 -2.07 21.10
CA TRP B 257 -10.48 -1.85 22.25
C TRP B 257 -11.11 -2.50 23.46
N ARG B 258 -10.39 -3.41 24.10
CA ARG B 258 -10.89 -4.17 25.23
C ARG B 258 -10.12 -3.76 26.48
N ILE B 259 -10.85 -3.27 27.48
CA ILE B 259 -10.29 -2.84 28.76
C ILE B 259 -10.91 -3.71 29.84
N ASN B 260 -10.07 -4.35 30.64
CA ASN B 260 -10.51 -5.15 31.77
C ASN B 260 -9.95 -4.54 33.04
N VAL B 261 -10.74 -4.55 34.11
CA VAL B 261 -10.30 -4.03 35.39
C VAL B 261 -10.57 -5.08 36.46
N ASP B 262 -9.58 -5.31 37.31
CA ASP B 262 -9.64 -6.39 38.31
C ASP B 262 -10.39 -5.91 39.54
N ARG B 263 -11.70 -6.21 39.60
CA ARG B 263 -12.56 -5.91 40.74
C ARG B 263 -12.41 -4.47 41.20
N PRO B 264 -12.87 -3.50 40.41
CA PRO B 264 -12.68 -2.09 40.78
C PRO B 264 -13.81 -1.55 41.64
N SER B 265 -13.48 -0.52 42.40
CA SER B 265 -14.49 0.26 43.07
C SER B 265 -15.24 1.12 42.06
N GLU B 266 -16.39 1.64 42.47
CA GLU B 266 -17.18 2.46 41.57
C GLU B 266 -16.46 3.74 41.17
N SER B 267 -15.57 4.24 42.03
CA SER B 267 -14.79 5.42 41.67
C SER B 267 -13.88 5.13 40.48
N GLN B 268 -13.24 3.97 40.45
CA GLN B 268 -12.35 3.64 39.35
C GLN B 268 -13.12 3.43 38.05
N ILE B 269 -14.27 2.78 38.12
CA ILE B 269 -15.11 2.61 36.92
C ILE B 269 -15.57 3.97 36.41
N GLY B 270 -15.97 4.86 37.32
CA GLY B 270 -16.37 6.19 36.91
C GLY B 270 -15.23 6.98 36.28
N LEU B 271 -14.02 6.81 36.81
CA LEU B 271 -12.87 7.48 36.22
C LEU B 271 -12.58 6.96 34.82
N ILE B 272 -12.67 5.65 34.62
CA ILE B 272 -12.47 5.09 33.28
C ILE B 272 -13.55 5.60 32.33
N LEU B 273 -14.79 5.69 32.82
CA LEU B 273 -15.88 6.18 31.98
C LEU B 273 -15.67 7.64 31.60
N LEU B 274 -15.20 8.46 32.54
CA LEU B 274 -14.89 9.85 32.23
C LEU B 274 -13.78 9.96 31.19
N ALA B 275 -12.74 9.14 31.35
CA ALA B 275 -11.66 9.13 30.36
C ALA B 275 -12.17 8.74 28.99
N LEU B 276 -13.07 7.76 28.93
CA LEU B 276 -13.66 7.38 27.65
C LEU B 276 -14.50 8.50 27.08
N ASN B 277 -15.20 9.24 27.94
CA ASN B 277 -16.00 10.38 27.46
C ASN B 277 -15.11 11.46 26.87
N LYS B 278 -13.92 11.66 27.45
CA LYS B 278 -13.00 12.69 26.96
C LYS B 278 -11.85 12.10 26.14
N LEU B 279 -12.03 10.88 25.61
CA LEU B 279 -10.93 10.22 24.93
C LEU B 279 -10.81 10.65 23.47
N ALA B 280 -11.95 10.91 22.81
CA ALA B 280 -11.93 11.26 21.40
C ALA B 280 -11.18 12.56 21.13
N ASN B 281 -11.06 13.43 22.14
CA ASN B 281 -10.26 14.65 21.98
C ASN B 281 -8.78 14.33 21.85
N GLN B 282 -8.34 13.15 22.28
CA GLN B 282 -6.95 12.75 22.19
C GLN B 282 -6.70 12.08 20.84
N ARG B 283 -5.48 11.61 20.64
CA ARG B 283 -5.13 10.93 19.40
C ARG B 283 -4.30 9.69 19.69
N ILE B 284 -4.54 8.64 18.91
CA ILE B 284 -4.16 7.29 19.32
C ILE B 284 -2.65 7.12 19.30
N ALA B 285 -1.99 7.52 18.22
CA ALA B 285 -0.57 7.23 18.06
C ALA B 285 0.12 8.44 17.45
N GLY B 286 1.34 8.24 16.98
CA GLY B 286 2.13 9.32 16.43
C GLY B 286 1.61 9.82 15.11
N GLY B 287 2.27 10.85 14.60
CA GLY B 287 1.84 11.53 13.40
C GLY B 287 1.19 12.86 13.71
N HIS B 288 1.78 13.60 14.64
CA HIS B 288 1.20 14.87 15.08
C HIS B 288 1.11 15.86 13.93
N ALA B 289 2.17 15.98 13.14
CA ALA B 289 2.20 16.97 12.08
C ALA B 289 1.12 16.70 11.04
N LYS B 290 0.90 15.44 10.69
CA LYS B 290 -0.05 15.06 9.65
C LYS B 290 -1.46 14.81 10.18
N ASP B 291 -1.72 15.12 11.45
CA ASP B 291 -3.03 14.93 12.05
C ASP B 291 -3.46 13.47 12.01
N TYR B 292 -2.51 12.56 12.24
CA TYR B 292 -2.83 11.15 12.31
C TYR B 292 -3.47 10.81 13.66
N GLY B 293 -4.08 9.64 13.71
CA GLY B 293 -4.60 9.11 14.96
C GLY B 293 -5.94 9.64 15.40
N ARG B 294 -6.56 10.54 14.63
CA ARG B 294 -7.88 11.03 14.99
C ARG B 294 -8.90 9.92 14.84
N PHE B 295 -9.86 9.89 15.76
CA PHE B 295 -10.85 8.81 15.78
C PHE B 295 -12.13 9.33 16.43
N VAL B 296 -13.15 8.48 16.37
CA VAL B 296 -14.43 8.75 17.02
C VAL B 296 -14.92 7.45 17.65
N ILE B 297 -15.41 7.54 18.88
CA ILE B 297 -15.91 6.38 19.58
C ILE B 297 -17.34 6.11 19.14
N GLU B 298 -17.62 4.88 18.73
CA GLU B 298 -18.92 4.50 18.21
C GLU B 298 -19.80 3.80 19.24
N ASP B 299 -19.25 2.86 20.00
CA ASP B 299 -20.01 2.15 21.01
C ASP B 299 -19.07 1.72 22.12
N VAL B 300 -19.49 1.93 23.37
CA VAL B 300 -18.77 1.49 24.54
C VAL B 300 -19.65 0.48 25.26
N ILE B 301 -19.15 -0.74 25.43
CA ILE B 301 -19.89 -1.83 26.04
C ILE B 301 -19.32 -2.09 27.42
N LEU B 302 -20.20 -2.07 28.43
CA LEU B 302 -19.80 -2.19 29.83
C LEU B 302 -20.38 -3.49 30.38
N ASP B 303 -19.55 -4.52 30.46
CA ASP B 303 -19.97 -5.85 30.93
C ASP B 303 -21.12 -6.40 30.09
N GLY B 304 -20.94 -6.36 28.77
CA GLY B 304 -21.90 -6.95 27.86
C GLY B 304 -23.09 -6.07 27.52
N GLU B 305 -23.19 -4.88 28.10
CA GLU B 305 -24.29 -3.96 27.83
C GLU B 305 -23.73 -2.66 27.27
N SER B 306 -24.48 -2.05 26.36
CA SER B 306 -24.04 -0.81 25.71
C SER B 306 -24.45 0.37 26.56
N VAL B 307 -23.47 1.21 26.90
CA VAL B 307 -23.69 2.38 27.74
C VAL B 307 -23.33 3.67 27.02
N TRP B 308 -23.24 3.62 25.70
CA TRP B 308 -22.82 4.77 24.90
C TRP B 308 -24.03 5.42 24.24
N THR B 309 -24.16 6.72 24.44
CA THR B 309 -25.19 7.56 23.85
C THR B 309 -24.56 8.53 22.86
N PRO B 310 -25.38 9.22 22.05
CA PRO B 310 -24.80 10.27 21.19
C PRO B 310 -24.00 11.31 21.96
N SER B 311 -24.47 11.69 23.15
CA SER B 311 -23.69 12.60 23.98
C SER B 311 -22.39 11.96 24.45
N GLY B 312 -22.45 10.70 24.85
CA GLY B 312 -21.29 10.01 25.37
C GLY B 312 -21.73 8.90 26.31
N VAL B 313 -20.78 8.44 27.12
CA VAL B 313 -21.10 7.43 28.13
C VAL B 313 -22.09 8.04 29.11
N SER B 314 -23.30 7.49 29.12
CA SER B 314 -24.37 8.04 29.95
C SER B 314 -25.38 6.93 30.20
N GLY B 315 -26.51 7.29 30.81
CA GLY B 315 -27.56 6.34 31.13
C GLY B 315 -27.71 6.16 32.63
N GLN B 316 -28.77 5.43 32.99
CA GLN B 316 -29.03 5.17 34.41
C GLN B 316 -28.02 4.20 34.99
N ALA B 317 -27.54 3.24 34.19
CA ALA B 317 -26.63 2.22 34.70
C ALA B 317 -25.28 2.79 35.11
N THR B 318 -24.91 3.97 34.61
CA THR B 318 -23.61 4.56 34.89
C THR B 318 -23.67 5.69 35.92
N GLU B 319 -24.85 5.94 36.50
CA GLU B 319 -24.98 7.05 37.44
C GLU B 319 -24.14 6.82 38.70
N GLN B 320 -24.13 5.60 39.22
CA GLN B 320 -23.38 5.32 40.44
C GLN B 320 -21.89 5.54 40.24
N PHE B 321 -21.36 5.12 39.08
CA PHE B 321 -19.94 5.29 38.80
C PHE B 321 -19.58 6.78 38.74
N PHE B 322 -20.40 7.58 38.06
CA PHE B 322 -20.11 9.00 37.94
C PHE B 322 -20.21 9.72 39.28
N ASP B 323 -21.22 9.37 40.08
CA ASP B 323 -21.31 9.98 41.41
C ASP B 323 -20.12 9.61 42.28
N ALA B 324 -19.71 8.33 42.24
CA ALA B 324 -18.59 7.89 43.05
C ALA B 324 -17.29 8.58 42.63
N ILE B 325 -17.06 8.71 41.32
CA ILE B 325 -15.83 9.35 40.88
C ILE B 325 -15.88 10.85 41.17
N ALA B 326 -17.06 11.48 41.11
CA ALA B 326 -17.15 12.88 41.49
C ALA B 326 -16.79 13.07 42.96
N GLU B 327 -17.30 12.20 43.82
CA GLU B 327 -16.95 12.28 45.24
C GLU B 327 -15.45 12.05 45.45
N ALA B 328 -14.88 11.07 44.75
CA ALA B 328 -13.46 10.79 44.89
C ALA B 328 -12.62 11.98 44.42
N LEU B 329 -13.02 12.62 43.33
CA LEU B 329 -12.31 13.80 42.84
C LEU B 329 -12.40 14.94 43.85
N ASP B 330 -13.59 15.13 44.44
CA ASP B 330 -13.73 16.17 45.46
C ASP B 330 -12.82 15.91 46.65
N GLY B 331 -12.72 14.65 47.07
CA GLY B 331 -11.85 14.28 48.16
C GLY B 331 -10.42 13.98 47.80
N MET B 332 -10.05 14.09 46.52
CA MET B 332 -8.70 13.75 46.09
C MET B 332 -7.71 14.86 46.44
N THR B 333 -6.55 14.48 46.95
CA THR B 333 -5.51 15.42 47.31
C THR B 333 -4.17 14.88 46.84
N SER B 334 -3.15 15.74 46.88
CA SER B 334 -1.81 15.38 46.46
C SER B 334 -1.11 14.46 47.46
N SER B 335 -1.68 14.26 48.64
CA SER B 335 -1.01 13.45 49.67
C SER B 335 -0.82 12.01 49.21
N GLU B 336 -1.83 11.44 48.56
CA GLU B 336 -1.71 10.06 48.10
C GLU B 336 -0.63 9.92 47.03
N PHE B 337 -0.59 10.85 46.08
CA PHE B 337 0.46 10.81 45.07
C PHE B 337 1.83 10.97 45.69
N GLU B 338 1.97 11.89 46.64
CA GLU B 338 3.26 12.12 47.28
C GLU B 338 3.73 10.90 48.05
N GLN B 339 2.80 10.24 48.75
CA GLN B 339 3.16 9.02 49.49
C GLN B 339 3.52 7.88 48.54
N PHE B 340 2.78 7.75 47.44
CA PHE B 340 3.05 6.69 46.48
C PHE B 340 4.41 6.87 45.83
N ALA B 341 4.75 8.11 45.45
CA ALA B 341 6.00 8.38 44.75
C ALA B 341 7.22 8.42 45.65
N ALA B 342 7.02 8.51 46.96
CA ALA B 342 8.15 8.60 47.89
C ALA B 342 8.95 7.31 47.88
N SER B 343 10.26 7.44 47.97
CA SER B 343 11.16 6.29 47.97
C SER B 343 11.62 5.99 49.39
N ALA B 344 11.65 4.70 49.73
CA ALA B 344 12.06 4.30 51.07
C ALA B 344 13.50 4.67 51.35
N LYS B 345 14.38 4.48 50.36
CA LYS B 345 15.80 4.80 50.54
C LYS B 345 16.18 6.06 49.80
N MET C 1 -8.81 23.01 19.27
CA MET C 1 -8.97 24.13 18.35
C MET C 1 -9.03 23.64 16.92
N GLN C 2 -10.24 23.57 16.37
CA GLN C 2 -10.50 22.89 15.10
C GLN C 2 -10.89 23.91 14.04
N ILE C 3 -10.22 23.85 12.90
CA ILE C 3 -10.51 24.70 11.75
C ILE C 3 -10.88 23.80 10.59
N GLU C 4 -12.03 24.05 9.98
CA GLU C 4 -12.46 23.36 8.77
C GLU C 4 -12.56 24.37 7.64
N VAL C 5 -11.91 24.06 6.52
CA VAL C 5 -11.83 24.96 5.38
C VAL C 5 -12.45 24.25 4.18
N LEU C 6 -13.37 24.93 3.50
CA LEU C 6 -14.05 24.39 2.34
C LEU C 6 -13.43 25.02 1.09
N ILE C 7 -12.77 24.21 0.28
CA ILE C 7 -11.94 24.68 -0.83
C ILE C 7 -12.46 24.07 -2.12
N ARG C 8 -12.68 24.92 -3.12
CA ARG C 8 -13.07 24.48 -4.46
C ARG C 8 -11.98 24.89 -5.43
N ASN C 9 -11.48 23.93 -6.21
CA ASN C 9 -10.36 24.19 -7.10
C ASN C 9 -10.86 24.81 -8.41
N ILE C 10 -10.34 25.99 -8.73
CA ILE C 10 -10.66 26.61 -10.00
C ILE C 10 -9.99 25.86 -11.15
N THR C 11 -8.73 25.51 -11.00
CA THR C 11 -7.95 24.79 -11.98
C THR C 11 -7.65 23.38 -11.48
N PRO C 12 -7.34 22.45 -12.39
CA PRO C 12 -7.08 21.07 -11.96
C PRO C 12 -5.91 21.00 -10.98
N ILE C 13 -6.02 20.06 -10.04
CA ILE C 13 -5.02 19.86 -9.01
C ILE C 13 -4.18 18.64 -9.38
N PHE C 14 -2.88 18.82 -9.46
CA PHE C 14 -1.95 17.78 -9.90
C PHE C 14 -0.95 17.51 -8.79
N SER C 15 -1.27 16.56 -7.91
CA SER C 15 -0.34 16.08 -6.90
C SER C 15 0.17 14.73 -7.37
N ALA C 16 1.37 14.71 -7.95
CA ALA C 16 1.88 13.51 -8.59
C ALA C 16 2.17 12.43 -7.55
N ALA C 17 1.87 11.19 -7.91
CA ALA C 17 2.18 10.04 -7.10
C ALA C 17 3.50 9.42 -7.54
N PRO C 18 4.47 9.26 -6.65
CA PRO C 18 5.75 8.70 -7.05
C PRO C 18 5.59 7.28 -7.60
N GLY C 19 6.40 6.97 -8.61
CA GLY C 19 6.34 5.67 -9.24
C GLY C 19 6.04 5.75 -10.72
N SER C 20 6.65 4.86 -11.51
CA SER C 20 6.47 4.86 -12.95
C SER C 20 5.24 4.02 -13.31
N TYR C 21 4.15 4.69 -13.66
CA TYR C 21 2.96 4.04 -14.17
C TYR C 21 2.87 4.30 -15.67
N TYR C 22 2.08 3.47 -16.35
CA TYR C 22 2.02 3.52 -17.80
C TYR C 22 0.56 3.47 -18.24
N VAL C 23 0.28 4.17 -19.34
CA VAL C 23 -1.09 4.27 -19.85
C VAL C 23 -1.07 4.06 -21.35
N SER C 24 -2.06 3.34 -21.85
CA SER C 24 -2.24 3.20 -23.28
C SER C 24 -2.93 4.43 -23.84
N LEU C 25 -2.99 4.51 -25.17
CA LEU C 25 -3.54 5.70 -25.82
C LEU C 25 -5.03 5.86 -25.58
N ASP C 26 -5.74 4.80 -25.21
CA ASP C 26 -7.17 4.88 -25.00
C ASP C 26 -7.55 5.11 -23.53
N GLY C 27 -6.57 5.31 -22.66
CA GLY C 27 -6.85 5.63 -21.27
C GLY C 27 -6.76 4.50 -20.29
N THR C 28 -6.31 3.32 -20.71
CA THR C 28 -6.20 2.20 -19.80
C THR C 28 -4.87 2.27 -19.06
N ILE C 29 -4.93 2.24 -17.73
CA ILE C 29 -3.75 2.38 -16.89
C ILE C 29 -3.09 1.02 -16.73
N ASN C 30 -1.77 0.97 -16.89
CA ASN C 30 -0.98 -0.25 -16.89
C ASN C 30 -1.54 -1.23 -17.90
N PRO C 31 -1.44 -0.93 -19.19
CA PRO C 31 -2.06 -1.78 -20.20
C PRO C 31 -1.23 -3.03 -20.44
N PRO C 32 -1.78 -4.00 -21.17
CA PRO C 32 -0.97 -5.16 -21.57
C PRO C 32 0.21 -4.73 -22.42
N GLN C 33 1.30 -5.48 -22.31
CA GLN C 33 2.55 -5.11 -22.97
C GLN C 33 2.46 -5.14 -24.49
N GLY C 34 1.42 -5.75 -25.05
CA GLY C 34 1.27 -5.76 -26.50
C GLY C 34 0.99 -4.39 -27.06
N ALA C 35 0.18 -3.59 -26.37
CA ALA C 35 -0.21 -2.28 -26.86
C ALA C 35 0.84 -1.23 -26.47
N SER C 36 0.54 0.03 -26.80
CA SER C 36 1.45 1.13 -26.50
C SER C 36 1.38 1.49 -25.02
N ARG C 37 2.49 1.99 -24.50
CA ARG C 37 2.71 2.17 -23.06
C ARG C 37 3.32 3.54 -22.78
N PHE C 38 2.68 4.60 -23.25
CA PHE C 38 3.14 5.93 -22.92
C PHE C 38 3.12 6.15 -21.41
N PRO C 39 4.18 6.73 -20.84
CA PRO C 39 4.26 6.88 -19.38
C PRO C 39 3.19 7.81 -18.84
N LEU C 40 2.78 7.54 -17.61
CA LEU C 40 1.75 8.31 -16.93
C LEU C 40 2.21 8.69 -15.53
N THR C 41 1.96 9.94 -15.16
CA THR C 41 2.23 10.43 -13.80
C THR C 41 0.88 10.56 -13.10
N ARG C 42 0.63 9.67 -12.15
CA ARG C 42 -0.69 9.53 -11.55
C ARG C 42 -0.89 10.55 -10.44
N ALA C 43 -2.11 11.04 -10.32
CA ALA C 43 -2.48 11.85 -9.18
C ALA C 43 -2.45 11.01 -7.91
N ARG C 44 -1.98 11.60 -6.82
CA ARG C 44 -1.83 10.84 -5.59
C ARG C 44 -3.20 10.51 -5.01
N THR C 45 -3.38 9.25 -4.62
CA THR C 45 -4.59 8.79 -3.97
C THR C 45 -4.21 8.08 -2.68
N MET C 46 -5.09 8.16 -1.70
CA MET C 46 -4.93 7.43 -0.44
C MET C 46 -6.11 6.50 -0.26
N THR C 47 -5.82 5.22 -0.03
CA THR C 47 -6.88 4.25 0.18
C THR C 47 -7.67 4.60 1.43
N VAL C 48 -9.00 4.61 1.30
CA VAL C 48 -9.88 4.88 2.43
C VAL C 48 -11.02 3.87 2.41
N VAL C 49 -11.58 3.62 3.58
CA VAL C 49 -12.73 2.76 3.73
C VAL C 49 -13.97 3.58 3.45
N ALA C 50 -14.86 3.07 2.60
CA ALA C 50 -16.05 3.80 2.22
C ALA C 50 -17.20 2.83 2.03
N GLU C 51 -18.41 3.30 2.33
CA GLU C 51 -19.62 2.52 2.10
C GLU C 51 -20.15 2.85 0.71
N THR C 52 -20.27 1.83 -0.13
CA THR C 52 -20.68 2.00 -1.51
C THR C 52 -22.20 2.09 -1.67
N GLY C 53 -22.92 2.38 -0.59
CA GLY C 53 -24.37 2.47 -0.62
C GLY C 53 -25.08 1.18 -0.28
N ASP C 54 -24.38 0.05 -0.30
CA ASP C 54 -24.96 -1.24 0.03
C ASP C 54 -24.78 -1.62 1.49
N GLY C 55 -24.18 -0.75 2.30
CA GLY C 55 -23.96 -1.06 3.69
C GLY C 55 -22.74 -1.91 3.97
N VAL C 56 -21.80 -2.00 3.04
CA VAL C 56 -20.59 -2.79 3.20
C VAL C 56 -19.38 -1.88 3.08
N ALA C 57 -18.43 -2.05 3.99
CA ALA C 57 -17.21 -1.25 3.99
C ALA C 57 -16.27 -1.76 2.90
N LYS C 58 -15.76 -0.83 2.09
CA LYS C 58 -14.85 -1.15 1.01
C LYS C 58 -13.67 -0.18 1.02
N ALA C 59 -12.48 -0.71 0.75
CA ALA C 59 -11.29 0.11 0.62
C ALA C 59 -11.17 0.57 -0.83
N VAL C 60 -11.33 1.88 -1.04
CA VAL C 60 -11.32 2.44 -2.39
C VAL C 60 -10.29 3.55 -2.46
N PRO C 61 -9.69 3.81 -3.62
CA PRO C 61 -8.72 4.90 -3.73
C PRO C 61 -9.42 6.24 -3.86
N LEU C 62 -8.94 7.23 -3.12
CA LEU C 62 -9.51 8.58 -3.12
C LEU C 62 -8.39 9.56 -3.41
N PRO C 63 -8.48 10.35 -4.48
CA PRO C 63 -7.40 11.30 -4.79
C PRO C 63 -7.40 12.44 -3.78
N ILE C 64 -6.23 12.70 -3.18
CA ILE C 64 -6.08 13.71 -2.15
C ILE C 64 -4.81 14.51 -2.43
N VAL C 65 -4.70 15.64 -1.74
CA VAL C 65 -3.44 16.36 -1.60
C VAL C 65 -2.85 15.99 -0.25
N PRO C 66 -1.59 15.55 -0.19
CA PRO C 66 -1.05 15.06 1.08
C PRO C 66 -1.04 16.14 2.15
N GLY C 67 -1.17 15.71 3.41
CA GLY C 67 -1.16 16.64 4.51
C GLY C 67 0.15 17.41 4.64
N ASN C 68 1.26 16.76 4.28
CA ASN C 68 2.54 17.46 4.29
C ASN C 68 2.55 18.61 3.29
N THR C 69 1.97 18.39 2.11
CA THR C 69 1.92 19.44 1.11
C THR C 69 1.16 20.65 1.61
N MET C 70 -0.02 20.43 2.20
CA MET C 70 -0.81 21.54 2.71
C MET C 70 -0.16 22.20 3.91
N ARG C 71 0.52 21.41 4.76
CA ARG C 71 1.23 22.00 5.90
C ARG C 71 2.34 22.91 5.43
N ASN C 72 3.11 22.48 4.43
CA ASN C 72 4.14 23.35 3.88
C ASN C 72 3.55 24.54 3.15
N LEU C 73 2.39 24.38 2.53
CA LEU C 73 1.71 25.51 1.91
C LEU C 73 1.36 26.56 2.95
N LEU C 74 0.81 26.12 4.09
CA LEU C 74 0.50 27.05 5.17
C LEU C 74 1.75 27.71 5.72
N ARG C 75 2.82 26.93 5.91
CA ARG C 75 4.06 27.48 6.45
C ARG C 75 4.65 28.54 5.50
N ARG C 76 4.68 28.23 4.21
CA ARG C 76 5.19 29.17 3.23
C ARG C 76 4.32 30.42 3.13
N THR C 77 3.00 30.25 3.20
CA THR C 77 2.11 31.41 3.18
C THR C 77 2.37 32.32 4.36
N MET C 78 2.48 31.74 5.56
CA MET C 78 2.77 32.53 6.75
C MET C 78 4.10 33.26 6.61
N LEU C 79 5.15 32.54 6.23
CA LEU C 79 6.47 33.14 6.14
C LEU C 79 6.52 34.24 5.09
N LYS C 80 5.89 34.02 3.94
CA LYS C 80 6.01 34.98 2.84
C LYS C 80 5.08 36.17 2.99
N ASP C 81 3.94 36.02 3.66
CA ASP C 81 2.96 37.10 3.69
C ASP C 81 2.83 37.79 5.05
N VAL C 82 3.27 37.16 6.13
CA VAL C 82 3.03 37.72 7.46
C VAL C 82 4.34 37.88 8.22
N ILE C 83 5.10 36.80 8.33
CA ILE C 83 6.29 36.82 9.19
C ILE C 83 7.38 37.69 8.58
N GLU C 84 7.72 37.44 7.31
CA GLU C 84 8.81 38.21 6.69
C GLU C 84 8.48 39.69 6.55
N PRO C 85 7.29 40.09 6.09
CA PRO C 85 6.98 41.53 6.10
C PRO C 85 7.09 42.17 7.47
N ALA C 86 6.72 41.43 8.53
CA ALA C 86 6.93 41.94 9.88
C ALA C 86 8.40 42.08 10.18
N LEU C 87 9.22 41.11 9.75
CA LEU C 87 10.66 41.20 9.97
C LEU C 87 11.29 42.30 9.12
N ARG C 88 10.76 42.52 7.92
CA ARG C 88 11.34 43.53 7.03
C ARG C 88 11.11 44.94 7.54
N ASP C 89 10.03 45.18 8.28
CA ASP C 89 9.76 46.50 8.81
C ASP C 89 10.84 46.95 9.78
N LYS C 90 11.35 46.02 10.59
CA LYS C 90 12.39 46.31 11.56
C LYS C 90 13.79 46.08 11.02
N SER C 91 13.92 45.68 9.75
CA SER C 91 15.21 45.35 9.15
C SER C 91 15.95 44.29 9.97
N ALA C 92 15.21 43.27 10.42
CA ALA C 92 15.80 42.15 11.13
C ALA C 92 16.09 41.03 10.15
N GLN C 93 17.32 40.56 10.16
CA GLN C 93 17.81 39.60 9.17
C GLN C 93 18.05 38.25 9.83
N LEU C 94 17.42 37.21 9.29
CA LEU C 94 17.67 35.85 9.75
C LEU C 94 18.99 35.35 9.16
N SER C 95 19.68 34.51 9.93
CA SER C 95 20.85 33.83 9.40
C SER C 95 20.40 32.76 8.40
N ILE C 96 21.37 32.20 7.68
CA ILE C 96 21.05 31.18 6.69
C ILE C 96 20.48 29.93 7.37
N GLY C 97 21.06 29.54 8.51
CA GLY C 97 20.52 28.41 9.24
C GLY C 97 19.15 28.70 9.83
N ALA C 98 18.95 29.91 10.34
CA ALA C 98 17.64 30.28 10.87
C ALA C 98 16.59 30.32 9.77
N TYR C 99 16.95 30.83 8.59
CA TYR C 99 16.03 30.83 7.47
C TYR C 99 15.66 29.42 7.05
N ALA C 100 16.66 28.53 6.97
CA ALA C 100 16.41 27.16 6.59
C ALA C 100 15.52 26.46 7.62
N THR C 101 15.77 26.71 8.90
CA THR C 101 14.95 26.11 9.95
C THR C 101 13.51 26.64 9.89
N ALA C 102 13.35 27.93 9.62
CA ALA C 102 12.01 28.50 9.52
C ALA C 102 11.25 27.90 8.35
N TYR C 103 11.93 27.69 7.23
CA TYR C 103 11.23 27.25 6.02
C TYR C 103 11.13 25.74 5.86
N ALA C 104 11.91 24.96 6.59
CA ALA C 104 11.85 23.51 6.46
C ALA C 104 11.96 22.75 7.77
N GLY C 105 12.00 23.42 8.91
CA GLY C 105 12.05 22.74 10.19
C GLY C 105 13.44 22.38 10.67
N ASN C 106 14.47 22.54 9.85
CA ASN C 106 15.82 22.22 10.23
C ASN C 106 16.79 22.92 9.30
N SER C 107 18.04 23.03 9.74
CA SER C 107 19.12 23.54 8.90
C SER C 107 20.02 22.42 8.37
N SER C 108 19.88 21.21 8.89
CA SER C 108 20.66 20.07 8.43
C SER C 108 19.89 18.80 8.78
N GLY C 109 20.29 17.70 8.17
CA GLY C 109 19.63 16.44 8.40
C GLY C 109 20.04 15.72 9.66
N ASN C 110 20.99 16.26 10.42
CA ASN C 110 21.47 15.61 11.62
C ASN C 110 20.88 16.32 12.84
N PRO C 111 19.93 15.71 13.54
CA PRO C 111 19.41 16.33 14.76
C PRO C 111 20.36 16.15 15.94
N ASP C 112 20.16 17.01 16.94
CA ASP C 112 20.85 16.85 18.20
C ASP C 112 20.12 15.84 19.06
N GLY C 113 20.88 14.98 19.73
CA GLY C 113 20.26 13.98 20.58
C GLY C 113 19.85 14.47 21.93
N VAL C 114 20.21 15.69 22.30
CA VAL C 114 19.89 16.25 23.61
C VAL C 114 18.47 16.80 23.59
N PRO C 115 17.77 16.82 24.73
CA PRO C 115 16.48 17.52 24.80
C PRO C 115 16.66 18.98 25.18
N SER C 116 15.85 19.83 24.58
CA SER C 116 15.91 21.25 24.87
C SER C 116 15.39 21.54 26.28
N SER C 117 15.90 22.61 26.87
CA SER C 117 15.52 22.96 28.23
C SER C 117 14.06 23.43 28.27
N PHE C 118 13.50 23.39 29.47
CA PHE C 118 12.10 23.77 29.63
C PHE C 118 11.87 25.24 29.34
N ASP C 119 12.85 26.10 29.68
CA ASP C 119 12.72 27.52 29.37
C ASP C 119 12.63 27.73 27.87
N GLU C 120 13.49 27.04 27.11
CA GLU C 120 13.44 27.15 25.65
C GLU C 120 12.12 26.63 25.11
N ILE C 121 11.62 25.53 25.66
CA ILE C 121 10.36 24.96 25.19
C ILE C 121 9.22 25.92 25.43
N VAL C 122 9.17 26.53 26.62
CA VAL C 122 8.13 27.50 26.92
C VAL C 122 8.25 28.71 26.00
N THR C 123 9.48 29.17 25.75
CA THR C 123 9.69 30.32 24.88
C THR C 123 9.22 30.05 23.46
N MET C 124 9.49 28.83 22.96
CA MET C 124 9.22 28.55 21.55
C MET C 124 7.79 28.14 21.32
N ARG C 125 7.21 27.34 22.21
CA ARG C 125 5.82 26.89 22.03
C ARG C 125 4.84 28.04 22.16
N ALA C 126 5.23 29.14 22.77
CA ALA C 126 4.41 30.35 22.82
C ALA C 126 4.64 31.28 21.64
N HIS C 127 5.67 31.01 20.84
CA HIS C 127 5.96 31.86 19.68
C HIS C 127 4.84 31.73 18.65
N PRO C 128 4.47 32.82 17.98
CA PRO C 128 3.38 32.74 17.00
C PRO C 128 3.63 31.75 15.86
N PHE C 129 4.86 31.61 15.41
CA PHE C 129 5.17 30.73 14.28
C PHE C 129 5.86 29.45 14.70
N LEU C 130 6.98 29.55 15.42
CA LEU C 130 7.73 28.36 15.80
C LEU C 130 6.95 27.46 16.74
N GLY C 131 5.98 28.01 17.48
CA GLY C 131 5.13 27.17 18.28
C GLY C 131 4.21 26.30 17.44
N LEU C 132 3.71 26.84 16.33
CA LEU C 132 2.85 26.07 15.45
C LEU C 132 3.63 24.96 14.75
N PHE C 133 4.77 25.31 14.15
CA PHE C 133 5.59 24.36 13.43
C PHE C 133 6.81 24.04 14.28
N GLY C 134 6.85 22.83 14.82
CA GLY C 134 7.98 22.40 15.61
C GLY C 134 9.17 22.09 14.72
N GLY C 135 10.19 21.50 15.35
CA GLY C 135 11.40 21.11 14.65
C GLY C 135 12.64 21.69 15.31
N GLY C 136 13.62 22.01 14.49
CA GLY C 136 14.89 22.50 14.99
C GLY C 136 15.80 21.35 15.36
N PRO C 137 17.03 21.65 15.76
CA PRO C 137 17.95 20.58 16.14
C PRO C 137 17.43 19.72 17.29
N ARG C 138 16.73 20.33 18.23
CA ARG C 138 16.01 19.59 19.26
C ARG C 138 14.56 19.45 18.80
N MET C 139 14.06 18.22 18.78
CA MET C 139 12.77 17.93 18.17
C MET C 139 11.65 18.49 19.04
N LEU C 140 11.39 19.79 18.85
CA LEU C 140 10.23 20.42 19.47
C LEU C 140 8.96 19.99 18.76
N GLN C 141 7.90 19.77 19.52
CA GLN C 141 6.62 19.38 18.97
C GLN C 141 5.76 20.62 18.75
N GLY C 142 5.34 20.84 17.52
CA GLY C 142 4.52 21.99 17.21
C GLY C 142 3.08 21.79 17.61
N ARG C 143 2.34 22.89 17.58
CA ARG C 143 0.92 22.89 17.93
C ARG C 143 0.02 22.64 16.73
N LEU C 144 0.56 22.56 15.53
CA LEU C 144 -0.25 22.48 14.33
C LEU C 144 -0.43 21.03 13.90
N MET C 145 -1.67 20.68 13.55
CA MET C 145 -2.02 19.35 13.04
C MET C 145 -2.73 19.56 11.71
N VAL C 146 -1.98 19.50 10.60
CA VAL C 146 -2.52 19.75 9.28
C VAL C 146 -2.88 18.41 8.64
N ASP C 147 -4.13 18.29 8.20
CA ASP C 147 -4.63 17.07 7.59
C ASP C 147 -4.60 17.18 6.07
N SER C 148 -4.86 16.06 5.43
CA SER C 148 -4.88 16.02 3.97
C SER C 148 -6.09 16.77 3.43
N LEU C 149 -6.07 17.02 2.13
CA LEU C 149 -7.16 17.69 1.44
C LEU C 149 -8.06 16.62 0.84
N TYR C 150 -9.21 16.40 1.47
CA TYR C 150 -10.13 15.35 1.05
C TYR C 150 -11.22 15.94 0.17
N PRO C 151 -11.37 15.48 -1.07
CA PRO C 151 -12.51 15.93 -1.87
C PRO C 151 -13.81 15.48 -1.22
N ILE C 152 -14.82 16.34 -1.29
CA ILE C 152 -16.13 15.96 -0.79
C ILE C 152 -16.73 15.00 -1.81
N HIS C 153 -16.61 13.71 -1.52
CA HIS C 153 -16.93 12.64 -2.46
C HIS C 153 -17.84 11.65 -1.77
N GLN C 154 -18.39 10.72 -2.55
CA GLN C 154 -19.11 9.61 -1.96
C GLN C 154 -18.17 8.68 -1.19
N PHE C 155 -16.90 8.64 -1.57
CA PHE C 155 -15.92 7.77 -0.95
C PHE C 155 -15.28 8.36 0.29
N SER C 156 -15.58 9.62 0.62
CA SER C 156 -14.98 10.27 1.77
C SER C 156 -15.99 10.64 2.84
N GLN C 157 -17.24 10.18 2.72
CA GLN C 157 -18.23 10.49 3.75
C GLN C 157 -17.92 9.80 5.07
N ARG C 158 -17.31 8.62 5.02
CA ARG C 158 -16.87 7.93 6.23
C ARG C 158 -15.74 8.65 6.92
N ILE C 159 -15.10 9.61 6.27
CA ILE C 159 -13.96 10.35 6.84
C ILE C 159 -14.35 11.77 7.19
N ILE C 160 -14.78 12.55 6.19
CA ILE C 160 -15.13 13.96 6.44
C ILE C 160 -16.50 14.12 7.09
N GLY C 161 -17.25 13.04 7.25
CA GLY C 161 -18.55 13.12 7.88
C GLY C 161 -19.64 13.52 6.91
N SER C 162 -20.86 13.62 7.44
CA SER C 162 -22.03 13.93 6.65
C SER C 162 -22.42 15.40 6.72
N ASP C 163 -21.56 16.25 7.31
CA ASP C 163 -21.88 17.67 7.40
C ASP C 163 -21.96 18.32 6.03
N TYR C 164 -21.23 17.81 5.05
CA TYR C 164 -21.19 18.35 3.69
C TYR C 164 -21.60 17.23 2.74
N ILE C 165 -22.90 17.08 2.53
CA ILE C 165 -23.41 16.06 1.63
C ILE C 165 -23.96 16.64 0.34
N ASN C 166 -24.41 17.89 0.34
CA ASN C 166 -24.87 18.52 -0.89
C ASN C 166 -23.73 18.88 -1.83
N ASP C 167 -22.50 18.95 -1.32
CA ASP C 167 -21.33 19.21 -2.13
C ASP C 167 -20.63 17.95 -2.60
N SER C 168 -21.16 16.78 -2.26
CA SER C 168 -20.54 15.52 -2.67
C SER C 168 -20.76 15.29 -4.16
N ILE C 169 -19.82 14.57 -4.76
CA ILE C 169 -19.88 14.21 -6.18
C ILE C 169 -19.70 12.70 -6.30
N LYS C 170 -20.50 12.08 -7.15
CA LYS C 170 -20.59 10.63 -7.17
C LYS C 170 -19.50 9.99 -8.02
N GLY C 171 -19.35 10.43 -9.26
CA GLY C 171 -18.49 9.76 -10.20
C GLY C 171 -17.02 10.01 -9.93
N GLY C 172 -16.20 9.55 -10.88
CA GLY C 172 -14.76 9.79 -10.79
C GLY C 172 -14.43 11.25 -11.04
N ILE C 173 -13.46 11.74 -10.28
CA ILE C 173 -13.08 13.15 -10.32
C ILE C 173 -11.67 13.33 -10.86
N THR C 174 -11.16 12.34 -11.59
CA THR C 174 -9.78 12.33 -12.04
C THR C 174 -9.75 12.14 -13.56
N GLU C 175 -8.81 12.83 -14.21
CA GLU C 175 -8.73 12.83 -15.67
C GLU C 175 -7.28 12.79 -16.10
N ILE C 176 -7.05 12.38 -17.35
CA ILE C 176 -5.73 12.22 -17.93
C ILE C 176 -5.50 13.33 -18.95
N VAL C 177 -4.39 14.03 -18.80
CA VAL C 177 -3.97 15.07 -19.73
C VAL C 177 -2.76 14.57 -20.50
N TRP C 178 -2.80 14.67 -21.82
CA TRP C 178 -1.72 14.19 -22.68
C TRP C 178 -0.80 15.34 -23.02
N THR C 179 0.47 15.19 -22.70
CA THR C 179 1.48 16.21 -22.89
C THR C 179 2.48 15.76 -23.95
N ARG C 180 2.89 16.70 -24.80
CA ARG C 180 3.77 16.42 -25.92
C ARG C 180 4.89 17.45 -25.93
N ARG C 181 6.09 17.00 -26.30
CA ARG C 181 7.24 17.89 -26.47
C ARG C 181 7.75 17.75 -27.89
N ASN C 182 7.91 18.88 -28.57
CA ASN C 182 8.37 18.92 -29.94
C ASN C 182 9.87 19.15 -30.00
N ASP C 183 10.44 18.85 -31.15
CA ASP C 183 11.81 19.20 -31.46
C ASP C 183 11.81 20.48 -32.27
N PRO C 184 12.38 21.57 -31.76
CA PRO C 184 12.30 22.83 -32.51
C PRO C 184 12.90 22.75 -33.90
N ILE C 185 13.96 21.96 -34.08
CA ILE C 185 14.65 21.90 -35.36
C ILE C 185 13.77 21.24 -36.41
N LEU C 186 13.01 20.22 -36.01
CA LEU C 186 12.10 19.58 -36.95
C LEU C 186 11.04 20.55 -37.45
N GLN C 187 10.53 21.40 -36.56
CA GLN C 187 9.59 22.43 -36.98
C GLN C 187 10.27 23.57 -37.73
N LEU C 188 11.60 23.63 -37.69
CA LEU C 188 12.36 24.65 -38.39
C LEU C 188 12.49 24.26 -39.85
N GLY C 189 11.80 24.99 -40.74
CA GLY C 189 11.78 24.61 -42.14
C GLY C 189 11.90 25.76 -43.12
N SER C 190 12.52 26.86 -42.70
CA SER C 190 12.71 28.01 -43.56
C SER C 190 14.13 28.53 -43.35
N PRO C 191 14.77 29.07 -44.40
CA PRO C 191 16.12 29.61 -44.21
C PRO C 191 16.15 30.77 -43.24
N ASP C 192 15.08 31.57 -43.16
CA ASP C 192 15.02 32.64 -42.18
C ASP C 192 14.98 32.10 -40.76
N ASP C 193 14.32 30.97 -40.55
CA ASP C 193 14.22 30.39 -39.21
C ASP C 193 15.59 29.98 -38.69
N ALA C 194 16.42 29.42 -39.56
CA ALA C 194 17.77 29.02 -39.16
C ALA C 194 18.77 30.16 -39.23
N ALA C 195 18.35 31.36 -39.63
CA ALA C 195 19.26 32.49 -39.69
C ALA C 195 19.76 32.91 -38.32
N VAL C 196 19.03 32.57 -37.26
CA VAL C 196 19.44 32.92 -35.90
C VAL C 196 20.37 31.89 -35.28
N ILE C 197 20.52 30.74 -35.89
CA ILE C 197 21.32 29.65 -35.33
C ILE C 197 22.76 29.78 -35.81
N GLU C 198 23.71 29.59 -34.90
CA GLU C 198 25.11 29.53 -35.27
C GLU C 198 25.35 28.36 -36.22
N GLY C 199 26.06 28.62 -37.31
CA GLY C 199 26.25 27.64 -38.35
C GLY C 199 25.16 27.58 -39.37
N GLY C 200 24.05 28.26 -39.15
CA GLY C 200 22.97 28.30 -40.14
C GLY C 200 22.41 26.92 -40.41
N ALA C 201 22.25 26.61 -41.70
CA ALA C 201 21.61 25.35 -42.09
C ALA C 201 22.47 24.14 -41.76
N GLN C 202 23.80 24.32 -41.70
CA GLN C 202 24.68 23.19 -41.43
C GLN C 202 24.42 22.61 -40.05
N ALA C 203 24.24 23.47 -39.04
CA ALA C 203 23.99 22.99 -37.69
C ALA C 203 22.67 22.25 -37.61
N ALA C 204 21.62 22.78 -38.23
CA ALA C 204 20.32 22.11 -38.21
C ALA C 204 20.39 20.78 -38.93
N ASN C 205 21.08 20.72 -40.07
CA ASN C 205 21.24 19.46 -40.79
C ASN C 205 21.99 18.44 -39.94
N ASP C 206 23.06 18.86 -39.27
CA ASP C 206 23.78 17.95 -38.39
C ASP C 206 22.89 17.45 -37.26
N TRP C 207 22.09 18.34 -36.68
CA TRP C 207 21.16 17.96 -35.62
C TRP C 207 20.17 16.92 -36.10
N ILE C 208 19.57 17.16 -37.27
CA ILE C 208 18.55 16.25 -37.79
C ILE C 208 19.15 14.90 -38.14
N THR C 209 20.33 14.90 -38.78
CA THR C 209 20.95 13.63 -39.17
C THR C 209 21.42 12.85 -37.94
N SER C 210 21.94 13.54 -36.93
CA SER C 210 22.31 12.85 -35.69
C SER C 210 21.08 12.27 -35.01
N LEU C 211 19.97 13.01 -35.02
CA LEU C 211 18.72 12.47 -34.48
C LEU C 211 18.29 11.23 -35.23
N LEU C 212 18.37 11.26 -36.57
CA LEU C 212 18.00 10.11 -37.38
C LEU C 212 18.88 8.90 -37.07
N ALA C 213 20.20 9.14 -36.96
CA ALA C 213 21.10 8.04 -36.65
C ALA C 213 20.82 7.44 -35.28
N THR C 214 20.57 8.29 -34.29
CA THR C 214 20.27 7.79 -32.95
C THR C 214 18.96 7.01 -32.94
N THR C 215 17.95 7.52 -33.64
CA THR C 215 16.68 6.81 -33.71
C THR C 215 16.83 5.45 -34.37
N LYS C 216 17.58 5.39 -35.48
CA LYS C 216 17.78 4.12 -36.16
C LYS C 216 18.57 3.14 -35.30
N ALA C 217 19.61 3.64 -34.61
CA ALA C 217 20.38 2.77 -33.73
C ALA C 217 19.52 2.24 -32.58
N LYS C 218 18.70 3.09 -31.99
CA LYS C 218 17.84 2.66 -30.89
C LYS C 218 16.81 1.65 -31.35
N LYS C 219 16.20 1.88 -32.53
CA LYS C 219 15.21 0.93 -33.03
C LYS C 219 15.86 -0.41 -33.38
N GLY C 220 17.05 -0.37 -33.99
CA GLY C 220 17.74 -1.62 -34.29
C GLY C 220 18.20 -2.34 -33.03
N LYS C 221 18.66 -1.59 -32.03
CA LYS C 221 19.13 -2.21 -30.80
C LYS C 221 18.01 -2.93 -30.06
N ALA C 222 16.81 -2.32 -30.04
CA ALA C 222 15.65 -2.88 -29.37
C ALA C 222 15.94 -3.17 -27.89
N GLY C 237 21.91 9.35 -23.63
CA GLY C 237 21.39 10.44 -24.45
C GLY C 237 19.98 10.19 -24.92
N ARG C 238 19.11 11.17 -24.74
CA ARG C 238 17.71 11.07 -25.15
C ARG C 238 17.33 12.32 -25.94
N GLY C 239 16.56 12.13 -27.00
CA GLY C 239 16.15 13.22 -27.84
C GLY C 239 15.10 14.09 -27.17
N LEU C 240 14.63 15.09 -27.92
CA LEU C 240 13.67 16.06 -27.41
C LEU C 240 12.23 15.61 -27.56
N LYS C 241 11.91 14.89 -28.64
CA LYS C 241 10.53 14.48 -28.87
C LYS C 241 10.04 13.59 -27.74
N ALA C 242 8.80 13.83 -27.31
CA ALA C 242 8.22 13.07 -26.22
C ALA C 242 6.70 13.05 -26.37
N PHE C 243 6.09 12.05 -25.75
CA PHE C 243 4.64 11.96 -25.64
C PHE C 243 4.33 11.26 -24.33
N ASN C 244 3.81 12.01 -23.37
CA ASN C 244 3.52 11.46 -22.05
C ASN C 244 2.08 11.72 -21.66
N ALA C 245 1.74 11.41 -20.41
CA ALA C 245 0.44 11.76 -19.87
C ALA C 245 0.62 12.01 -18.38
N HIS C 246 -0.14 12.96 -17.84
CA HIS C 246 -0.18 13.18 -16.41
C HIS C 246 -1.64 13.25 -15.98
N GLU C 247 -1.92 12.73 -14.79
CA GLU C 247 -3.28 12.53 -14.32
C GLU C 247 -3.60 13.60 -13.28
N VAL C 248 -4.70 14.31 -13.48
CA VAL C 248 -5.07 15.43 -12.62
C VAL C 248 -6.49 15.23 -12.11
N VAL C 249 -6.77 15.84 -10.97
CA VAL C 249 -8.13 15.92 -10.44
C VAL C 249 -8.86 17.03 -11.17
N ILE C 250 -10.10 16.76 -11.59
CA ILE C 250 -10.83 17.70 -12.42
C ILE C 250 -11.11 18.99 -11.64
N ALA C 251 -11.41 20.04 -12.39
CA ALA C 251 -11.61 21.37 -11.83
C ALA C 251 -13.07 21.54 -11.42
N GLY C 252 -13.29 22.06 -10.22
CA GLY C 252 -14.61 22.31 -9.70
C GLY C 252 -14.99 21.47 -8.50
N VAL C 253 -14.18 20.51 -8.10
CA VAL C 253 -14.49 19.65 -6.97
C VAL C 253 -14.25 20.43 -5.67
N LYS C 254 -15.09 20.17 -4.67
CA LYS C 254 -14.93 20.79 -3.36
C LYS C 254 -14.08 19.90 -2.48
N TRP C 255 -13.27 20.53 -1.62
CA TRP C 255 -12.38 19.82 -0.73
C TRP C 255 -12.60 20.31 0.69
N LEU C 256 -12.36 19.42 1.65
CA LEU C 256 -12.41 19.77 3.06
C LEU C 256 -11.00 19.68 3.63
N TRP C 257 -10.54 20.77 4.21
CA TRP C 257 -9.23 20.84 4.85
C TRP C 257 -9.43 21.02 6.34
N ARG C 258 -8.90 20.08 7.12
CA ARG C 258 -9.06 20.08 8.56
C ARG C 258 -7.74 20.44 9.22
N ILE C 259 -7.72 21.58 9.89
CA ILE C 259 -6.55 22.05 10.63
C ILE C 259 -6.90 22.07 12.10
N ASN C 260 -6.14 21.32 12.89
CA ASN C 260 -6.36 21.23 14.32
C ASN C 260 -5.14 21.76 15.06
N VAL C 261 -5.37 22.52 16.12
CA VAL C 261 -4.32 23.08 16.95
C VAL C 261 -4.64 22.73 18.39
N ASP C 262 -3.65 22.27 19.14
CA ASP C 262 -3.86 21.93 20.54
C ASP C 262 -3.44 23.10 21.41
N ARG C 263 -4.41 23.66 22.15
CA ARG C 263 -4.21 24.75 23.10
C ARG C 263 -3.39 25.88 22.51
N PRO C 264 -3.93 26.64 21.55
CA PRO C 264 -3.18 27.75 20.96
C PRO C 264 -3.39 29.05 21.70
N SER C 265 -2.41 29.93 21.58
CA SER C 265 -2.58 31.29 22.05
C SER C 265 -3.40 32.10 21.05
N GLU C 266 -3.77 33.30 21.45
CA GLU C 266 -4.51 34.17 20.54
C GLU C 266 -3.67 34.56 19.33
N SER C 267 -2.37 34.78 19.55
CA SER C 267 -1.49 35.18 18.44
C SER C 267 -1.38 34.08 17.40
N GLN C 268 -1.33 32.81 17.83
CA GLN C 268 -1.18 31.72 16.88
C GLN C 268 -2.44 31.53 16.04
N ILE C 269 -3.62 31.63 16.67
CA ILE C 269 -4.86 31.58 15.91
C ILE C 269 -4.95 32.75 14.95
N GLY C 270 -4.52 33.93 15.39
CA GLY C 270 -4.51 35.08 14.51
C GLY C 270 -3.60 34.88 13.31
N LEU C 271 -2.43 34.27 13.54
CA LEU C 271 -1.51 33.98 12.44
C LEU C 271 -2.13 32.99 11.46
N ILE C 272 -2.80 31.96 11.97
CA ILE C 272 -3.43 30.98 11.10
C ILE C 272 -4.52 31.64 10.26
N LEU C 273 -5.34 32.48 10.89
CA LEU C 273 -6.41 33.14 10.15
C LEU C 273 -5.87 34.15 9.14
N LEU C 274 -4.75 34.80 9.46
CA LEU C 274 -4.09 35.68 8.49
C LEU C 274 -3.58 34.89 7.30
N ALA C 275 -3.00 33.72 7.55
CA ALA C 275 -2.55 32.86 6.45
C ALA C 275 -3.72 32.40 5.60
N LEU C 276 -4.84 32.06 6.23
CA LEU C 276 -6.02 31.66 5.48
C LEU C 276 -6.65 32.83 4.71
N ASN C 277 -6.48 34.06 5.18
CA ASN C 277 -6.95 35.20 4.40
C ASN C 277 -6.19 35.33 3.10
N LYS C 278 -4.88 35.08 3.12
CA LYS C 278 -4.02 35.20 1.96
C LYS C 278 -3.61 33.85 1.39
N LEU C 279 -4.38 32.80 1.68
CA LEU C 279 -4.04 31.47 1.19
C LEU C 279 -4.36 31.28 -0.28
N ALA C 280 -5.44 31.90 -0.77
CA ALA C 280 -5.83 31.74 -2.16
C ALA C 280 -4.81 32.32 -3.13
N ASN C 281 -3.91 33.18 -2.65
CA ASN C 281 -2.88 33.76 -3.50
C ASN C 281 -1.82 32.74 -3.91
N GLN C 282 -1.83 31.54 -3.32
CA GLN C 282 -0.84 30.52 -3.60
C GLN C 282 -1.53 29.25 -4.09
N ARG C 283 -0.80 28.46 -4.86
CA ARG C 283 -1.34 27.24 -5.44
C ARG C 283 -1.11 26.06 -4.51
N ILE C 284 -1.95 25.04 -4.67
CA ILE C 284 -1.94 23.91 -3.73
C ILE C 284 -0.73 23.02 -3.99
N ALA C 285 -0.66 22.42 -5.18
CA ALA C 285 0.41 21.46 -5.45
C ALA C 285 0.54 21.23 -6.94
N GLY C 286 1.77 21.31 -7.44
CA GLY C 286 2.09 20.86 -8.78
C GLY C 286 1.53 21.69 -9.91
N GLY C 287 2.08 21.51 -11.11
CA GLY C 287 1.58 22.17 -12.30
C GLY C 287 1.74 23.66 -12.32
N HIS C 288 2.92 24.17 -11.91
CA HIS C 288 3.15 25.61 -11.95
C HIS C 288 3.10 26.13 -13.38
N ALA C 289 3.71 25.39 -14.31
CA ALA C 289 3.71 25.83 -15.70
C ALA C 289 2.30 25.93 -16.25
N LYS C 290 1.45 24.98 -15.90
CA LYS C 290 0.10 24.89 -16.44
C LYS C 290 -0.96 25.47 -15.51
N ASP C 291 -0.55 26.29 -14.54
CA ASP C 291 -1.46 27.01 -13.66
C ASP C 291 -2.37 26.06 -12.87
N TYR C 292 -1.85 24.89 -12.51
CA TYR C 292 -2.61 23.96 -11.69
C TYR C 292 -2.62 24.42 -10.23
N GLY C 293 -3.58 23.89 -9.48
CA GLY C 293 -3.63 24.11 -8.04
C GLY C 293 -4.38 25.35 -7.60
N ARG C 294 -4.89 26.14 -8.53
CA ARG C 294 -5.65 27.34 -8.15
C ARG C 294 -6.94 26.94 -7.47
N PHE C 295 -7.32 27.70 -6.44
CA PHE C 295 -8.50 27.36 -5.66
C PHE C 295 -9.11 28.63 -5.09
N VAL C 296 -10.35 28.50 -4.62
CA VAL C 296 -11.04 29.55 -3.88
C VAL C 296 -11.64 28.94 -2.62
N ILE C 297 -11.58 29.67 -1.52
CA ILE C 297 -12.11 29.20 -0.24
C ILE C 297 -13.60 29.50 -0.20
N GLU C 298 -14.40 28.46 0.02
CA GLU C 298 -15.84 28.63 0.10
C GLU C 298 -16.31 28.98 1.51
N ASP C 299 -15.66 28.42 2.53
CA ASP C 299 -16.05 28.66 3.91
C ASP C 299 -14.90 28.26 4.83
N VAL C 300 -14.80 28.96 5.95
CA VAL C 300 -13.86 28.63 7.02
C VAL C 300 -14.66 28.48 8.30
N ILE C 301 -14.60 27.30 8.90
CA ILE C 301 -15.37 26.98 10.09
C ILE C 301 -14.41 26.98 11.27
N LEU C 302 -14.74 27.74 12.30
CA LEU C 302 -13.85 28.00 13.43
C LEU C 302 -14.50 27.39 14.68
N ASP C 303 -14.17 26.14 14.97
CA ASP C 303 -14.76 25.39 16.09
C ASP C 303 -16.28 25.41 16.03
N GLY C 304 -16.80 25.01 14.87
CA GLY C 304 -18.23 24.93 14.65
C GLY C 304 -18.89 26.23 14.24
N GLU C 305 -18.14 27.32 14.13
CA GLU C 305 -18.68 28.63 13.77
C GLU C 305 -18.05 29.08 12.45
N SER C 306 -18.90 29.48 11.51
CA SER C 306 -18.41 29.94 10.21
C SER C 306 -17.94 31.39 10.32
N VAL C 307 -16.67 31.61 10.04
CA VAL C 307 -16.06 32.93 10.17
C VAL C 307 -15.63 33.48 8.81
N TRP C 308 -16.15 32.92 7.72
CA TRP C 308 -15.79 33.37 6.38
C TRP C 308 -16.81 34.38 5.88
N THR C 309 -16.34 35.57 5.56
CA THR C 309 -17.10 36.60 4.89
C THR C 309 -16.68 36.70 3.44
N PRO C 310 -17.45 37.39 2.59
CA PRO C 310 -17.02 37.57 1.20
C PRO C 310 -15.67 38.24 1.06
N SER C 311 -15.24 39.02 2.04
CA SER C 311 -13.95 39.71 2.00
C SER C 311 -12.89 39.05 2.86
N GLY C 312 -13.07 37.79 3.21
CA GLY C 312 -12.11 37.07 4.02
C GLY C 312 -12.67 36.71 5.39
N VAL C 313 -11.77 36.33 6.28
CA VAL C 313 -12.13 36.01 7.66
C VAL C 313 -12.33 37.32 8.40
N SER C 314 -13.59 37.66 8.68
CA SER C 314 -13.92 38.92 9.33
C SER C 314 -15.02 38.69 10.35
N GLY C 315 -15.14 39.64 11.28
CA GLY C 315 -16.16 39.58 12.29
C GLY C 315 -15.64 39.86 13.68
N GLN C 316 -16.55 40.17 14.62
CA GLN C 316 -16.14 40.41 16.00
C GLN C 316 -15.57 39.17 16.63
N ALA C 317 -16.01 37.99 16.20
CA ALA C 317 -15.51 36.75 16.78
C ALA C 317 -14.03 36.55 16.51
N THR C 318 -13.51 37.15 15.44
CA THR C 318 -12.11 37.01 15.06
C THR C 318 -11.28 38.25 15.34
N GLU C 319 -11.86 39.27 15.96
CA GLU C 319 -11.13 40.53 16.15
C GLU C 319 -9.96 40.35 17.11
N GLN C 320 -10.17 39.62 18.22
CA GLN C 320 -9.12 39.47 19.21
C GLN C 320 -7.92 38.71 18.65
N PHE C 321 -8.17 37.72 17.80
CA PHE C 321 -7.08 36.98 17.19
C PHE C 321 -6.22 37.89 16.31
N PHE C 322 -6.87 38.70 15.48
CA PHE C 322 -6.12 39.61 14.60
C PHE C 322 -5.36 40.64 15.41
N ASP C 323 -5.97 41.19 16.46
CA ASP C 323 -5.27 42.15 17.30
C ASP C 323 -4.06 41.52 17.98
N ALA C 324 -4.22 40.31 18.51
CA ALA C 324 -3.12 39.64 19.18
C ALA C 324 -1.98 39.35 18.21
N ILE C 325 -2.30 38.86 17.00
CA ILE C 325 -1.22 38.56 16.07
C ILE C 325 -0.56 39.85 15.57
N ALA C 326 -1.33 40.94 15.42
CA ALA C 326 -0.73 42.20 15.03
C ALA C 326 0.26 42.68 16.09
N GLU C 327 -0.13 42.60 17.36
CA GLU C 327 0.79 42.99 18.43
C GLU C 327 2.02 42.09 18.46
N ALA C 328 1.82 40.78 18.28
CA ALA C 328 2.95 39.85 18.29
C ALA C 328 3.92 40.14 17.15
N LEU C 329 3.39 40.42 15.96
CA LEU C 329 4.24 40.76 14.83
C LEU C 329 4.99 42.07 15.09
N ASP C 330 4.30 43.07 15.66
CA ASP C 330 4.99 44.31 16.01
C ASP C 330 6.08 44.07 17.04
N GLY C 331 5.95 43.01 17.84
CA GLY C 331 7.00 42.66 18.77
C GLY C 331 7.88 41.51 18.33
N MET C 332 7.84 41.17 17.05
CA MET C 332 8.55 40.01 16.52
C MET C 332 9.99 40.38 16.20
N THR C 333 10.94 39.65 16.77
CA THR C 333 12.35 39.86 16.52
C THR C 333 13.01 38.54 16.16
N SER C 334 14.14 38.63 15.46
CA SER C 334 14.81 37.44 14.93
C SER C 334 15.49 36.61 16.00
N SER C 335 15.58 37.10 17.23
CA SER C 335 16.29 36.36 18.27
C SER C 335 15.66 35.00 18.53
N GLU C 336 14.33 34.92 18.46
CA GLU C 336 13.66 33.63 18.64
C GLU C 336 14.07 32.65 17.55
N PHE C 337 14.09 33.09 16.30
CA PHE C 337 14.49 32.21 15.21
C PHE C 337 15.94 31.76 15.36
N GLU C 338 16.83 32.70 15.71
CA GLU C 338 18.23 32.34 15.86
C GLU C 338 18.44 31.36 17.00
N GLN C 339 17.74 31.56 18.12
CA GLN C 339 17.84 30.63 19.25
C GLN C 339 17.27 29.27 18.87
N PHE C 340 16.17 29.25 18.12
CA PHE C 340 15.57 27.99 17.71
C PHE C 340 16.50 27.20 16.80
N ALA C 341 17.14 27.88 15.85
CA ALA C 341 17.95 27.18 14.84
C ALA C 341 19.35 26.82 15.34
N ALA C 342 19.79 27.40 16.44
CA ALA C 342 21.16 27.14 16.92
C ALA C 342 21.25 25.74 17.50
N SER C 343 22.23 24.97 17.03
CA SER C 343 22.45 23.64 17.55
C SER C 343 23.03 23.68 18.95
N ALA C 344 22.66 22.70 19.77
CA ALA C 344 23.12 22.62 21.15
C ALA C 344 24.46 21.93 21.29
N LYS C 345 25.05 21.44 20.21
CA LYS C 345 26.33 20.77 20.27
C LYS C 345 27.36 21.47 19.37
N MET D 1 0.57 38.04 -11.09
CA MET D 1 -0.04 39.11 -11.86
C MET D 1 -1.09 38.56 -12.80
N GLN D 2 -2.36 38.72 -12.43
CA GLN D 2 -3.45 38.12 -13.18
C GLN D 2 -3.61 38.79 -14.53
N ILE D 3 -3.67 37.97 -15.59
CA ILE D 3 -4.02 38.42 -16.92
C ILE D 3 -5.14 37.52 -17.43
N GLU D 4 -6.24 38.13 -17.87
CA GLU D 4 -7.36 37.40 -18.44
C GLU D 4 -7.60 37.93 -19.84
N VAL D 5 -7.49 37.04 -20.83
CA VAL D 5 -7.60 37.40 -22.24
C VAL D 5 -8.88 36.79 -22.78
N LEU D 6 -9.75 37.62 -23.34
CA LEU D 6 -10.98 37.16 -23.96
C LEU D 6 -10.71 36.90 -25.44
N ILE D 7 -10.93 35.68 -25.87
CA ILE D 7 -10.57 35.24 -27.22
C ILE D 7 -11.83 34.70 -27.90
N ARG D 8 -12.13 35.22 -29.08
CA ARG D 8 -13.19 34.70 -29.92
C ARG D 8 -12.57 34.20 -31.21
N ASN D 9 -12.81 32.94 -31.54
CA ASN D 9 -12.21 32.34 -32.72
C ASN D 9 -13.15 32.52 -33.91
N ILE D 10 -12.61 33.08 -34.99
CA ILE D 10 -13.37 33.26 -36.22
C ILE D 10 -13.28 32.05 -37.14
N THR D 11 -12.52 31.02 -36.76
CA THR D 11 -12.49 29.74 -37.42
C THR D 11 -12.58 28.66 -36.35
N PRO D 12 -13.05 27.46 -36.71
CA PRO D 12 -13.10 26.38 -35.73
C PRO D 12 -11.73 26.03 -35.19
N ILE D 13 -11.70 25.66 -33.91
CA ILE D 13 -10.48 25.23 -33.23
C ILE D 13 -10.44 23.71 -33.25
N PHE D 14 -9.33 23.14 -33.70
CA PHE D 14 -9.17 21.70 -33.80
C PHE D 14 -7.96 21.28 -32.99
N SER D 15 -8.18 20.95 -31.73
CA SER D 15 -7.14 20.36 -30.87
C SER D 15 -7.46 18.88 -30.76
N ALA D 16 -6.73 18.06 -31.50
CA ALA D 16 -7.05 16.65 -31.61
C ALA D 16 -6.76 15.93 -30.29
N ALA D 17 -7.69 15.08 -29.88
CA ALA D 17 -7.51 14.28 -28.68
C ALA D 17 -6.81 12.98 -29.03
N PRO D 18 -5.76 12.60 -28.29
CA PRO D 18 -5.06 11.36 -28.61
C PRO D 18 -5.96 10.14 -28.49
N GLY D 19 -5.72 9.17 -29.36
CA GLY D 19 -6.52 7.95 -29.37
C GLY D 19 -7.33 7.79 -30.64
N SER D 20 -7.78 6.58 -30.91
CA SER D 20 -8.54 6.27 -32.11
C SER D 20 -10.01 6.12 -31.72
N TYR D 21 -10.85 6.99 -32.25
CA TYR D 21 -12.28 6.93 -32.05
C TYR D 21 -12.97 6.79 -33.40
N TYR D 22 -14.13 6.15 -33.41
CA TYR D 22 -14.85 5.87 -34.63
C TYR D 22 -16.25 6.48 -34.57
N VAL D 23 -16.72 6.97 -35.71
CA VAL D 23 -18.02 7.61 -35.82
C VAL D 23 -18.76 6.99 -37.00
N SER D 24 -20.07 6.82 -36.84
CA SER D 24 -20.88 6.33 -37.94
C SER D 24 -21.11 7.45 -38.96
N LEU D 25 -21.86 7.13 -40.01
CA LEU D 25 -22.16 8.12 -41.04
C LEU D 25 -23.21 9.12 -40.61
N ASP D 26 -23.91 8.87 -39.50
CA ASP D 26 -24.93 9.78 -39.00
C ASP D 26 -24.47 10.56 -37.79
N GLY D 27 -23.16 10.56 -37.50
CA GLY D 27 -22.63 11.31 -36.38
C GLY D 27 -22.58 10.56 -35.06
N THR D 28 -23.03 9.31 -35.02
CA THR D 28 -22.99 8.54 -33.78
C THR D 28 -21.55 8.21 -33.43
N ILE D 29 -21.06 8.77 -32.33
CA ILE D 29 -19.70 8.53 -31.88
C ILE D 29 -19.63 7.16 -31.23
N ASN D 30 -18.62 6.38 -31.61
CA ASN D 30 -18.47 5.00 -31.17
C ASN D 30 -19.76 4.18 -31.44
N PRO D 31 -20.14 4.03 -32.71
CA PRO D 31 -21.37 3.31 -33.02
C PRO D 31 -21.22 1.83 -32.79
N PRO D 32 -22.31 1.11 -32.58
CA PRO D 32 -22.21 -0.34 -32.38
C PRO D 32 -21.68 -1.03 -33.62
N GLN D 33 -20.99 -2.15 -33.41
CA GLN D 33 -20.37 -2.88 -34.49
C GLN D 33 -21.42 -3.43 -35.46
N GLY D 34 -21.04 -3.51 -36.73
CA GLY D 34 -21.93 -4.01 -37.75
C GLY D 34 -22.22 -2.97 -38.83
N ALA D 35 -22.41 -1.72 -38.43
CA ALA D 35 -22.62 -0.64 -39.37
C ALA D 35 -21.29 -0.04 -39.79
N SER D 36 -21.35 0.86 -40.77
CA SER D 36 -20.15 1.55 -41.22
C SER D 36 -19.57 2.39 -40.08
N ARG D 37 -18.26 2.29 -39.88
CA ARG D 37 -17.58 2.94 -38.76
C ARG D 37 -16.31 3.61 -39.29
N PHE D 38 -16.36 4.92 -39.44
CA PHE D 38 -15.21 5.67 -39.92
C PHE D 38 -14.44 6.29 -38.76
N PRO D 39 -13.12 6.36 -38.85
CA PRO D 39 -12.34 6.92 -37.74
C PRO D 39 -12.67 8.38 -37.51
N LEU D 40 -12.71 8.77 -36.23
CA LEU D 40 -13.05 10.12 -35.82
C LEU D 40 -11.95 10.65 -34.91
N THR D 41 -11.38 11.79 -35.27
CA THR D 41 -10.38 12.46 -34.44
C THR D 41 -11.11 13.46 -33.55
N ARG D 42 -11.32 13.10 -32.29
CA ARG D 42 -12.10 13.92 -31.39
C ARG D 42 -11.35 15.20 -31.03
N ALA D 43 -12.12 16.21 -30.64
CA ALA D 43 -11.53 17.44 -30.11
C ALA D 43 -11.17 17.26 -28.65
N ARG D 44 -10.10 17.92 -28.23
CA ARG D 44 -9.67 17.85 -26.85
C ARG D 44 -10.77 18.30 -25.92
N THR D 45 -11.01 17.51 -24.88
CA THR D 45 -12.01 17.81 -23.88
C THR D 45 -11.43 17.57 -22.49
N MET D 46 -11.91 18.35 -21.52
CA MET D 46 -11.54 18.17 -20.13
C MET D 46 -12.81 18.03 -19.31
N THR D 47 -12.92 16.94 -18.56
CA THR D 47 -14.08 16.77 -17.68
C THR D 47 -13.98 17.77 -16.53
N VAL D 48 -15.06 18.51 -16.32
CA VAL D 48 -15.11 19.52 -15.27
C VAL D 48 -16.42 19.39 -14.53
N VAL D 49 -16.44 19.89 -13.30
CA VAL D 49 -17.63 19.85 -12.47
C VAL D 49 -18.45 21.09 -12.75
N ALA D 50 -19.74 20.91 -13.02
CA ALA D 50 -20.61 22.02 -13.38
C ALA D 50 -22.02 21.75 -12.89
N GLU D 51 -22.79 22.83 -12.76
CA GLU D 51 -24.20 22.74 -12.44
C GLU D 51 -25.01 22.98 -13.71
N THR D 52 -25.93 22.06 -14.01
CA THR D 52 -26.78 22.17 -15.18
C THR D 52 -28.09 22.90 -14.89
N GLY D 53 -28.20 23.56 -13.74
CA GLY D 53 -29.41 24.27 -13.36
C GLY D 53 -30.22 23.59 -12.28
N ASP D 54 -29.92 22.34 -11.96
CA ASP D 54 -30.65 21.60 -10.93
C ASP D 54 -30.00 21.72 -9.56
N GLY D 55 -28.90 22.45 -9.44
CA GLY D 55 -28.27 22.68 -8.16
C GLY D 55 -27.30 21.61 -7.70
N VAL D 56 -27.14 20.53 -8.46
CA VAL D 56 -26.21 19.48 -8.10
C VAL D 56 -24.99 19.56 -9.01
N ALA D 57 -23.88 19.03 -8.53
CA ALA D 57 -22.61 19.11 -9.21
C ALA D 57 -22.28 17.79 -9.87
N LYS D 58 -21.98 17.82 -11.16
CA LYS D 58 -21.63 16.63 -11.92
C LYS D 58 -20.47 16.94 -12.85
N ALA D 59 -19.70 15.91 -13.17
CA ALA D 59 -18.55 16.07 -14.05
C ALA D 59 -19.01 15.97 -15.50
N VAL D 60 -18.73 17.00 -16.29
CA VAL D 60 -19.14 17.05 -17.69
C VAL D 60 -17.93 17.34 -18.56
N PRO D 61 -17.85 16.80 -19.77
CA PRO D 61 -16.70 17.07 -20.63
C PRO D 61 -16.83 18.42 -21.31
N LEU D 62 -15.78 19.23 -21.19
CA LEU D 62 -15.76 20.58 -21.75
C LEU D 62 -14.67 20.67 -22.82
N PRO D 63 -15.00 21.01 -24.06
CA PRO D 63 -13.98 21.12 -25.10
C PRO D 63 -13.08 22.32 -24.85
N ILE D 64 -11.79 22.05 -24.65
CA ILE D 64 -10.81 23.07 -24.30
C ILE D 64 -9.66 23.02 -25.28
N VAL D 65 -8.77 23.99 -25.15
CA VAL D 65 -7.44 23.98 -25.77
C VAL D 65 -6.43 23.76 -24.66
N PRO D 66 -5.60 22.72 -24.72
CA PRO D 66 -4.73 22.40 -23.59
C PRO D 66 -3.81 23.56 -23.23
N GLY D 67 -3.55 23.70 -21.94
CA GLY D 67 -2.77 24.83 -21.47
C GLY D 67 -1.34 24.82 -21.96
N ASN D 68 -0.77 23.64 -22.18
CA ASN D 68 0.59 23.56 -22.69
C ASN D 68 0.65 24.06 -24.12
N THR D 69 -0.40 23.79 -24.91
CA THR D 69 -0.47 24.33 -26.26
C THR D 69 -0.48 25.86 -26.25
N MET D 70 -1.26 26.45 -25.35
CA MET D 70 -1.33 27.91 -25.29
C MET D 70 -0.03 28.50 -24.74
N ARG D 71 0.61 27.81 -23.80
CA ARG D 71 1.90 28.27 -23.30
C ARG D 71 2.95 28.27 -24.41
N ASN D 72 2.96 27.21 -25.23
CA ASN D 72 3.88 27.18 -26.35
C ASN D 72 3.51 28.21 -27.41
N LEU D 73 2.22 28.49 -27.59
CA LEU D 73 1.82 29.56 -28.50
C LEU D 73 2.37 30.90 -28.04
N LEU D 74 2.27 31.19 -26.74
CA LEU D 74 2.83 32.42 -26.22
C LEU D 74 4.35 32.46 -26.39
N ARG D 75 5.02 31.34 -26.09
CA ARG D 75 6.47 31.30 -26.22
C ARG D 75 6.90 31.53 -27.67
N ARG D 76 6.23 30.86 -28.61
CA ARG D 76 6.58 31.02 -30.01
C ARG D 76 6.30 32.43 -30.49
N THR D 77 5.19 33.03 -30.06
CA THR D 77 4.94 34.42 -30.42
C THR D 77 6.05 35.33 -29.93
N MET D 78 6.38 35.23 -28.65
CA MET D 78 7.43 36.08 -28.07
C MET D 78 8.74 35.92 -28.84
N LEU D 79 9.17 34.67 -29.04
CA LEU D 79 10.42 34.43 -29.75
C LEU D 79 10.36 34.96 -31.18
N LYS D 80 9.46 34.40 -32.00
CA LYS D 80 9.46 34.67 -33.42
C LYS D 80 9.14 36.13 -33.76
N ASP D 81 8.46 36.86 -32.87
CA ASP D 81 8.03 38.20 -33.22
C ASP D 81 8.67 39.32 -32.44
N VAL D 82 9.30 39.04 -31.29
CA VAL D 82 9.86 40.07 -30.42
C VAL D 82 11.34 39.86 -30.18
N ILE D 83 11.73 38.65 -29.80
CA ILE D 83 13.10 38.40 -29.38
C ILE D 83 14.01 38.01 -30.55
N GLU D 84 13.50 37.21 -31.49
CA GLU D 84 14.29 36.89 -32.67
C GLU D 84 14.64 38.13 -33.49
N PRO D 85 13.71 39.04 -33.81
CA PRO D 85 14.12 40.28 -34.48
C PRO D 85 15.09 41.11 -33.65
N ALA D 86 14.94 41.12 -32.33
CA ALA D 86 15.85 41.88 -31.48
C ALA D 86 17.26 41.32 -31.56
N LEU D 87 17.40 39.99 -31.57
CA LEU D 87 18.71 39.38 -31.70
C LEU D 87 19.27 39.57 -33.10
N ARG D 88 18.41 39.56 -34.12
CA ARG D 88 18.89 39.77 -35.49
C ARG D 88 19.37 41.20 -35.70
N ASP D 89 18.74 42.17 -35.03
CA ASP D 89 19.18 43.56 -35.17
C ASP D 89 20.61 43.74 -34.68
N LYS D 90 20.97 43.08 -33.59
CA LYS D 90 22.34 43.08 -33.11
C LYS D 90 23.21 42.06 -33.82
N SER D 91 22.65 41.30 -34.76
CA SER D 91 23.35 40.23 -35.45
C SER D 91 23.93 39.21 -34.47
N ALA D 92 23.12 38.84 -33.48
CA ALA D 92 23.50 37.85 -32.49
C ALA D 92 22.90 36.50 -32.87
N GLN D 93 23.71 35.45 -32.74
CA GLN D 93 23.32 34.11 -33.13
C GLN D 93 23.29 33.21 -31.91
N LEU D 94 22.21 32.45 -31.76
CA LEU D 94 22.11 31.46 -30.70
C LEU D 94 22.63 30.13 -31.22
N SER D 95 23.37 29.42 -30.38
CA SER D 95 23.83 28.10 -30.77
C SER D 95 22.64 27.16 -30.92
N ILE D 96 22.89 25.98 -31.49
CA ILE D 96 21.82 25.04 -31.75
C ILE D 96 21.16 24.60 -30.45
N GLY D 97 21.97 24.33 -29.42
CA GLY D 97 21.41 23.97 -28.13
C GLY D 97 20.67 25.11 -27.47
N ALA D 98 21.20 26.33 -27.58
CA ALA D 98 20.51 27.49 -27.03
C ALA D 98 19.18 27.73 -27.74
N TYR D 99 19.15 27.57 -29.06
CA TYR D 99 17.89 27.67 -29.80
C TYR D 99 16.90 26.61 -29.33
N ALA D 100 17.36 25.37 -29.16
CA ALA D 100 16.47 24.31 -28.69
C ALA D 100 15.94 24.61 -27.30
N THR D 101 16.78 25.14 -26.41
CA THR D 101 16.35 25.46 -25.06
C THR D 101 15.37 26.62 -25.05
N ALA D 102 15.59 27.61 -25.92
CA ALA D 102 14.66 28.74 -25.99
C ALA D 102 13.31 28.32 -26.55
N TYR D 103 13.28 27.37 -27.49
CA TYR D 103 12.03 27.01 -28.13
C TYR D 103 11.30 25.85 -27.48
N ALA D 104 11.97 25.05 -26.66
CA ALA D 104 11.30 23.91 -26.03
C ALA D 104 11.68 23.73 -24.56
N GLY D 105 12.35 24.69 -23.95
CA GLY D 105 12.69 24.60 -22.55
C GLY D 105 13.91 23.77 -22.22
N ASN D 106 14.38 22.95 -23.15
CA ASN D 106 15.56 22.13 -22.93
C ASN D 106 16.08 21.65 -24.28
N SER D 107 17.36 21.30 -24.30
CA SER D 107 18.01 20.84 -25.53
C SER D 107 18.09 19.32 -25.63
N SER D 108 18.08 18.62 -24.51
CA SER D 108 18.12 17.16 -24.49
C SER D 108 17.10 16.65 -23.51
N GLY D 109 16.82 15.36 -23.58
CA GLY D 109 15.86 14.76 -22.69
C GLY D 109 16.38 14.37 -21.33
N ASN D 110 17.68 14.55 -21.08
CA ASN D 110 18.27 14.15 -19.81
C ASN D 110 18.53 15.39 -18.97
N PRO D 111 17.84 15.58 -17.85
CA PRO D 111 18.11 16.73 -16.99
C PRO D 111 19.48 16.63 -16.34
N ASP D 112 20.03 17.80 -16.00
CA ASP D 112 21.34 17.84 -15.37
C ASP D 112 21.33 17.15 -14.01
N GLY D 113 20.29 17.41 -13.21
CA GLY D 113 20.16 16.80 -11.90
C GLY D 113 20.81 17.56 -10.76
N VAL D 114 21.55 18.62 -11.05
CA VAL D 114 22.23 19.39 -10.01
C VAL D 114 21.59 20.78 -9.93
N PRO D 115 21.62 21.44 -8.77
CA PRO D 115 21.07 22.80 -8.69
C PRO D 115 21.99 23.82 -9.34
N SER D 116 21.42 24.99 -9.59
CA SER D 116 22.17 26.12 -10.13
C SER D 116 22.57 27.06 -9.00
N SER D 117 23.67 27.79 -9.22
CA SER D 117 24.10 28.78 -8.25
C SER D 117 23.06 29.90 -8.16
N PHE D 118 22.98 30.52 -6.98
CA PHE D 118 21.97 31.54 -6.75
C PHE D 118 22.14 32.72 -7.69
N ASP D 119 23.39 33.08 -8.01
CA ASP D 119 23.63 34.16 -8.96
C ASP D 119 23.06 33.81 -10.33
N GLU D 120 23.28 32.59 -10.80
CA GLU D 120 22.69 32.16 -12.05
C GLU D 120 21.17 32.16 -11.99
N ILE D 121 20.61 31.72 -10.87
CA ILE D 121 19.15 31.67 -10.74
C ILE D 121 18.55 33.06 -10.84
N VAL D 122 19.14 34.03 -10.14
CA VAL D 122 18.60 35.39 -10.19
C VAL D 122 18.82 36.01 -11.56
N THR D 123 19.96 35.72 -12.20
CA THR D 123 20.22 36.26 -13.53
C THR D 123 19.20 35.76 -14.53
N MET D 124 18.86 34.46 -14.49
CA MET D 124 17.90 33.93 -15.44
C MET D 124 16.47 34.34 -15.09
N ARG D 125 16.14 34.39 -13.81
CA ARG D 125 14.78 34.77 -13.43
C ARG D 125 14.53 36.26 -13.62
N ALA D 126 15.57 37.07 -13.71
CA ALA D 126 15.43 38.47 -14.10
C ALA D 126 15.41 38.66 -15.61
N HIS D 127 15.77 37.64 -16.37
CA HIS D 127 15.75 37.75 -17.82
C HIS D 127 14.31 37.89 -18.32
N PRO D 128 14.08 38.73 -19.33
CA PRO D 128 12.70 38.93 -19.82
C PRO D 128 12.06 37.65 -20.35
N PHE D 129 12.83 36.76 -20.98
CA PHE D 129 12.27 35.55 -21.56
C PHE D 129 12.49 34.32 -20.67
N LEU D 130 13.75 34.00 -20.37
CA LEU D 130 14.05 32.78 -19.63
C LEU D 130 13.45 32.81 -18.23
N GLY D 131 13.25 34.01 -17.66
CA GLY D 131 12.59 34.09 -16.38
C GLY D 131 11.13 33.68 -16.45
N LEU D 132 10.46 34.03 -17.55
CA LEU D 132 9.04 33.69 -17.68
C LEU D 132 8.82 32.19 -17.73
N PHE D 133 9.66 31.48 -18.49
CA PHE D 133 9.42 30.06 -18.79
C PHE D 133 10.30 29.13 -17.96
N GLY D 134 11.60 29.37 -17.91
CA GLY D 134 12.46 28.53 -17.11
C GLY D 134 12.86 27.25 -17.82
N GLY D 135 13.07 26.19 -17.05
CA GLY D 135 13.54 24.95 -17.62
C GLY D 135 15.05 24.90 -17.72
N GLY D 136 15.56 24.39 -18.84
CA GLY D 136 16.98 24.28 -19.04
C GLY D 136 17.53 23.00 -18.45
N PRO D 137 18.84 22.81 -18.53
CA PRO D 137 19.47 21.61 -17.97
C PRO D 137 19.20 21.47 -16.48
N ARG D 138 19.61 22.48 -15.72
CA ARG D 138 19.29 22.56 -14.30
C ARG D 138 17.95 23.25 -14.19
N MET D 139 16.91 22.48 -13.89
CA MET D 139 15.54 22.92 -14.08
C MET D 139 15.24 24.17 -13.25
N LEU D 140 14.68 25.17 -13.92
CA LEU D 140 14.43 26.47 -13.32
C LEU D 140 12.93 26.74 -13.31
N GLN D 141 12.45 27.36 -12.24
CA GLN D 141 11.04 27.67 -12.12
C GLN D 141 10.74 28.96 -12.87
N GLY D 142 9.87 28.87 -13.87
CA GLY D 142 9.45 30.06 -14.57
C GLY D 142 8.43 30.86 -13.80
N ARG D 143 8.29 32.12 -14.18
CA ARG D 143 7.33 33.01 -13.55
C ARG D 143 5.95 32.94 -14.18
N LEU D 144 5.76 32.15 -15.23
CA LEU D 144 4.54 32.15 -16.02
C LEU D 144 3.65 30.97 -15.61
N MET D 145 2.41 31.28 -15.26
CA MET D 145 1.37 30.27 -15.01
C MET D 145 0.35 30.42 -16.14
N VAL D 146 0.57 29.71 -17.24
CA VAL D 146 -0.33 29.76 -18.38
C VAL D 146 -1.36 28.66 -18.23
N ASP D 147 -2.64 29.06 -18.21
CA ASP D 147 -3.73 28.12 -18.05
C ASP D 147 -4.30 27.73 -19.41
N SER D 148 -5.23 26.78 -19.38
CA SER D 148 -5.88 26.33 -20.60
C SER D 148 -6.84 27.40 -21.12
N LEU D 149 -7.31 27.18 -22.33
CA LEU D 149 -8.29 28.06 -22.95
C LEU D 149 -9.68 27.50 -22.70
N TYR D 150 -10.45 28.17 -21.84
CA TYR D 150 -11.75 27.68 -21.44
C TYR D 150 -12.83 28.42 -22.20
N PRO D 151 -13.70 27.72 -22.94
CA PRO D 151 -14.81 28.41 -23.59
C PRO D 151 -15.75 28.99 -22.56
N ILE D 152 -16.35 30.14 -22.89
CA ILE D 152 -17.36 30.74 -22.02
C ILE D 152 -18.64 29.96 -22.25
N HIS D 153 -18.91 29.02 -21.35
CA HIS D 153 -20.00 28.06 -21.49
C HIS D 153 -20.67 27.91 -20.13
N GLN D 154 -21.89 27.37 -20.13
CA GLN D 154 -22.55 27.12 -18.86
C GLN D 154 -21.81 26.06 -18.04
N PHE D 155 -20.97 25.25 -18.67
CA PHE D 155 -20.22 24.23 -17.97
C PHE D 155 -18.95 24.76 -17.32
N SER D 156 -18.39 25.86 -17.81
CA SER D 156 -17.18 26.43 -17.24
C SER D 156 -17.47 27.53 -16.23
N GLN D 157 -18.73 27.84 -15.96
CA GLN D 157 -19.04 28.90 -15.00
C GLN D 157 -18.55 28.57 -13.61
N ARG D 158 -18.51 27.29 -13.25
CA ARG D 158 -17.96 26.90 -11.96
C ARG D 158 -16.45 27.08 -11.90
N ILE D 159 -15.79 27.34 -13.03
CA ILE D 159 -14.35 27.55 -13.10
C ILE D 159 -14.02 29.01 -13.36
N ILE D 160 -14.42 29.53 -14.52
CA ILE D 160 -14.04 30.88 -14.89
C ILE D 160 -14.75 31.92 -14.03
N GLY D 161 -15.97 31.63 -13.61
CA GLY D 161 -16.77 32.55 -12.83
C GLY D 161 -18.02 32.97 -13.57
N SER D 162 -18.68 33.98 -13.02
CA SER D 162 -19.90 34.52 -13.63
C SER D 162 -19.69 35.94 -14.16
N ASP D 163 -18.44 36.42 -14.20
CA ASP D 163 -18.19 37.75 -14.73
C ASP D 163 -18.53 37.83 -16.21
N TYR D 164 -18.26 36.75 -16.96
CA TYR D 164 -18.51 36.69 -18.39
C TYR D 164 -19.77 35.93 -18.74
N ILE D 165 -20.78 35.97 -17.86
CA ILE D 165 -22.00 35.22 -18.08
C ILE D 165 -22.77 35.72 -19.29
N ASN D 166 -22.47 36.92 -19.77
CA ASN D 166 -23.16 37.47 -20.93
C ASN D 166 -22.71 36.83 -22.24
N ASP D 167 -21.53 36.21 -22.26
CA ASP D 167 -21.00 35.56 -23.46
C ASP D 167 -21.20 34.04 -23.44
N SER D 168 -21.96 33.53 -22.48
CA SER D 168 -22.09 32.09 -22.33
C SER D 168 -22.96 31.50 -23.43
N ILE D 169 -22.72 30.22 -23.73
CA ILE D 169 -23.51 29.46 -24.69
C ILE D 169 -23.98 28.19 -23.98
N LYS D 170 -25.25 27.85 -24.16
CA LYS D 170 -25.84 26.76 -23.40
C LYS D 170 -25.68 25.41 -24.09
N GLY D 171 -25.75 25.36 -25.41
CA GLY D 171 -25.71 24.11 -26.14
C GLY D 171 -24.29 23.60 -26.37
N GLY D 172 -24.21 22.56 -27.18
CA GLY D 172 -22.91 22.04 -27.56
C GLY D 172 -22.20 22.94 -28.55
N ILE D 173 -20.88 22.86 -28.55
CA ILE D 173 -20.08 23.76 -29.38
C ILE D 173 -19.09 22.98 -30.23
N THR D 174 -19.38 21.71 -30.48
CA THR D 174 -18.54 20.86 -31.30
C THR D 174 -19.32 20.37 -32.52
N GLU D 175 -18.58 20.03 -33.58
CA GLU D 175 -19.20 19.57 -34.80
C GLU D 175 -18.28 18.59 -35.52
N ILE D 176 -18.87 17.59 -36.15
CA ILE D 176 -18.14 16.64 -36.96
C ILE D 176 -17.93 17.22 -38.34
N VAL D 177 -16.68 17.27 -38.79
CA VAL D 177 -16.33 17.72 -40.13
C VAL D 177 -15.77 16.53 -40.89
N TRP D 178 -16.41 16.20 -42.01
CA TRP D 178 -16.08 15.02 -42.80
C TRP D 178 -15.04 15.38 -43.86
N THR D 179 -13.96 14.60 -43.91
CA THR D 179 -12.90 14.78 -44.90
C THR D 179 -12.83 13.52 -45.76
N ARG D 180 -12.28 13.68 -46.96
CA ARG D 180 -12.16 12.56 -47.89
C ARG D 180 -10.76 12.47 -48.49
N ARG D 181 -10.57 11.56 -49.43
CA ARG D 181 -9.35 11.48 -50.22
C ARG D 181 -9.67 10.66 -51.46
N ASN D 182 -9.75 11.31 -52.62
CA ASN D 182 -9.92 10.58 -53.87
C ASN D 182 -8.58 10.28 -54.51
N ASP D 183 -8.51 9.14 -55.19
CA ASP D 183 -7.27 8.75 -55.83
C ASP D 183 -7.04 9.61 -57.07
N PRO D 184 -5.83 10.14 -57.26
CA PRO D 184 -5.58 10.93 -58.48
C PRO D 184 -5.72 10.13 -59.76
N ILE D 185 -5.12 8.94 -59.81
CA ILE D 185 -5.19 8.12 -61.02
C ILE D 185 -6.62 7.68 -61.30
N LEU D 186 -7.42 7.43 -60.25
CA LEU D 186 -8.79 7.00 -60.45
C LEU D 186 -9.64 8.07 -61.14
N GLN D 187 -9.17 9.31 -61.19
CA GLN D 187 -9.88 10.38 -61.90
C GLN D 187 -9.46 10.50 -63.36
N LEU D 188 -8.46 9.74 -63.80
CA LEU D 188 -8.01 9.80 -65.18
C LEU D 188 -8.93 8.96 -66.06
N GLY D 189 -9.50 9.59 -67.08
CA GLY D 189 -10.45 8.91 -67.94
C GLY D 189 -10.17 9.05 -69.43
N SER D 190 -9.20 9.88 -69.79
CA SER D 190 -8.86 10.12 -71.18
C SER D 190 -7.35 10.01 -71.37
N PRO D 191 -6.90 9.53 -72.53
CA PRO D 191 -5.46 9.35 -72.74
C PRO D 191 -4.66 10.64 -72.68
N ASP D 192 -5.23 11.76 -73.11
CA ASP D 192 -4.49 13.02 -73.11
C ASP D 192 -4.27 13.57 -71.70
N ASP D 193 -5.08 13.14 -70.73
CA ASP D 193 -4.90 13.63 -69.35
C ASP D 193 -3.56 13.18 -68.78
N ALA D 194 -3.17 11.94 -69.04
CA ALA D 194 -1.95 11.37 -68.47
C ALA D 194 -0.74 11.55 -69.37
N ALA D 195 -0.74 12.57 -70.22
CA ALA D 195 0.41 12.80 -71.10
C ALA D 195 1.66 13.16 -70.33
N VAL D 196 1.52 13.63 -69.09
CA VAL D 196 2.70 13.99 -68.29
C VAL D 196 3.29 12.77 -67.62
N ILE D 197 2.48 11.75 -67.35
CA ILE D 197 2.96 10.56 -66.65
C ILE D 197 3.91 9.78 -67.55
N GLU D 198 4.97 9.25 -66.95
CA GLU D 198 5.93 8.41 -67.68
C GLU D 198 5.24 7.15 -68.18
N GLY D 199 5.02 7.07 -69.48
CA GLY D 199 4.30 5.96 -70.08
C GLY D 199 2.81 6.16 -70.16
N GLY D 200 2.26 7.13 -69.43
CA GLY D 200 0.86 7.46 -69.51
C GLY D 200 -0.10 6.33 -69.22
N ALA D 201 -0.76 5.84 -70.27
CA ALA D 201 -1.77 4.81 -70.10
C ALA D 201 -1.19 3.54 -69.50
N GLN D 202 -0.01 3.13 -69.97
CA GLN D 202 0.60 1.91 -69.46
C GLN D 202 0.88 2.02 -67.96
N ALA D 203 1.48 3.13 -67.54
CA ALA D 203 1.78 3.32 -66.12
C ALA D 203 0.52 3.40 -65.27
N ALA D 204 -0.49 4.13 -65.75
CA ALA D 204 -1.73 4.25 -64.99
C ALA D 204 -2.41 2.89 -64.84
N ASN D 205 -2.47 2.12 -65.93
CA ASN D 205 -3.10 0.81 -65.86
C ASN D 205 -2.31 -0.15 -64.98
N ASP D 206 -0.98 -0.07 -65.02
CA ASP D 206 -0.17 -0.89 -64.12
C ASP D 206 -0.44 -0.53 -62.67
N TRP D 207 -0.53 0.76 -62.37
CA TRP D 207 -0.74 1.18 -60.99
C TRP D 207 -2.11 0.74 -60.49
N ILE D 208 -3.15 0.90 -61.31
CA ILE D 208 -4.47 0.47 -60.88
C ILE D 208 -4.58 -1.05 -60.82
N THR D 209 -3.82 -1.76 -61.67
CA THR D 209 -3.75 -3.21 -61.54
C THR D 209 -3.12 -3.63 -60.22
N SER D 210 -2.06 -2.92 -59.81
CA SER D 210 -1.47 -3.18 -58.49
C SER D 210 -2.46 -2.87 -57.38
N LEU D 211 -3.25 -1.80 -57.54
CA LEU D 211 -4.27 -1.47 -56.55
C LEU D 211 -5.30 -2.60 -56.44
N LEU D 212 -5.74 -3.13 -57.59
CA LEU D 212 -6.69 -4.25 -57.57
C LEU D 212 -6.06 -5.49 -56.93
N ALA D 213 -4.77 -5.72 -57.21
CA ALA D 213 -4.09 -6.87 -56.63
C ALA D 213 -4.00 -6.78 -55.12
N THR D 214 -3.70 -5.58 -54.60
CA THR D 214 -3.64 -5.41 -53.15
C THR D 214 -5.02 -5.25 -52.52
N THR D 215 -6.06 -5.04 -53.32
CA THR D 215 -7.42 -4.92 -52.82
C THR D 215 -8.15 -6.27 -52.75
N LYS D 216 -7.62 -7.30 -53.40
CA LYS D 216 -8.31 -8.58 -53.46
C LYS D 216 -8.47 -9.21 -52.09
N ALA D 217 -7.60 -8.87 -51.14
CA ALA D 217 -7.66 -9.44 -49.80
C ALA D 217 -8.68 -8.66 -48.96
N LYS D 218 -9.75 -9.33 -48.57
CA LYS D 218 -10.78 -8.73 -47.72
C LYS D 218 -10.68 -9.17 -46.28
N LYS D 219 -10.67 -10.49 -46.03
CA LYS D 219 -10.59 -11.03 -44.68
C LYS D 219 -9.71 -12.28 -44.71
N GLY D 220 -9.18 -12.62 -43.54
CA GLY D 220 -8.33 -13.78 -43.39
C GLY D 220 -9.08 -15.01 -42.93
N ASP D 235 -2.34 -2.31 -43.71
CA ASP D 235 -1.01 -2.91 -43.86
C ASP D 235 -0.11 -2.03 -44.73
N ASN D 236 0.90 -2.65 -45.32
CA ASN D 236 1.79 -1.93 -46.22
C ASN D 236 1.06 -1.54 -47.50
N GLY D 237 1.33 -0.32 -47.97
CA GLY D 237 0.68 0.19 -49.16
C GLY D 237 -0.82 0.30 -49.02
N ARG D 238 -1.29 1.19 -48.14
CA ARG D 238 -2.72 1.35 -47.92
C ARG D 238 -3.44 1.85 -49.16
N GLY D 239 -2.87 2.82 -49.84
CA GLY D 239 -3.50 3.39 -51.02
C GLY D 239 -4.13 4.74 -50.73
N LEU D 240 -4.17 5.58 -51.76
CA LEU D 240 -4.64 6.96 -51.63
C LEU D 240 -6.16 6.96 -51.73
N LYS D 241 -6.81 6.57 -50.64
CA LYS D 241 -8.26 6.57 -50.56
C LYS D 241 -8.66 6.54 -49.09
N ALA D 242 -9.56 7.43 -48.70
CA ALA D 242 -9.98 7.50 -47.30
C ALA D 242 -11.26 8.32 -47.21
N PHE D 243 -12.08 7.99 -46.22
CA PHE D 243 -13.21 8.82 -45.81
C PHE D 243 -13.30 8.76 -44.30
N ASN D 244 -12.71 9.74 -43.64
CA ASN D 244 -12.70 9.83 -42.19
C ASN D 244 -13.37 11.15 -41.77
N ALA D 245 -13.31 11.44 -40.48
CA ALA D 245 -13.92 12.65 -39.96
C ALA D 245 -13.12 13.15 -38.77
N HIS D 246 -13.27 14.43 -38.47
CA HIS D 246 -12.68 15.01 -37.27
C HIS D 246 -13.69 15.95 -36.63
N GLU D 247 -13.52 16.15 -35.33
CA GLU D 247 -14.42 16.96 -34.53
C GLU D 247 -13.75 18.30 -34.23
N VAL D 248 -14.48 19.39 -34.45
CA VAL D 248 -13.95 20.72 -34.24
C VAL D 248 -14.89 21.51 -33.35
N VAL D 249 -14.30 22.34 -32.49
CA VAL D 249 -15.09 23.30 -31.73
C VAL D 249 -15.61 24.36 -32.71
N ILE D 250 -16.92 24.57 -32.70
CA ILE D 250 -17.53 25.39 -33.74
C ILE D 250 -17.02 26.83 -33.66
N ALA D 251 -17.20 27.55 -34.75
CA ALA D 251 -16.68 28.91 -34.87
C ALA D 251 -17.57 29.91 -34.14
N GLY D 252 -16.95 30.99 -33.67
CA GLY D 252 -17.66 32.06 -33.01
C GLY D 252 -17.72 31.97 -31.51
N VAL D 253 -17.34 30.84 -30.90
CA VAL D 253 -17.43 30.71 -29.46
C VAL D 253 -16.37 31.55 -28.77
N LYS D 254 -16.76 32.22 -27.69
CA LYS D 254 -15.87 33.09 -26.95
C LYS D 254 -15.18 32.31 -25.84
N TRP D 255 -13.88 32.48 -25.71
CA TRP D 255 -13.06 31.75 -24.76
C TRP D 255 -12.52 32.71 -23.70
N LEU D 256 -11.92 32.12 -22.67
CA LEU D 256 -11.20 32.87 -21.66
C LEU D 256 -9.85 32.22 -21.45
N TRP D 257 -8.79 33.02 -21.55
CA TRP D 257 -7.43 32.57 -21.29
C TRP D 257 -6.91 33.33 -20.08
N ARG D 258 -6.41 32.60 -19.09
CA ARG D 258 -5.94 33.18 -17.84
C ARG D 258 -4.44 32.95 -17.73
N ILE D 259 -3.69 34.04 -17.57
CA ILE D 259 -2.25 34.00 -17.41
C ILE D 259 -1.91 34.65 -16.08
N ASN D 260 -1.25 33.92 -15.20
CA ASN D 260 -0.81 34.43 -13.92
C ASN D 260 0.71 34.41 -13.89
N VAL D 261 1.31 35.50 -13.44
CA VAL D 261 2.75 35.65 -13.46
C VAL D 261 3.22 35.92 -12.03
N ASP D 262 4.27 35.20 -11.62
CA ASP D 262 4.75 35.25 -10.24
C ASP D 262 5.75 36.40 -10.09
N ARG D 263 5.26 37.55 -9.64
CA ARG D 263 6.07 38.72 -9.31
C ARG D 263 7.01 39.10 -10.46
N PRO D 264 6.48 39.69 -11.53
CA PRO D 264 7.32 40.01 -12.68
C PRO D 264 7.93 41.40 -12.61
N SER D 265 9.03 41.55 -13.33
CA SER D 265 9.55 42.88 -13.61
C SER D 265 8.75 43.50 -14.74
N GLU D 266 8.91 44.82 -14.90
CA GLU D 266 8.15 45.52 -15.93
C GLU D 266 8.56 45.07 -17.33
N SER D 267 9.81 44.64 -17.50
CA SER D 267 10.24 44.14 -18.81
C SER D 267 9.49 42.86 -19.19
N GLN D 268 9.29 41.95 -18.24
CA GLN D 268 8.57 40.72 -18.55
C GLN D 268 7.10 41.00 -18.85
N ILE D 269 6.49 41.92 -18.11
CA ILE D 269 5.10 42.30 -18.41
C ILE D 269 5.01 42.94 -19.78
N GLY D 270 5.97 43.80 -20.13
CA GLY D 270 5.97 44.38 -21.46
C GLY D 270 6.14 43.34 -22.55
N LEU D 271 6.97 42.33 -22.28
CA LEU D 271 7.14 41.23 -23.23
C LEU D 271 5.83 40.48 -23.44
N ILE D 272 5.12 40.18 -22.35
CA ILE D 272 3.83 39.49 -22.45
C ILE D 272 2.83 40.35 -23.21
N LEU D 273 2.81 41.65 -22.94
CA LEU D 273 1.87 42.54 -23.63
C LEU D 273 2.19 42.63 -25.12
N LEU D 274 3.47 42.65 -25.48
CA LEU D 274 3.85 42.61 -26.89
C LEU D 274 3.38 41.32 -27.54
N ALA D 275 3.56 40.18 -26.85
CA ALA D 275 3.09 38.92 -27.38
C ALA D 275 1.59 38.93 -27.60
N LEU D 276 0.84 39.48 -26.64
CA LEU D 276 -0.61 39.58 -26.79
C LEU D 276 -0.97 40.48 -27.97
N ASN D 277 -0.20 41.55 -28.18
CA ASN D 277 -0.43 42.40 -29.34
C ASN D 277 -0.23 41.63 -30.64
N LYS D 278 0.79 40.77 -30.69
CA LYS D 278 1.09 40.00 -31.88
C LYS D 278 0.57 38.56 -31.81
N LEU D 279 -0.34 38.27 -30.88
CA LEU D 279 -0.81 36.89 -30.71
C LEU D 279 -1.76 36.48 -31.82
N ALA D 280 -2.57 37.40 -32.33
CA ALA D 280 -3.55 37.05 -33.35
C ALA D 280 -2.92 36.68 -34.69
N ASN D 281 -1.62 36.92 -34.86
CA ASN D 281 -0.91 36.56 -36.07
C ASN D 281 -0.52 35.09 -36.14
N GLN D 282 -0.82 34.32 -35.09
CA GLN D 282 -0.52 32.90 -35.07
C GLN D 282 -1.75 32.11 -34.67
N ARG D 283 -1.99 31.00 -35.35
CA ARG D 283 -3.15 30.17 -35.09
C ARG D 283 -2.99 29.44 -33.75
N ILE D 284 -4.12 29.04 -33.18
CA ILE D 284 -4.11 28.45 -31.85
C ILE D 284 -3.57 27.03 -31.87
N ALA D 285 -4.28 26.14 -32.56
CA ALA D 285 -3.90 24.73 -32.53
C ALA D 285 -4.54 23.98 -33.68
N GLY D 286 -3.72 23.27 -34.46
CA GLY D 286 -4.21 22.32 -35.44
C GLY D 286 -4.89 22.92 -36.64
N GLY D 287 -5.15 22.08 -37.64
CA GLY D 287 -5.89 22.52 -38.81
C GLY D 287 -5.16 23.53 -39.67
N HIS D 288 -3.83 23.48 -39.70
CA HIS D 288 -3.07 24.37 -40.55
C HIS D 288 -3.54 24.28 -41.99
N ALA D 289 -3.68 23.06 -42.49
CA ALA D 289 -4.09 22.87 -43.88
C ALA D 289 -5.48 23.43 -44.13
N LYS D 290 -6.34 23.47 -43.10
CA LYS D 290 -7.72 23.91 -43.27
C LYS D 290 -7.98 25.26 -42.62
N ASP D 291 -6.94 26.05 -42.36
CA ASP D 291 -7.06 27.40 -41.81
C ASP D 291 -7.80 27.40 -40.47
N TYR D 292 -7.65 26.34 -39.68
CA TYR D 292 -8.28 26.29 -38.38
C TYR D 292 -7.43 27.02 -37.34
N GLY D 293 -8.09 27.50 -36.29
CA GLY D 293 -7.40 28.13 -35.19
C GLY D 293 -7.25 29.63 -35.27
N ARG D 294 -7.98 30.30 -36.14
CA ARG D 294 -7.86 31.75 -36.26
C ARG D 294 -8.76 32.41 -35.24
N PHE D 295 -8.17 33.32 -34.45
CA PHE D 295 -8.87 33.96 -33.34
C PHE D 295 -8.54 35.44 -33.33
N VAL D 296 -9.42 36.20 -32.67
CA VAL D 296 -9.19 37.62 -32.42
C VAL D 296 -9.33 37.88 -30.93
N ILE D 297 -8.42 38.67 -30.38
CA ILE D 297 -8.49 39.03 -28.97
C ILE D 297 -9.53 40.12 -28.80
N GLU D 298 -10.48 39.90 -27.89
CA GLU D 298 -11.59 40.81 -27.71
C GLU D 298 -11.46 41.68 -26.45
N ASP D 299 -10.68 41.24 -25.47
CA ASP D 299 -10.41 42.04 -24.29
C ASP D 299 -9.23 41.45 -23.54
N VAL D 300 -8.37 42.31 -23.03
CA VAL D 300 -7.24 41.91 -22.19
C VAL D 300 -7.38 42.64 -20.86
N ILE D 301 -7.43 41.89 -19.78
CA ILE D 301 -7.63 42.44 -18.44
C ILE D 301 -6.36 42.19 -17.63
N LEU D 302 -5.76 43.27 -17.13
CA LEU D 302 -4.50 43.21 -16.42
C LEU D 302 -4.78 43.58 -14.96
N ASP D 303 -4.93 42.56 -14.11
CA ASP D 303 -5.24 42.75 -12.69
C ASP D 303 -6.54 43.51 -12.49
N GLY D 304 -7.59 43.08 -13.20
CA GLY D 304 -8.91 43.65 -13.04
C GLY D 304 -9.19 44.89 -13.86
N GLU D 305 -8.20 45.41 -14.58
CA GLU D 305 -8.38 46.59 -15.41
C GLU D 305 -8.23 46.19 -16.88
N SER D 306 -9.06 46.79 -17.73
CA SER D 306 -9.08 46.46 -19.15
C SER D 306 -8.08 47.37 -19.87
N VAL D 307 -6.98 46.80 -20.32
CA VAL D 307 -5.94 47.55 -21.02
C VAL D 307 -6.02 47.37 -22.53
N TRP D 308 -7.08 46.76 -23.03
CA TRP D 308 -7.21 46.49 -24.45
C TRP D 308 -7.86 47.67 -25.17
N THR D 309 -7.26 48.09 -26.26
CA THR D 309 -7.79 49.13 -27.13
C THR D 309 -7.97 48.54 -28.52
N PRO D 310 -8.74 49.17 -29.41
CA PRO D 310 -8.87 48.63 -30.77
C PRO D 310 -7.53 48.51 -31.50
N SER D 311 -6.53 49.28 -31.10
CA SER D 311 -5.18 49.17 -31.66
C SER D 311 -4.32 48.16 -30.92
N GLY D 312 -4.88 47.45 -29.94
CA GLY D 312 -4.12 46.50 -29.16
C GLY D 312 -3.93 46.95 -27.73
N VAL D 313 -2.87 46.46 -27.08
CA VAL D 313 -2.56 46.87 -25.72
C VAL D 313 -1.84 48.21 -25.79
N SER D 314 -2.51 49.28 -25.37
CA SER D 314 -1.95 50.62 -25.39
C SER D 314 -2.48 51.38 -24.19
N GLY D 315 -2.29 52.69 -24.20
CA GLY D 315 -2.71 53.53 -23.10
C GLY D 315 -1.58 53.78 -22.12
N GLN D 316 -1.75 54.86 -21.34
CA GLN D 316 -0.73 55.24 -20.37
C GLN D 316 -0.57 54.21 -19.25
N ALA D 317 -1.57 53.35 -19.06
CA ALA D 317 -1.48 52.35 -18.00
C ALA D 317 -0.42 51.29 -18.27
N THR D 318 -0.03 51.11 -19.54
CA THR D 318 0.94 50.09 -19.91
C THR D 318 2.19 50.66 -20.56
N GLU D 319 2.37 51.98 -20.56
CA GLU D 319 3.51 52.57 -21.24
C GLU D 319 4.82 52.22 -20.55
N GLN D 320 4.81 52.11 -19.21
CA GLN D 320 6.03 51.76 -18.50
C GLN D 320 6.49 50.35 -18.83
N PHE D 321 5.55 49.42 -19.00
CA PHE D 321 5.91 48.06 -19.37
C PHE D 321 6.56 48.02 -20.75
N PHE D 322 5.98 48.74 -21.71
CA PHE D 322 6.55 48.78 -23.04
C PHE D 322 7.93 49.44 -23.05
N ASP D 323 8.08 50.51 -22.27
CA ASP D 323 9.38 51.16 -22.19
C ASP D 323 10.43 50.21 -21.59
N ALA D 324 10.05 49.49 -20.54
CA ALA D 324 10.99 48.57 -19.90
C ALA D 324 11.38 47.44 -20.84
N ILE D 325 10.41 46.87 -21.56
CA ILE D 325 10.74 45.77 -22.45
C ILE D 325 11.57 46.26 -23.64
N ALA D 326 11.28 47.47 -24.14
CA ALA D 326 12.10 48.02 -25.21
C ALA D 326 13.54 48.24 -24.74
N GLU D 327 13.71 48.77 -23.53
CA GLU D 327 15.05 48.97 -22.99
C GLU D 327 15.77 47.64 -22.82
N ALA D 328 15.07 46.61 -22.34
CA ALA D 328 15.69 45.31 -22.16
C ALA D 328 16.07 44.69 -23.50
N LEU D 329 15.21 44.82 -24.51
CA LEU D 329 15.51 44.27 -25.82
C LEU D 329 16.70 44.99 -26.47
N ASP D 330 16.79 46.31 -26.28
CA ASP D 330 17.89 47.06 -26.86
C ASP D 330 19.24 46.74 -26.24
N GLY D 331 19.25 46.00 -25.13
CA GLY D 331 20.49 45.55 -24.53
C GLY D 331 20.53 44.06 -24.32
N MET D 332 19.91 43.31 -25.24
CA MET D 332 19.76 41.87 -25.13
C MET D 332 20.80 41.18 -25.99
N THR D 333 21.50 40.21 -25.41
CA THR D 333 22.54 39.47 -26.10
C THR D 333 22.29 37.97 -25.96
N SER D 334 22.96 37.20 -26.81
CA SER D 334 22.85 35.74 -26.77
C SER D 334 23.54 35.11 -25.57
N SER D 335 24.33 35.89 -24.82
CA SER D 335 25.12 35.32 -23.73
C SER D 335 24.22 34.71 -22.67
N GLU D 336 23.10 35.36 -22.35
CA GLU D 336 22.19 34.83 -21.35
C GLU D 336 21.62 33.49 -21.78
N PHE D 337 21.21 33.37 -23.04
CA PHE D 337 20.69 32.10 -23.54
C PHE D 337 21.78 31.03 -23.53
N GLU D 338 23.00 31.39 -23.93
CA GLU D 338 24.08 30.41 -23.93
C GLU D 338 24.38 29.90 -22.53
N GLN D 339 24.38 30.80 -21.54
CA GLN D 339 24.58 30.38 -20.16
C GLN D 339 23.43 29.52 -19.67
N PHE D 340 22.20 29.88 -20.05
CA PHE D 340 21.03 29.12 -19.62
C PHE D 340 21.06 27.69 -20.17
N ALA D 341 21.42 27.54 -21.44
CA ALA D 341 21.41 26.24 -22.09
C ALA D 341 22.65 25.41 -21.80
N ALA D 342 23.66 25.98 -21.14
CA ALA D 342 24.89 25.26 -20.88
C ALA D 342 24.67 24.16 -19.85
N SER D 343 25.15 22.96 -20.16
CA SER D 343 25.02 21.82 -19.27
C SER D 343 26.22 21.74 -18.35
N ALA D 344 25.97 21.58 -17.05
CA ALA D 344 27.02 21.60 -16.04
C ALA D 344 27.61 20.22 -15.78
N LYS D 345 27.17 19.19 -16.49
CA LYS D 345 27.71 17.85 -16.30
C LYS D 345 28.67 17.49 -17.43
N MET E 1 0.29 35.86 -46.84
CA MET E 1 -0.56 36.90 -46.25
C MET E 1 -2.03 36.61 -46.47
N GLN E 2 -2.89 37.51 -46.00
CA GLN E 2 -4.32 37.32 -46.11
C GLN E 2 -4.78 37.62 -47.52
N ILE E 3 -5.48 36.67 -48.14
CA ILE E 3 -6.10 36.85 -49.44
C ILE E 3 -7.58 36.52 -49.29
N GLU E 4 -8.44 37.48 -49.63
CA GLU E 4 -9.89 37.30 -49.55
C GLU E 4 -10.44 37.29 -50.97
N VAL E 5 -11.13 36.21 -51.32
CA VAL E 5 -11.71 36.04 -52.64
C VAL E 5 -13.23 36.06 -52.51
N LEU E 6 -13.86 36.91 -53.30
CA LEU E 6 -15.31 37.09 -53.25
C LEU E 6 -15.95 36.36 -54.42
N ILE E 7 -16.92 35.50 -54.13
CA ILE E 7 -17.46 34.56 -55.10
C ILE E 7 -18.98 34.58 -55.04
N ARG E 8 -19.61 34.69 -56.20
CA ARG E 8 -21.06 34.57 -56.31
C ARG E 8 -21.38 33.49 -57.34
N ASN E 9 -22.39 32.67 -57.04
CA ASN E 9 -22.68 31.49 -57.83
C ASN E 9 -23.82 31.78 -58.80
N ILE E 10 -23.54 31.63 -60.10
CA ILE E 10 -24.59 31.75 -61.11
C ILE E 10 -25.56 30.58 -60.98
N THR E 11 -25.04 29.38 -60.75
CA THR E 11 -25.81 28.16 -60.60
C THR E 11 -25.74 27.67 -59.16
N PRO E 12 -26.75 26.93 -58.70
CA PRO E 12 -26.74 26.47 -57.30
C PRO E 12 -25.55 25.57 -57.01
N ILE E 13 -25.09 25.65 -55.76
CA ILE E 13 -24.00 24.82 -55.26
C ILE E 13 -24.59 23.66 -54.48
N PHE E 14 -24.01 22.48 -54.66
CA PHE E 14 -24.56 21.22 -54.14
C PHE E 14 -23.50 20.42 -53.42
N SER E 15 -22.82 21.03 -52.45
CA SER E 15 -21.90 20.26 -51.63
C SER E 15 -22.68 19.38 -50.68
N ALA E 16 -22.95 18.14 -51.08
CA ALA E 16 -23.76 17.25 -50.27
C ALA E 16 -23.01 16.83 -49.02
N ALA E 17 -23.78 16.50 -47.97
CA ALA E 17 -23.18 16.11 -46.71
C ALA E 17 -23.38 14.62 -46.46
N PRO E 18 -22.45 13.97 -45.78
CA PRO E 18 -22.59 12.53 -45.52
C PRO E 18 -23.79 12.25 -44.63
N GLY E 19 -24.39 11.08 -44.85
CA GLY E 19 -25.56 10.68 -44.09
C GLY E 19 -26.80 10.54 -44.94
N SER E 20 -27.73 9.70 -44.49
CA SER E 20 -28.98 9.44 -45.20
C SER E 20 -30.10 10.18 -44.48
N TYR E 21 -30.69 11.15 -45.16
CA TYR E 21 -31.81 11.92 -44.63
C TYR E 21 -33.02 11.73 -45.52
N TYR E 22 -34.20 12.01 -44.97
CA TYR E 22 -35.46 11.83 -45.66
C TYR E 22 -36.28 13.11 -45.57
N VAL E 23 -36.99 13.42 -46.66
CA VAL E 23 -37.85 14.59 -46.73
C VAL E 23 -39.20 14.16 -47.30
N SER E 24 -40.23 14.93 -46.97
CA SER E 24 -41.58 14.65 -47.41
C SER E 24 -41.93 15.52 -48.61
N LEU E 25 -43.15 15.34 -49.11
CA LEU E 25 -43.61 16.11 -50.26
C LEU E 25 -43.72 17.60 -49.91
N ASP E 26 -44.23 17.91 -48.72
CA ASP E 26 -44.37 19.30 -48.31
C ASP E 26 -43.05 19.92 -47.87
N GLY E 27 -42.00 19.13 -47.71
CA GLY E 27 -40.67 19.64 -47.47
C GLY E 27 -40.17 19.54 -46.04
N THR E 28 -40.93 18.94 -45.13
CA THR E 28 -40.44 18.81 -43.76
C THR E 28 -39.29 17.82 -43.70
N ILE E 29 -38.27 18.16 -42.92
CA ILE E 29 -37.08 17.33 -42.82
C ILE E 29 -37.33 16.22 -41.81
N ASN E 30 -37.05 14.97 -42.23
CA ASN E 30 -37.26 13.78 -41.42
C ASN E 30 -38.71 13.69 -40.95
N PRO E 31 -39.66 13.46 -41.85
CA PRO E 31 -41.06 13.39 -41.46
C PRO E 31 -41.34 12.12 -40.68
N PRO E 32 -42.45 12.06 -39.95
CA PRO E 32 -42.82 10.82 -39.26
C PRO E 32 -43.13 9.72 -40.26
N GLN E 33 -43.13 8.49 -39.76
CA GLN E 33 -43.36 7.33 -40.61
C GLN E 33 -44.73 7.36 -41.26
N GLY E 34 -45.69 8.06 -40.64
CA GLY E 34 -47.02 8.18 -41.25
C GLY E 34 -47.01 8.95 -42.55
N ALA E 35 -46.03 9.83 -42.74
CA ALA E 35 -45.90 10.57 -43.97
C ALA E 35 -45.13 9.76 -45.01
N SER E 36 -45.18 10.22 -46.25
CA SER E 36 -44.47 9.58 -47.36
C SER E 36 -43.11 10.26 -47.49
N ARG E 37 -42.08 9.62 -46.95
CA ARG E 37 -40.74 10.19 -46.98
C ARG E 37 -40.04 9.84 -48.28
N PHE E 38 -39.17 10.75 -48.74
CA PHE E 38 -38.39 10.59 -49.94
C PHE E 38 -36.91 10.75 -49.61
N PRO E 39 -36.01 10.10 -50.35
CA PRO E 39 -34.58 10.22 -50.04
C PRO E 39 -34.10 11.66 -50.20
N LEU E 40 -33.20 12.07 -49.30
CA LEU E 40 -32.72 13.44 -49.30
C LEU E 40 -31.28 13.45 -48.84
N THR E 41 -30.36 13.85 -49.72
CA THR E 41 -28.99 14.14 -49.35
C THR E 41 -28.87 15.65 -49.13
N ARG E 42 -28.22 16.02 -48.03
CA ARG E 42 -28.26 17.40 -47.56
C ARG E 42 -26.94 18.11 -47.81
N ALA E 43 -27.03 19.43 -47.97
CA ALA E 43 -25.86 20.24 -48.19
C ALA E 43 -25.01 20.32 -46.92
N ARG E 44 -23.70 20.56 -47.11
CA ARG E 44 -22.77 20.58 -46.00
C ARG E 44 -23.00 21.83 -45.16
N THR E 45 -23.81 21.72 -44.11
CA THR E 45 -24.10 22.83 -43.24
C THR E 45 -23.18 22.78 -42.03
N MET E 46 -22.57 23.92 -41.70
CA MET E 46 -21.72 24.06 -40.53
C MET E 46 -22.45 24.90 -39.48
N THR E 47 -22.73 24.31 -38.33
CA THR E 47 -23.32 25.05 -37.24
C THR E 47 -22.28 25.99 -36.65
N VAL E 48 -22.58 27.28 -36.64
CA VAL E 48 -21.64 28.31 -36.21
C VAL E 48 -22.35 29.28 -35.28
N VAL E 49 -21.65 29.73 -34.25
CA VAL E 49 -22.22 30.70 -33.31
C VAL E 49 -22.38 32.03 -34.00
N ALA E 50 -23.55 32.64 -33.85
CA ALA E 50 -23.82 33.92 -34.48
C ALA E 50 -24.87 34.68 -33.67
N GLU E 51 -24.64 35.98 -33.48
CA GLU E 51 -25.61 36.82 -32.79
C GLU E 51 -26.84 37.02 -33.67
N THR E 52 -28.02 36.82 -33.09
CA THR E 52 -29.27 36.96 -33.81
C THR E 52 -29.95 38.29 -33.54
N GLY E 53 -29.25 39.25 -32.95
CA GLY E 53 -29.80 40.54 -32.61
C GLY E 53 -30.22 40.69 -31.16
N ASP E 54 -30.41 39.59 -30.46
CA ASP E 54 -30.77 39.60 -29.05
C ASP E 54 -29.55 39.62 -28.13
N GLY E 55 -28.35 39.55 -28.69
CA GLY E 55 -27.14 39.50 -27.89
C GLY E 55 -26.82 38.12 -27.33
N VAL E 56 -27.61 37.11 -27.66
CA VAL E 56 -27.40 35.75 -27.16
C VAL E 56 -26.69 34.94 -28.24
N ALA E 57 -25.57 34.33 -27.87
CA ALA E 57 -24.77 33.55 -28.80
C ALA E 57 -25.46 32.21 -29.02
N LYS E 58 -26.25 32.15 -30.10
CA LYS E 58 -26.98 30.94 -30.47
C LYS E 58 -26.31 30.29 -31.67
N ALA E 59 -25.98 29.01 -31.54
CA ALA E 59 -25.35 28.27 -32.62
C ALA E 59 -26.38 27.95 -33.70
N VAL E 60 -26.07 28.32 -34.94
CA VAL E 60 -27.00 28.15 -36.04
C VAL E 60 -26.29 27.47 -37.22
N PRO E 61 -26.98 26.65 -38.00
CA PRO E 61 -26.33 25.98 -39.13
C PRO E 61 -26.08 26.95 -40.29
N LEU E 62 -24.87 26.89 -40.84
CA LEU E 62 -24.48 27.72 -41.97
C LEU E 62 -23.99 26.86 -43.12
N PRO E 63 -24.74 26.75 -44.22
CA PRO E 63 -24.27 25.93 -45.34
C PRO E 63 -22.99 26.49 -45.94
N ILE E 64 -21.95 25.66 -45.98
CA ILE E 64 -20.64 26.05 -46.46
C ILE E 64 -20.12 24.99 -47.41
N VAL E 65 -19.15 25.38 -48.23
CA VAL E 65 -18.36 24.44 -49.03
C VAL E 65 -17.10 24.12 -48.24
N PRO E 66 -16.82 22.85 -47.93
CA PRO E 66 -15.74 22.54 -47.00
C PRO E 66 -14.39 23.05 -47.49
N GLY E 67 -13.56 23.46 -46.52
CA GLY E 67 -12.26 24.01 -46.86
C GLY E 67 -11.38 23.03 -47.60
N ASN E 68 -11.53 21.74 -47.34
CA ASN E 68 -10.78 20.74 -48.09
C ASN E 68 -11.17 20.77 -49.57
N THR E 69 -12.46 20.92 -49.85
CA THR E 69 -12.91 21.01 -51.24
C THR E 69 -12.29 22.21 -51.93
N MET E 70 -12.25 23.36 -51.27
CA MET E 70 -11.66 24.55 -51.88
C MET E 70 -10.16 24.40 -52.05
N ARG E 71 -9.48 23.79 -51.06
CA ARG E 71 -8.05 23.56 -51.18
C ARG E 71 -7.73 22.68 -52.37
N ASN E 72 -8.50 21.61 -52.55
CA ASN E 72 -8.24 20.70 -53.66
C ASN E 72 -8.66 21.32 -54.98
N LEU E 73 -9.69 22.17 -54.98
CA LEU E 73 -10.04 22.92 -56.18
C LEU E 73 -8.91 23.84 -56.60
N LEU E 74 -8.31 24.55 -55.64
CA LEU E 74 -7.15 25.39 -55.94
C LEU E 74 -5.98 24.56 -56.46
N ARG E 75 -5.73 23.41 -55.83
CA ARG E 75 -4.63 22.55 -56.27
C ARG E 75 -4.85 22.05 -57.70
N ARG E 76 -6.07 21.60 -57.99
CA ARG E 76 -6.40 21.10 -59.32
C ARG E 76 -6.31 22.20 -60.36
N THR E 77 -6.80 23.40 -60.03
CA THR E 77 -6.68 24.52 -60.94
C THR E 77 -5.22 24.83 -61.22
N MET E 78 -4.41 24.92 -60.16
CA MET E 78 -2.99 25.26 -60.34
C MET E 78 -2.31 24.23 -61.22
N LEU E 79 -2.54 22.95 -60.96
CA LEU E 79 -1.91 21.90 -61.77
C LEU E 79 -2.39 21.95 -63.21
N LYS E 80 -3.70 21.81 -63.43
CA LYS E 80 -4.22 21.65 -64.78
C LYS E 80 -4.00 22.88 -65.63
N ASP E 81 -4.06 24.08 -65.05
CA ASP E 81 -3.97 25.30 -65.84
C ASP E 81 -2.59 25.94 -65.84
N VAL E 82 -1.71 25.58 -64.89
CA VAL E 82 -0.43 26.24 -64.78
C VAL E 82 0.70 25.22 -64.84
N ILE E 83 0.69 24.25 -63.92
CA ILE E 83 1.81 23.31 -63.81
C ILE E 83 1.80 22.31 -64.95
N GLU E 84 0.62 21.73 -65.25
CA GLU E 84 0.54 20.75 -66.33
C GLU E 84 0.87 21.34 -67.69
N PRO E 85 0.32 22.49 -68.12
CA PRO E 85 0.73 23.03 -69.42
C PRO E 85 2.20 23.38 -69.48
N ALA E 86 2.77 23.89 -68.39
CA ALA E 86 4.19 24.24 -68.38
C ALA E 86 5.05 22.99 -68.49
N LEU E 87 4.65 21.90 -67.82
CA LEU E 87 5.43 20.68 -67.89
C LEU E 87 5.31 20.01 -69.25
N ARG E 88 4.12 20.04 -69.85
CA ARG E 88 3.94 19.37 -71.14
C ARG E 88 4.59 20.16 -72.27
N ASP E 89 4.55 21.49 -72.19
CA ASP E 89 5.21 22.30 -73.22
C ASP E 89 6.71 22.06 -73.21
N LYS E 90 7.31 22.00 -72.01
CA LYS E 90 8.70 21.59 -71.87
C LYS E 90 8.88 20.10 -72.12
N SER E 91 7.78 19.33 -72.14
CA SER E 91 7.81 17.88 -72.34
C SER E 91 8.55 17.16 -71.23
N ALA E 92 8.46 17.68 -70.01
CA ALA E 92 9.00 16.99 -68.85
C ALA E 92 8.11 15.83 -68.48
N GLN E 93 8.71 14.73 -68.05
CA GLN E 93 7.98 13.52 -67.69
C GLN E 93 7.89 13.42 -66.17
N LEU E 94 6.69 13.17 -65.66
CA LEU E 94 6.44 13.00 -64.24
C LEU E 94 6.14 11.53 -63.96
N SER E 95 6.78 10.98 -62.92
CA SER E 95 6.52 9.61 -62.55
C SER E 95 5.13 9.47 -61.95
N ILE E 96 4.66 8.22 -61.86
CA ILE E 96 3.34 7.97 -61.29
C ILE E 96 3.32 8.35 -59.81
N GLY E 97 4.43 8.12 -59.10
CA GLY E 97 4.49 8.53 -57.71
C GLY E 97 4.46 10.04 -57.54
N ALA E 98 5.22 10.76 -58.37
CA ALA E 98 5.22 12.21 -58.30
C ALA E 98 3.86 12.77 -58.65
N TYR E 99 3.21 12.23 -59.68
CA TYR E 99 1.87 12.70 -60.05
C TYR E 99 0.87 12.44 -58.92
N ALA E 100 0.93 11.25 -58.33
CA ALA E 100 0.01 10.93 -57.24
C ALA E 100 0.22 11.86 -56.05
N THR E 101 1.48 12.12 -55.70
CA THR E 101 1.76 13.04 -54.60
C THR E 101 1.29 14.44 -54.92
N ALA E 102 1.54 14.91 -56.14
CA ALA E 102 1.16 16.26 -56.52
C ALA E 102 -0.35 16.44 -56.48
N TYR E 103 -1.10 15.41 -56.87
CA TYR E 103 -2.55 15.57 -56.92
C TYR E 103 -3.27 15.18 -55.63
N ALA E 104 -2.63 14.42 -54.74
CA ALA E 104 -3.29 13.97 -53.52
C ALA E 104 -2.47 14.15 -52.25
N GLY E 105 -1.20 14.52 -52.34
CA GLY E 105 -0.41 14.83 -51.17
C GLY E 105 0.41 13.69 -50.60
N ASN E 106 0.23 12.46 -51.08
CA ASN E 106 1.04 11.34 -50.62
C ASN E 106 1.28 10.38 -51.77
N SER E 107 2.41 9.68 -51.71
CA SER E 107 2.71 8.65 -52.70
C SER E 107 1.87 7.40 -52.45
N SER E 108 1.73 7.01 -51.19
CA SER E 108 0.93 5.84 -50.82
C SER E 108 0.18 6.16 -49.54
N GLY E 109 -0.59 5.19 -49.06
CA GLY E 109 -1.39 5.40 -47.86
C GLY E 109 -0.59 5.38 -46.57
N ASN E 110 0.64 4.89 -46.60
CA ASN E 110 1.45 4.74 -45.40
C ASN E 110 2.55 5.78 -45.37
N PRO E 111 2.53 6.71 -44.41
CA PRO E 111 3.64 7.66 -44.30
C PRO E 111 4.93 6.97 -43.86
N ASP E 112 6.06 7.58 -44.21
CA ASP E 112 7.35 7.04 -43.79
C ASP E 112 7.53 7.12 -42.28
N GLY E 113 6.94 8.12 -41.63
CA GLY E 113 7.15 8.29 -40.21
C GLY E 113 8.58 8.63 -39.85
N VAL E 114 9.22 9.48 -40.65
CA VAL E 114 10.61 9.84 -40.43
C VAL E 114 10.77 11.33 -40.71
N PRO E 115 11.53 12.07 -39.91
CA PRO E 115 11.75 13.48 -40.22
C PRO E 115 12.65 13.67 -41.43
N SER E 116 12.47 14.79 -42.11
CA SER E 116 13.26 15.13 -43.28
C SER E 116 14.47 15.97 -42.88
N SER E 117 15.52 15.88 -43.68
CA SER E 117 16.67 16.74 -43.49
C SER E 117 16.29 18.19 -43.75
N PHE E 118 16.99 19.10 -43.09
CA PHE E 118 16.65 20.51 -43.21
C PHE E 118 16.85 21.01 -44.63
N ASP E 119 17.89 20.53 -45.31
CA ASP E 119 18.13 20.94 -46.69
C ASP E 119 16.96 20.53 -47.58
N GLU E 120 16.44 19.33 -47.38
CA GLU E 120 15.32 18.87 -48.19
C GLU E 120 14.06 19.69 -47.90
N ILE E 121 13.83 20.03 -46.63
CA ILE E 121 12.66 20.82 -46.27
C ILE E 121 12.74 22.22 -46.87
N VAL E 122 13.91 22.87 -46.76
CA VAL E 122 14.05 24.20 -47.34
C VAL E 122 13.99 24.13 -48.85
N THR E 123 14.38 23.00 -49.44
CA THR E 123 14.24 22.83 -50.88
C THR E 123 12.77 22.79 -51.31
N MET E 124 11.97 21.96 -50.65
CA MET E 124 10.56 21.87 -51.07
C MET E 124 9.77 23.12 -50.69
N ARG E 125 9.96 23.64 -49.47
CA ARG E 125 9.10 24.72 -49.01
C ARG E 125 9.28 26.00 -49.84
N ALA E 126 10.34 26.11 -50.61
CA ALA E 126 10.50 27.21 -51.54
C ALA E 126 9.92 26.93 -52.92
N HIS E 127 9.50 25.69 -53.17
CA HIS E 127 8.94 25.34 -54.46
C HIS E 127 7.59 26.05 -54.66
N PRO E 128 7.31 26.56 -55.87
CA PRO E 128 6.04 27.29 -56.07
C PRO E 128 4.80 26.47 -55.76
N PHE E 129 4.80 25.17 -56.06
CA PHE E 129 3.63 24.33 -55.81
C PHE E 129 3.79 23.50 -54.54
N LEU E 130 4.84 22.69 -54.46
CA LEU E 130 4.98 21.76 -53.34
C LEU E 130 5.13 22.50 -52.02
N GLY E 131 5.75 23.67 -52.02
CA GLY E 131 5.88 24.43 -50.79
C GLY E 131 4.56 25.01 -50.31
N LEU E 132 3.63 25.22 -51.22
CA LEU E 132 2.32 25.75 -50.83
C LEU E 132 1.51 24.67 -50.10
N PHE E 133 1.25 23.55 -50.77
CA PHE E 133 0.36 22.55 -50.20
C PHE E 133 1.09 21.61 -49.26
N GLY E 134 2.28 21.16 -49.63
CA GLY E 134 3.09 20.36 -48.73
C GLY E 134 2.49 18.99 -48.47
N GLY E 135 3.21 18.22 -47.66
CA GLY E 135 2.77 16.90 -47.30
C GLY E 135 3.17 15.85 -48.33
N GLY E 136 3.82 14.79 -47.88
CA GLY E 136 4.23 13.73 -48.75
C GLY E 136 4.53 12.47 -47.97
N PRO E 137 5.44 11.64 -48.48
CA PRO E 137 5.87 10.48 -47.69
C PRO E 137 6.42 10.89 -46.34
N ARG E 138 7.16 12.00 -46.30
CA ARG E 138 7.49 12.67 -45.05
C ARG E 138 6.53 13.84 -44.89
N MET E 139 5.91 13.94 -43.71
CA MET E 139 4.87 14.94 -43.48
C MET E 139 5.49 16.32 -43.53
N LEU E 140 5.22 17.06 -44.60
CA LEU E 140 5.74 18.40 -44.80
C LEU E 140 4.62 19.42 -44.65
N GLN E 141 4.85 20.44 -43.84
CA GLN E 141 3.83 21.45 -43.55
C GLN E 141 3.80 22.48 -44.67
N GLY E 142 2.71 22.50 -45.43
CA GLY E 142 2.57 23.50 -46.46
C GLY E 142 2.29 24.88 -45.89
N ARG E 143 2.52 25.90 -46.72
CA ARG E 143 2.31 27.28 -46.31
C ARG E 143 0.89 27.77 -46.59
N LEU E 144 0.09 26.99 -47.31
CA LEU E 144 -1.24 27.45 -47.71
C LEU E 144 -2.26 27.10 -46.64
N MET E 145 -2.99 28.11 -46.18
CA MET E 145 -4.08 27.95 -45.22
C MET E 145 -5.38 28.30 -45.94
N VAL E 146 -6.09 27.28 -46.41
CA VAL E 146 -7.33 27.48 -47.17
C VAL E 146 -8.51 27.28 -46.22
N ASP E 147 -9.32 28.32 -46.06
CA ASP E 147 -10.52 28.24 -45.25
C ASP E 147 -11.68 27.74 -46.10
N SER E 148 -12.87 27.67 -45.49
CA SER E 148 -14.04 27.27 -46.22
C SER E 148 -14.67 28.46 -46.95
N LEU E 149 -15.64 28.17 -47.80
CA LEU E 149 -16.33 29.20 -48.57
C LEU E 149 -17.54 29.66 -47.76
N TYR E 150 -17.32 30.66 -46.93
CA TYR E 150 -18.37 31.14 -46.03
C TYR E 150 -19.32 32.07 -46.77
N PRO E 151 -20.61 31.74 -46.84
CA PRO E 151 -21.57 32.69 -47.40
C PRO E 151 -21.70 33.91 -46.50
N ILE E 152 -21.99 35.05 -47.12
CA ILE E 152 -22.18 36.29 -46.37
C ILE E 152 -23.64 36.34 -45.91
N HIS E 153 -23.84 36.29 -44.60
CA HIS E 153 -25.16 36.09 -44.02
C HIS E 153 -25.14 36.62 -42.59
N GLN E 154 -26.33 36.85 -42.04
CA GLN E 154 -26.42 37.28 -40.64
C GLN E 154 -25.88 36.21 -39.71
N PHE E 155 -25.93 34.94 -40.12
CA PHE E 155 -25.33 33.87 -39.35
C PHE E 155 -23.81 33.83 -39.48
N SER E 156 -23.24 34.65 -40.37
CA SER E 156 -21.80 34.69 -40.57
C SER E 156 -21.15 36.00 -40.21
N GLN E 157 -21.92 37.00 -39.76
CA GLN E 157 -21.33 38.28 -39.38
C GLN E 157 -20.34 38.13 -38.23
N ARG E 158 -20.57 37.16 -37.35
CA ARG E 158 -19.63 36.88 -36.27
C ARG E 158 -18.33 36.26 -36.78
N ILE E 159 -18.26 35.87 -38.04
CA ILE E 159 -17.13 35.14 -38.60
C ILE E 159 -16.39 35.95 -39.64
N ILE E 160 -17.07 36.37 -40.70
CA ILE E 160 -16.42 37.11 -41.77
C ILE E 160 -15.93 38.47 -41.30
N GLY E 161 -16.49 38.99 -40.23
CA GLY E 161 -16.03 40.22 -39.63
C GLY E 161 -16.96 41.38 -39.90
N SER E 162 -16.48 42.58 -39.56
CA SER E 162 -17.25 43.81 -39.74
C SER E 162 -16.98 44.40 -41.12
N ASP E 163 -17.25 43.59 -42.14
CA ASP E 163 -17.12 44.01 -43.53
C ASP E 163 -18.08 43.19 -44.37
N TYR E 164 -18.41 43.72 -45.55
CA TYR E 164 -19.36 43.10 -46.47
C TYR E 164 -20.74 42.96 -45.84
N ILE E 165 -21.04 43.83 -44.87
CA ILE E 165 -22.35 43.79 -44.23
C ILE E 165 -23.44 44.24 -45.19
N ASN E 166 -23.14 45.20 -46.07
CA ASN E 166 -24.15 45.74 -46.97
C ASN E 166 -24.69 44.64 -47.89
N ASP E 167 -23.81 43.84 -48.47
CA ASP E 167 -24.22 42.78 -49.39
C ASP E 167 -24.47 41.47 -48.65
N SER E 168 -25.30 41.53 -47.61
CA SER E 168 -25.68 40.38 -46.83
C SER E 168 -27.17 40.08 -47.10
N ILE E 169 -27.43 38.95 -47.73
CA ILE E 169 -28.81 38.58 -48.06
C ILE E 169 -29.60 38.34 -46.79
N LYS E 170 -30.93 38.50 -46.90
CA LYS E 170 -31.80 38.41 -45.73
C LYS E 170 -32.38 37.00 -45.56
N GLY E 171 -33.10 36.52 -46.57
CA GLY E 171 -33.82 35.27 -46.45
C GLY E 171 -32.91 34.05 -46.50
N GLY E 172 -33.54 32.89 -46.33
CA GLY E 172 -32.80 31.64 -46.39
C GLY E 172 -32.14 31.45 -47.76
N ILE E 173 -30.88 31.03 -47.73
CA ILE E 173 -30.10 30.88 -48.95
C ILE E 173 -30.23 29.46 -49.48
N THR E 174 -31.06 28.67 -48.84
CA THR E 174 -31.16 27.24 -49.12
C THR E 174 -32.55 26.90 -49.63
N GLU E 175 -32.61 26.17 -50.74
CA GLU E 175 -33.87 25.68 -51.29
C GLU E 175 -33.69 24.22 -51.70
N ILE E 176 -34.81 23.50 -51.75
CA ILE E 176 -34.81 22.08 -52.08
C ILE E 176 -35.28 21.93 -53.52
N VAL E 177 -34.52 21.16 -54.31
CA VAL E 177 -34.84 20.89 -55.70
C VAL E 177 -35.01 19.39 -55.89
N TRP E 178 -36.02 19.01 -56.67
CA TRP E 178 -36.39 17.62 -56.86
C TRP E 178 -35.91 17.14 -58.23
N THR E 179 -35.91 15.82 -58.39
CA THR E 179 -35.55 15.20 -59.67
C THR E 179 -36.10 13.79 -59.75
N ALA E 242 -36.12 7.80 -58.67
CA ALA E 242 -37.42 8.40 -58.97
C ALA E 242 -37.41 9.89 -58.66
N PHE E 243 -38.44 10.35 -57.93
CA PHE E 243 -38.53 11.76 -57.54
C PHE E 243 -37.70 12.01 -56.28
N ASN E 244 -36.39 11.80 -56.41
CA ASN E 244 -35.49 12.07 -55.32
C ASN E 244 -35.38 13.58 -55.08
N ALA E 245 -35.00 13.93 -53.85
CA ALA E 245 -34.89 15.33 -53.45
C ALA E 245 -33.51 15.58 -52.85
N HIS E 246 -33.00 16.78 -53.10
CA HIS E 246 -31.74 17.21 -52.52
C HIS E 246 -31.70 18.72 -52.55
N GLU E 247 -31.49 19.34 -51.40
CA GLU E 247 -31.51 20.79 -51.30
C GLU E 247 -30.16 21.37 -51.70
N VAL E 248 -30.20 22.58 -52.23
CA VAL E 248 -29.01 23.28 -52.71
C VAL E 248 -29.05 24.71 -52.19
N VAL E 249 -28.00 25.45 -52.46
CA VAL E 249 -27.91 26.85 -52.09
C VAL E 249 -28.52 27.68 -53.20
N ILE E 250 -29.12 28.81 -52.83
CA ILE E 250 -29.76 29.66 -53.82
C ILE E 250 -28.73 30.18 -54.81
N ALA E 251 -29.10 30.21 -56.08
CA ALA E 251 -28.20 30.75 -57.09
C ALA E 251 -28.15 32.28 -56.98
N GLY E 252 -26.94 32.83 -56.90
CA GLY E 252 -26.73 34.24 -56.71
C GLY E 252 -26.25 34.63 -55.33
N VAL E 253 -26.16 33.70 -54.39
CA VAL E 253 -25.72 34.04 -53.04
C VAL E 253 -24.25 34.44 -53.07
N LYS E 254 -23.89 35.36 -52.19
CA LYS E 254 -22.54 35.91 -52.12
C LYS E 254 -21.68 35.14 -51.12
N TRP E 255 -20.49 34.76 -51.53
CA TRP E 255 -19.59 33.98 -50.69
C TRP E 255 -18.32 34.75 -50.38
N LEU E 256 -17.63 34.33 -49.33
CA LEU E 256 -16.31 34.83 -48.97
C LEU E 256 -15.37 33.66 -48.81
N TRP E 257 -14.20 33.75 -49.44
CA TRP E 257 -13.17 32.73 -49.36
C TRP E 257 -11.90 33.33 -48.77
N ARG E 258 -11.37 32.70 -47.75
CA ARG E 258 -10.21 33.21 -47.03
C ARG E 258 -9.02 32.29 -47.24
N ILE E 259 -7.91 32.85 -47.72
CA ILE E 259 -6.67 32.13 -47.94
C ILE E 259 -5.55 32.88 -47.24
N ASN E 260 -4.77 32.17 -46.43
CA ASN E 260 -3.62 32.74 -45.75
C ASN E 260 -2.39 31.91 -46.08
N VAL E 261 -1.27 32.58 -46.30
CA VAL E 261 -0.02 31.92 -46.66
C VAL E 261 1.06 32.39 -45.70
N ASP E 262 1.83 31.45 -45.16
CA ASP E 262 2.83 31.75 -44.13
C ASP E 262 4.13 32.19 -44.79
N ARG E 263 4.33 33.51 -44.87
CA ARG E 263 5.55 34.13 -45.41
C ARG E 263 5.92 33.54 -46.76
N PRO E 264 5.13 33.79 -47.79
CA PRO E 264 5.41 33.17 -49.10
C PRO E 264 6.45 33.94 -49.89
N SER E 265 7.08 33.22 -50.80
CA SER E 265 7.93 33.84 -51.80
C SER E 265 7.05 34.46 -52.89
N GLU E 266 7.68 35.24 -53.77
CA GLU E 266 6.94 35.86 -54.86
C GLU E 266 6.37 34.84 -55.83
N SER E 267 7.08 33.73 -56.03
CA SER E 267 6.60 32.70 -56.95
C SER E 267 5.30 32.08 -56.46
N GLN E 268 5.21 31.78 -55.16
CA GLN E 268 3.99 31.17 -54.63
C GLN E 268 2.81 32.12 -54.72
N ILE E 269 3.04 33.40 -54.43
CA ILE E 269 1.97 34.39 -54.55
C ILE E 269 1.51 34.51 -56.00
N GLY E 270 2.46 34.54 -56.94
CA GLY E 270 2.10 34.59 -58.33
C GLY E 270 1.31 33.36 -58.78
N LEU E 271 1.69 32.19 -58.27
CA LEU E 271 0.97 30.96 -58.61
C LEU E 271 -0.46 31.01 -58.09
N ILE E 272 -0.63 31.48 -56.85
CA ILE E 272 -1.98 31.60 -56.30
C ILE E 272 -2.80 32.59 -57.11
N LEU E 273 -2.18 33.70 -57.52
CA LEU E 273 -2.90 34.70 -58.32
C LEU E 273 -3.28 34.14 -59.69
N LEU E 274 -2.40 33.36 -60.31
CA LEU E 274 -2.74 32.74 -61.59
C LEU E 274 -3.89 31.76 -61.43
N ALA E 275 -3.86 30.96 -60.37
CA ALA E 275 -4.96 30.04 -60.09
C ALA E 275 -6.26 30.80 -59.91
N LEU E 276 -6.22 31.89 -59.15
CA LEU E 276 -7.40 32.72 -58.95
C LEU E 276 -7.90 33.29 -60.28
N ASN E 277 -6.96 33.64 -61.16
CA ASN E 277 -7.34 34.10 -62.49
C ASN E 277 -8.09 33.01 -63.26
N LYS E 278 -7.61 31.78 -63.18
CA LYS E 278 -8.21 30.66 -63.91
C LYS E 278 -9.05 29.76 -63.02
N LEU E 279 -9.40 30.22 -61.81
CA LEU E 279 -10.22 29.41 -60.93
C LEU E 279 -11.65 29.28 -61.44
N ALA E 280 -12.16 30.31 -62.11
CA ALA E 280 -13.55 30.32 -62.53
C ALA E 280 -13.86 29.25 -63.56
N ASN E 281 -12.84 28.66 -64.20
CA ASN E 281 -13.08 27.62 -65.19
C ASN E 281 -13.70 26.38 -64.54
N GLN E 282 -13.22 26.00 -63.36
CA GLN E 282 -13.77 24.85 -62.66
C GLN E 282 -15.09 25.21 -62.00
N ARG E 283 -15.62 24.29 -61.21
CA ARG E 283 -16.90 24.47 -60.54
C ARG E 283 -16.80 24.05 -59.08
N ILE E 284 -17.66 24.63 -58.25
CA ILE E 284 -17.65 24.41 -56.82
C ILE E 284 -18.51 23.19 -56.50
N ALA E 285 -18.02 22.36 -55.57
CA ALA E 285 -18.76 21.23 -55.02
C ALA E 285 -19.10 20.17 -56.06
N GLY E 286 -18.32 20.09 -57.13
CA GLY E 286 -18.59 19.11 -58.16
C GLY E 286 -19.98 19.30 -58.75
N GLY E 287 -20.68 18.19 -58.93
CA GLY E 287 -22.03 18.23 -59.46
C GLY E 287 -22.08 18.78 -60.87
N HIS E 288 -21.18 18.30 -61.74
CA HIS E 288 -21.17 18.78 -63.13
C HIS E 288 -22.47 18.47 -63.84
N ALA E 289 -23.13 17.37 -63.46
CA ALA E 289 -24.47 17.10 -63.97
C ALA E 289 -25.43 18.17 -63.48
N LYS E 290 -26.41 18.51 -64.32
CA LYS E 290 -27.39 19.57 -64.09
C LYS E 290 -26.76 20.94 -63.97
N ASP E 291 -25.46 21.07 -64.24
CA ASP E 291 -24.75 22.35 -64.25
C ASP E 291 -24.87 23.05 -62.90
N TYR E 292 -24.31 22.42 -61.87
CA TYR E 292 -24.30 22.95 -60.51
C TYR E 292 -22.90 23.35 -60.12
N GLY E 293 -22.74 24.58 -59.63
CA GLY E 293 -21.48 25.04 -59.10
C GLY E 293 -20.79 26.12 -59.90
N ARG E 294 -21.41 26.65 -60.96
CA ARG E 294 -20.78 27.69 -61.74
C ARG E 294 -20.71 28.99 -60.94
N PHE E 295 -19.55 29.64 -60.96
CA PHE E 295 -19.32 30.82 -60.15
C PHE E 295 -18.36 31.75 -60.87
N VAL E 296 -18.40 33.03 -60.48
CA VAL E 296 -17.45 34.03 -60.95
C VAL E 296 -16.88 34.76 -59.75
N ILE E 297 -15.59 35.07 -59.82
CA ILE E 297 -14.94 35.84 -58.77
C ILE E 297 -15.29 37.31 -58.96
N GLU E 298 -15.81 37.94 -57.90
CA GLU E 298 -16.21 39.33 -57.95
C GLU E 298 -15.17 40.30 -57.40
N ASP E 299 -14.34 39.85 -56.46
CA ASP E 299 -13.31 40.72 -55.92
C ASP E 299 -12.23 39.85 -55.28
N VAL E 300 -10.97 40.26 -55.47
CA VAL E 300 -9.83 39.64 -54.83
C VAL E 300 -9.06 40.73 -54.10
N ILE E 301 -8.96 40.60 -52.78
CA ILE E 301 -8.25 41.56 -51.95
C ILE E 301 -6.99 40.87 -51.45
N LEU E 302 -5.83 41.36 -51.91
CA LEU E 302 -4.53 40.82 -51.54
C LEU E 302 -3.96 41.71 -50.44
N ASP E 303 -3.99 41.22 -49.20
CA ASP E 303 -3.38 41.89 -48.05
C ASP E 303 -3.96 43.29 -47.86
N GLY E 304 -5.29 43.39 -47.94
CA GLY E 304 -5.98 44.63 -47.67
C GLY E 304 -6.20 45.53 -48.86
N GLU E 305 -5.63 45.21 -50.01
CA GLU E 305 -5.78 46.02 -51.21
C GLU E 305 -6.40 45.18 -52.33
N SER E 306 -7.39 45.76 -53.01
CA SER E 306 -8.05 45.05 -54.10
C SER E 306 -7.13 44.96 -55.31
N VAL E 307 -7.03 43.76 -55.88
CA VAL E 307 -6.18 43.54 -57.04
C VAL E 307 -6.97 42.86 -58.14
N TRP E 308 -8.29 43.08 -58.16
CA TRP E 308 -9.17 42.44 -59.12
C TRP E 308 -9.69 43.47 -60.11
N THR E 309 -9.04 43.55 -61.27
CA THR E 309 -9.57 44.27 -62.40
C THR E 309 -10.61 43.42 -63.12
N PRO E 310 -11.49 44.03 -63.90
CA PRO E 310 -12.49 43.22 -64.65
C PRO E 310 -11.86 42.16 -65.54
N SER E 311 -10.69 42.43 -66.11
CA SER E 311 -9.99 41.41 -66.89
C SER E 311 -9.55 40.25 -66.00
N GLY E 312 -9.13 40.55 -64.79
CA GLY E 312 -8.63 39.55 -63.87
C GLY E 312 -7.76 40.20 -62.81
N VAL E 313 -6.84 39.41 -62.25
CA VAL E 313 -5.90 39.92 -61.26
C VAL E 313 -4.82 40.70 -62.00
N SER E 314 -4.82 42.01 -61.82
CA SER E 314 -3.83 42.88 -62.47
C SER E 314 -3.74 44.17 -61.68
N GLY E 315 -2.65 44.90 -61.92
CA GLY E 315 -2.45 46.18 -61.27
C GLY E 315 -0.98 46.46 -61.09
N GLN E 316 -0.69 47.45 -60.25
CA GLN E 316 0.67 47.89 -59.98
C GLN E 316 1.28 47.19 -58.77
N ALA E 317 0.61 46.16 -58.24
CA ALA E 317 1.16 45.38 -57.15
C ALA E 317 1.35 43.91 -57.48
N THR E 318 0.72 43.39 -58.52
CA THR E 318 0.78 41.97 -58.85
C THR E 318 1.70 41.65 -60.04
N GLU E 319 2.27 42.66 -60.70
CA GLU E 319 3.11 42.38 -61.86
C GLU E 319 4.38 41.65 -61.45
N GLN E 320 4.98 42.04 -60.32
CA GLN E 320 6.18 41.36 -59.84
C GLN E 320 5.91 39.89 -59.53
N PHE E 321 4.75 39.60 -58.93
CA PHE E 321 4.39 38.21 -58.66
C PHE E 321 4.24 37.42 -59.95
N PHE E 322 3.61 38.02 -60.97
CA PHE E 322 3.43 37.34 -62.24
C PHE E 322 4.78 37.07 -62.92
N ASP E 323 5.69 38.04 -62.88
CA ASP E 323 7.02 37.81 -63.45
C ASP E 323 7.76 36.72 -62.69
N ALA E 324 7.66 36.73 -61.35
CA ALA E 324 8.33 35.71 -60.55
C ALA E 324 7.80 34.33 -60.87
N ILE E 325 6.47 34.18 -60.99
CA ILE E 325 5.93 32.87 -61.30
C ILE E 325 6.24 32.47 -62.73
N ALA E 326 6.35 33.41 -63.66
CA ALA E 326 6.76 33.06 -65.02
C ALA E 326 8.18 32.51 -65.02
N GLU E 327 9.08 33.16 -64.29
CA GLU E 327 10.45 32.66 -64.17
C GLU E 327 10.48 31.30 -63.49
N ALA E 328 9.69 31.12 -62.43
CA ALA E 328 9.65 29.83 -61.75
C ALA E 328 9.10 28.75 -62.66
N LEU E 329 8.08 29.07 -63.46
CA LEU E 329 7.46 28.09 -64.32
C LEU E 329 8.43 27.62 -65.40
N ASP E 330 9.06 28.57 -66.11
CA ASP E 330 9.97 28.13 -67.16
C ASP E 330 11.33 27.72 -66.60
N GLY E 331 11.54 27.82 -65.29
CA GLY E 331 12.75 27.30 -64.68
C GLY E 331 12.56 26.03 -63.87
N MET E 332 11.32 25.57 -63.68
CA MET E 332 11.05 24.40 -62.87
C MET E 332 11.04 23.13 -63.71
N THR E 333 11.39 22.01 -63.05
CA THR E 333 11.42 20.71 -63.71
C THR E 333 10.66 19.68 -62.89
N SER E 334 10.77 18.41 -63.28
CA SER E 334 10.11 17.33 -62.55
C SER E 334 10.96 16.77 -61.42
N SER E 335 12.20 17.22 -61.27
CA SER E 335 13.07 16.68 -60.24
C SER E 335 12.55 16.99 -58.84
N GLU E 336 11.99 18.19 -58.65
CA GLU E 336 11.44 18.53 -57.35
C GLU E 336 10.32 17.58 -56.96
N PHE E 337 9.40 17.30 -57.89
CA PHE E 337 8.35 16.34 -57.63
C PHE E 337 8.91 14.95 -57.36
N GLU E 338 9.96 14.57 -58.11
CA GLU E 338 10.55 13.26 -57.94
C GLU E 338 11.11 13.07 -56.53
N GLN E 339 11.92 14.03 -56.07
CA GLN E 339 12.45 13.94 -54.72
C GLN E 339 11.38 14.12 -53.65
N PHE E 340 10.29 14.85 -53.95
CA PHE E 340 9.23 15.00 -52.97
C PHE E 340 8.48 13.69 -52.76
N ALA E 341 8.09 13.02 -53.85
CA ALA E 341 7.27 11.83 -53.76
C ALA E 341 8.06 10.57 -53.42
N ALA E 342 9.39 10.64 -53.43
CA ALA E 342 10.19 9.45 -53.16
C ALA E 342 10.07 9.05 -51.69
N SER E 343 9.81 7.77 -51.45
CA SER E 343 9.73 7.28 -50.08
C SER E 343 11.12 7.18 -49.46
N ALA E 344 11.16 7.29 -48.14
CA ALA E 344 12.44 7.23 -47.42
C ALA E 344 13.09 5.86 -47.57
N LYS E 345 12.31 4.79 -47.46
CA LYS E 345 12.84 3.44 -47.55
C LYS E 345 11.87 2.52 -48.28
N MET F 1 14.56 -64.82 39.72
CA MET F 1 14.26 -66.06 39.02
C MET F 1 14.21 -65.86 37.52
N ASP F 2 14.46 -64.62 37.08
CA ASP F 2 14.54 -64.31 35.66
C ASP F 2 15.17 -62.95 35.44
N PHE F 3 16.17 -62.87 34.58
CA PHE F 3 16.89 -61.63 34.32
C PHE F 3 16.13 -60.79 33.32
N LEU F 4 15.97 -59.50 33.62
CA LEU F 4 15.11 -58.62 32.84
C LEU F 4 15.80 -57.30 32.59
N LYS F 5 15.32 -56.60 31.57
CA LYS F 5 15.78 -55.26 31.23
C LYS F 5 14.55 -54.37 31.09
N VAL F 6 14.40 -53.43 32.01
CA VAL F 6 13.24 -52.55 32.04
C VAL F 6 13.60 -51.26 31.32
N THR F 7 12.83 -50.92 30.29
CA THR F 7 13.07 -49.72 29.49
C THR F 7 11.84 -48.82 29.57
N ILE F 8 12.06 -47.55 29.90
CA ILE F 8 10.99 -46.57 30.01
C ILE F 8 11.23 -45.48 28.98
N ASN F 9 10.20 -45.13 28.24
CA ASN F 9 10.24 -44.03 27.28
C ASN F 9 9.40 -42.87 27.79
N LEU F 10 9.89 -41.66 27.57
CA LEU F 10 9.27 -40.46 28.14
C LEU F 10 8.49 -39.71 27.08
N GLY F 11 7.31 -39.23 27.46
CA GLY F 11 6.53 -38.35 26.61
C GLY F 11 6.76 -36.90 26.97
N SER F 12 7.29 -36.65 28.18
CA SER F 12 7.67 -35.34 28.65
C SER F 12 8.99 -35.46 29.38
N PRO F 13 9.80 -34.40 29.39
CA PRO F 13 11.09 -34.48 30.08
C PRO F 13 10.91 -34.70 31.57
N MET F 14 11.78 -35.53 32.13
CA MET F 14 11.76 -35.81 33.56
C MET F 14 12.76 -34.93 34.28
N VAL F 15 12.62 -34.87 35.60
CA VAL F 15 13.61 -34.19 36.43
C VAL F 15 14.81 -35.11 36.56
N GLU F 16 15.97 -34.62 36.15
CA GLU F 16 17.18 -35.43 36.22
C GLU F 16 17.50 -35.70 37.68
N PRO F 17 17.55 -36.97 38.10
CA PRO F 17 17.77 -37.27 39.52
C PRO F 17 19.14 -36.81 39.98
N GLY F 18 19.18 -36.20 41.16
CA GLY F 18 20.46 -35.83 41.73
C GLY F 18 21.30 -37.03 42.11
N ASP F 19 20.68 -38.04 42.70
CA ASP F 19 21.35 -39.27 43.09
C ASP F 19 20.68 -40.43 42.34
N LEU F 20 21.05 -41.65 42.70
CA LEU F 20 20.61 -42.83 41.97
C LEU F 20 19.09 -42.98 42.03
N PHE F 21 18.50 -43.33 40.89
CA PHE F 21 17.08 -43.65 40.78
C PHE F 21 16.96 -45.16 40.64
N HIS F 22 16.47 -45.82 41.68
CA HIS F 22 16.47 -47.27 41.74
C HIS F 22 15.16 -47.84 41.21
N LEU F 23 15.28 -48.96 40.49
CA LEU F 23 14.09 -49.62 39.96
C LEU F 23 13.20 -50.15 41.07
N ASP F 24 13.81 -50.70 42.13
CA ASP F 24 13.02 -51.22 43.24
C ASP F 24 12.26 -50.12 43.95
N ALA F 25 12.82 -48.90 43.98
CA ALA F 25 12.10 -47.78 44.58
C ALA F 25 10.85 -47.45 43.80
N LEU F 26 10.95 -47.40 42.47
CA LEU F 26 9.78 -47.13 41.64
C LEU F 26 8.75 -48.24 41.75
N LEU F 27 9.21 -49.49 41.77
CA LEU F 27 8.29 -50.61 41.92
C LEU F 27 7.59 -50.56 43.28
N GLY F 28 8.33 -50.21 44.34
CA GLY F 28 7.70 -50.09 45.64
C GLY F 28 6.68 -48.96 45.68
N ALA F 29 6.98 -47.84 45.03
CA ALA F 29 6.01 -46.75 44.96
C ALA F 29 4.75 -47.19 44.22
N LEU F 30 4.90 -47.92 43.12
CA LEU F 30 3.73 -48.39 42.38
C LEU F 30 2.94 -49.42 43.17
N ARG F 31 3.63 -50.30 43.91
CA ARG F 31 2.94 -51.26 44.76
C ARG F 31 2.17 -50.57 45.87
N VAL F 32 2.78 -49.54 46.47
CA VAL F 32 2.08 -48.77 47.50
C VAL F 32 0.88 -48.06 46.90
N SER F 33 1.00 -47.60 45.65
CA SER F 33 -0.14 -47.01 44.97
C SER F 33 -1.26 -48.03 44.80
N GLU F 34 -0.92 -49.26 44.44
CA GLU F 34 -1.93 -50.31 44.35
C GLU F 34 -2.61 -50.56 45.69
N VAL F 35 -1.83 -50.63 46.75
CA VAL F 35 -2.40 -50.90 48.07
C VAL F 35 -3.29 -49.74 48.51
N ARG F 36 -2.89 -48.52 48.19
CA ARG F 36 -3.74 -47.37 48.46
C ARG F 36 -5.04 -47.46 47.69
N ALA F 37 -4.97 -47.89 46.42
CA ALA F 37 -6.17 -47.98 45.60
C ALA F 37 -7.13 -49.04 46.14
N GLU F 38 -6.61 -50.16 46.63
CA GLU F 38 -7.50 -51.20 47.14
C GLU F 38 -8.03 -50.86 48.53
N LEU F 39 -7.16 -50.45 49.45
CA LEU F 39 -7.53 -50.23 50.84
C LEU F 39 -7.91 -48.79 51.13
N GLY F 40 -6.98 -47.86 50.91
CA GLY F 40 -7.22 -46.46 51.20
C GLY F 40 -5.93 -45.77 51.53
N ASP F 41 -6.06 -44.54 52.02
CA ASP F 41 -4.90 -43.73 52.37
C ASP F 41 -4.43 -43.95 53.80
N GLY F 42 -5.17 -44.71 54.61
CA GLY F 42 -4.77 -44.99 55.97
C GLY F 42 -3.79 -46.11 56.14
N ILE F 43 -3.34 -46.72 55.04
CA ILE F 43 -2.37 -47.79 55.12
C ILE F 43 -1.03 -47.23 55.56
N ASN F 44 -0.23 -48.08 56.21
CA ASN F 44 1.16 -47.74 56.43
C ASN F 44 1.93 -48.04 55.16
N PRO F 45 2.54 -47.03 54.53
CA PRO F 45 3.28 -47.30 53.28
C PRO F 45 4.43 -48.27 53.47
N ARG F 46 5.00 -48.33 54.68
CA ARG F 46 6.14 -49.19 54.94
C ARG F 46 5.77 -50.65 55.08
N ASP F 47 4.49 -50.99 55.13
CA ASP F 47 4.05 -52.36 55.28
C ASP F 47 3.83 -53.07 53.94
N HIS F 48 3.97 -52.35 52.82
CA HIS F 48 3.64 -52.94 51.54
C HIS F 48 4.65 -52.70 50.43
N HIS F 49 5.64 -51.82 50.62
CA HIS F 49 6.55 -51.51 49.52
C HIS F 49 7.66 -52.52 49.36
N TYR F 50 7.74 -53.51 50.22
CA TYR F 50 8.68 -54.62 50.09
C TYR F 50 8.07 -55.81 49.36
N ASP F 51 6.79 -55.76 49.01
CA ASP F 51 6.11 -56.89 48.38
C ASP F 51 6.25 -56.82 46.86
N LEU F 52 7.51 -56.81 46.42
CA LEU F 52 7.80 -56.61 45.01
C LEU F 52 8.26 -57.91 44.36
N PRO F 53 8.03 -58.09 43.06
CA PRO F 53 8.50 -59.28 42.34
C PRO F 53 9.97 -59.19 41.94
N LEU F 54 10.83 -59.06 42.94
CA LEU F 54 12.28 -59.05 42.73
C LEU F 54 12.93 -59.88 43.82
N GLU F 55 13.95 -60.64 43.45
CA GLU F 55 14.66 -61.40 44.47
C GLU F 55 15.71 -60.53 45.15
N GLN F 56 16.13 -60.96 46.33
CA GLN F 56 17.00 -60.16 47.18
C GLN F 56 18.40 -60.75 47.25
N TYR F 57 19.38 -59.87 47.36
CA TYR F 57 20.77 -60.25 47.59
C TYR F 57 21.14 -59.92 49.02
N ARG F 58 21.64 -60.90 49.76
CA ARG F 58 21.99 -60.74 51.17
C ARG F 58 23.49 -60.92 51.34
N SER F 59 24.13 -59.95 52.00
CA SER F 59 25.57 -60.00 52.20
C SER F 59 25.88 -60.77 53.48
N ARG F 60 27.16 -60.79 53.87
CA ARG F 60 27.58 -61.56 55.03
C ARG F 60 26.95 -61.02 56.31
N SER F 61 26.91 -59.69 56.46
CA SER F 61 26.41 -59.07 57.69
C SER F 61 24.89 -59.02 57.74
N GLY F 62 24.19 -59.72 56.86
CA GLY F 62 22.75 -59.69 56.84
C GLY F 62 22.14 -58.52 56.12
N GLN F 63 22.95 -57.60 55.60
CA GLN F 63 22.42 -56.51 54.81
C GLN F 63 21.93 -57.02 53.47
N TRP F 64 20.69 -56.70 53.12
CA TRP F 64 20.07 -57.21 51.91
C TRP F 64 19.65 -56.04 51.02
N VAL F 65 19.70 -56.27 49.71
CA VAL F 65 19.30 -55.28 48.72
C VAL F 65 18.50 -55.98 47.63
N PHE F 66 17.47 -55.31 47.13
CA PHE F 66 16.71 -55.83 46.02
C PHE F 66 17.59 -55.92 44.77
N LYS F 67 17.38 -56.95 43.96
CA LYS F 67 18.14 -57.13 42.74
C LYS F 67 17.48 -56.33 41.63
N ALA F 68 17.72 -55.02 41.67
CA ALA F 68 17.21 -54.10 40.66
C ALA F 68 18.17 -52.93 40.56
N SER F 69 18.83 -52.79 39.42
CA SER F 69 19.83 -51.76 39.27
C SER F 69 19.18 -50.38 39.20
N ALA F 70 19.98 -49.37 39.53
CA ALA F 70 19.53 -47.99 39.37
C ALA F 70 19.34 -47.69 37.89
N PHE F 71 18.32 -46.90 37.59
CA PHE F 71 18.00 -46.57 36.21
C PHE F 71 19.17 -45.87 35.53
N HIS F 72 19.43 -46.26 34.29
CA HIS F 72 20.43 -45.60 33.47
C HIS F 72 19.81 -44.40 32.77
N ILE F 73 20.47 -43.26 32.85
CA ILE F 73 20.00 -42.04 32.20
C ILE F 73 20.85 -41.84 30.95
N ASN F 74 20.24 -41.97 29.78
CA ASN F 74 20.85 -41.59 28.52
C ASN F 74 20.04 -40.44 27.95
N LYS F 75 20.69 -39.32 27.69
CA LYS F 75 20.02 -38.07 27.41
C LYS F 75 19.88 -37.89 25.90
N GLY F 76 18.64 -37.78 25.43
CA GLY F 76 18.40 -37.42 24.04
C GLY F 76 18.63 -35.97 23.71
N ALA F 77 18.79 -35.14 24.74
CA ALA F 77 19.10 -33.73 24.58
C ALA F 77 19.80 -33.24 25.83
N ALA F 78 20.45 -32.09 25.73
CA ALA F 78 21.14 -31.52 26.88
C ALA F 78 20.13 -31.19 27.98
N SER F 79 20.59 -31.31 29.23
CA SER F 79 19.74 -30.99 30.36
C SER F 79 19.38 -29.51 30.36
N GLN F 80 18.14 -29.22 30.71
CA GLN F 80 17.64 -27.85 30.78
C GLN F 80 17.38 -27.48 32.23
N ASN F 81 17.96 -26.36 32.68
CA ASN F 81 17.77 -25.88 34.04
C ASN F 81 16.40 -25.23 34.13
N TRP F 82 15.47 -25.89 34.81
CA TRP F 82 14.11 -25.38 34.91
C TRP F 82 13.97 -24.56 36.18
N MET F 83 13.51 -23.32 36.03
CA MET F 83 13.33 -22.40 37.13
C MET F 83 11.88 -22.38 37.59
N GLN F 84 11.68 -22.42 38.90
CA GLN F 84 10.37 -22.26 39.49
C GLN F 84 10.49 -21.36 40.70
N THR F 85 9.42 -20.66 41.02
CA THR F 85 9.39 -19.73 42.13
C THR F 85 8.25 -20.09 43.07
N SER F 86 8.11 -19.32 44.13
CA SER F 86 6.99 -19.46 45.05
C SER F 86 6.76 -18.12 45.71
N ARG F 87 5.52 -17.64 45.65
CA ARG F 87 5.21 -16.33 46.22
C ARG F 87 3.74 -16.27 46.55
N ILE F 88 3.42 -15.49 47.59
CA ILE F 88 2.06 -15.16 47.95
C ILE F 88 1.78 -13.75 47.46
N ASN F 89 0.70 -13.58 46.69
CA ASN F 89 0.37 -12.27 46.17
C ASN F 89 0.12 -11.29 47.31
N THR F 90 0.96 -10.27 47.40
CA THR F 90 0.86 -9.32 48.50
C THR F 90 -0.37 -8.44 48.38
N ALA F 91 -0.86 -8.20 47.16
CA ALA F 91 -2.08 -7.43 46.99
C ALA F 91 -3.27 -8.15 47.60
N GLU F 92 -3.44 -9.43 47.27
CA GLU F 92 -4.53 -10.22 47.84
C GLU F 92 -4.37 -10.39 49.34
N ALA F 93 -3.13 -10.60 49.80
CA ALA F 93 -2.90 -10.73 51.23
C ALA F 93 -3.27 -9.46 51.98
N ALA F 94 -2.90 -8.30 51.43
CA ALA F 94 -3.25 -7.04 52.05
C ALA F 94 -4.76 -6.83 52.06
N ARG F 95 -5.43 -7.18 50.96
CA ARG F 95 -6.88 -7.05 50.92
C ARG F 95 -7.55 -7.94 51.95
N HIS F 96 -7.09 -9.19 52.08
CA HIS F 96 -7.66 -10.11 53.06
C HIS F 96 -7.39 -9.63 54.48
N ARG F 97 -6.19 -9.09 54.72
CA ARG F 97 -5.87 -8.53 56.03
C ARG F 97 -6.78 -7.36 56.35
N SER F 98 -7.08 -6.52 55.36
CA SER F 98 -8.00 -5.40 55.57
C SER F 98 -9.41 -5.89 55.89
N GLU F 99 -9.88 -6.89 55.16
CA GLU F 99 -11.26 -7.36 55.29
C GLU F 99 -11.46 -8.36 56.41
N GLY F 100 -10.39 -8.75 57.10
CA GLY F 100 -10.49 -9.64 58.24
C GLY F 100 -10.43 -11.11 57.92
N PHE F 101 -10.31 -11.49 56.64
CA PHE F 101 -10.17 -12.90 56.30
C PHE F 101 -8.88 -13.48 56.89
N LEU F 102 -7.80 -12.72 56.82
CA LEU F 102 -6.51 -13.14 57.34
C LEU F 102 -6.21 -12.38 58.63
N LEU F 103 -5.78 -13.10 59.65
CA LEU F 103 -5.44 -12.51 60.95
C LEU F 103 -3.93 -12.35 61.00
N LEU F 104 -3.46 -11.20 60.52
CA LEU F 104 -2.03 -10.86 60.57
C LEU F 104 -1.88 -9.47 61.15
N ARG F 105 -0.93 -9.32 62.07
CA ARG F 105 -0.65 -8.02 62.67
C ARG F 105 0.58 -7.36 62.08
N ALA F 106 1.47 -8.11 61.43
CA ALA F 106 2.67 -7.54 60.85
C ALA F 106 2.31 -6.49 59.81
N ALA F 107 3.07 -5.38 59.81
CA ALA F 107 2.75 -4.28 58.92
C ALA F 107 3.15 -4.58 57.48
N LYS F 108 4.32 -5.18 57.28
CA LYS F 108 4.85 -5.39 55.95
C LYS F 108 5.22 -6.84 55.74
N PRO F 109 5.17 -7.32 54.49
CA PRO F 109 5.71 -8.64 54.19
C PRO F 109 7.23 -8.61 54.15
N ASN F 110 7.81 -9.79 54.27
CA ASN F 110 9.27 -9.95 54.22
C ASN F 110 9.63 -10.96 53.14
N PRO F 111 9.92 -10.51 51.92
CA PRO F 111 10.25 -11.46 50.85
C PRO F 111 11.53 -12.23 51.09
N ALA F 112 12.40 -11.78 51.99
CA ALA F 112 13.63 -12.52 52.27
C ALA F 112 13.37 -13.76 53.13
N GLY F 113 12.34 -13.72 53.96
CA GLY F 113 12.01 -14.86 54.80
C GLY F 113 10.71 -14.66 55.54
N GLY F 114 10.02 -15.75 55.88
CA GLY F 114 8.76 -15.66 56.55
C GLY F 114 7.62 -16.21 55.72
N PRO F 115 6.39 -15.97 56.17
CA PRO F 115 5.23 -16.47 55.41
C PRO F 115 5.13 -15.92 54.00
N PHE F 116 5.55 -14.68 53.78
CA PHE F 116 5.48 -14.03 52.46
C PHE F 116 6.82 -14.00 51.77
N LYS F 117 7.62 -15.05 51.94
CA LYS F 117 8.94 -15.10 51.33
C LYS F 117 8.84 -15.53 49.86
N ASN F 118 9.47 -14.78 48.98
CA ASN F 118 9.69 -15.24 47.62
C ASN F 118 10.89 -16.18 47.61
N SER F 119 10.77 -17.27 46.87
CA SER F 119 11.84 -18.25 46.77
C SER F 119 12.11 -18.57 45.31
N LEU F 120 13.39 -18.71 44.99
CA LEU F 120 13.83 -19.06 43.63
C LEU F 120 14.62 -20.36 43.71
N TYR F 121 14.17 -21.37 42.98
CA TYR F 121 14.85 -22.65 42.96
C TYR F 121 14.84 -23.21 41.55
N HIS F 122 15.81 -24.07 41.26
CA HIS F 122 15.97 -24.65 39.94
C HIS F 122 16.18 -26.16 40.07
N TYR F 123 15.71 -26.88 39.05
CA TYR F 123 15.98 -28.30 38.89
C TYR F 123 16.12 -28.61 37.41
N PRO F 124 16.91 -29.62 37.04
CA PRO F 124 17.14 -29.90 35.63
C PRO F 124 16.11 -30.83 35.02
N LEU F 125 15.78 -30.57 33.76
CA LEU F 125 14.86 -31.38 32.98
C LEU F 125 15.62 -32.06 31.86
N VAL F 126 15.36 -33.35 31.65
CA VAL F 126 16.07 -34.15 30.66
C VAL F 126 15.08 -35.00 29.89
N TRP F 127 15.29 -35.09 28.57
CA TRP F 127 14.66 -36.12 27.76
C TRP F 127 15.55 -37.36 27.81
N ALA F 128 15.01 -38.47 28.29
CA ALA F 128 15.83 -39.65 28.48
C ALA F 128 15.01 -40.90 28.22
N THR F 129 15.73 -41.97 27.89
CA THR F 129 15.19 -43.33 27.83
C THR F 129 15.74 -44.09 29.02
N LEU F 130 14.86 -44.43 29.96
CA LEU F 130 15.25 -45.08 31.21
C LEU F 130 15.44 -46.56 30.96
N THR F 131 16.62 -47.08 31.24
CA THR F 131 16.88 -48.51 31.13
C THR F 131 17.52 -49.01 32.42
N ALA F 132 17.00 -50.12 32.93
CA ALA F 132 17.53 -50.73 34.14
C ALA F 132 17.35 -52.24 34.06
N TYR F 133 18.17 -52.96 34.81
CA TYR F 133 18.20 -54.41 34.80
C TYR F 133 17.82 -54.93 36.17
N CYS F 134 17.04 -56.02 36.19
CA CYS F 134 16.55 -56.56 37.44
C CYS F 134 16.35 -58.07 37.30
N VAL F 135 16.29 -58.73 38.44
CA VAL F 135 16.01 -60.16 38.52
C VAL F 135 14.64 -60.31 39.17
N GLY F 136 13.67 -60.78 38.40
CA GLY F 136 12.33 -60.92 38.93
C GLY F 136 11.35 -61.44 37.91
N ASP F 137 10.07 -61.31 38.23
CA ASP F 137 8.99 -61.80 37.38
C ASP F 137 8.67 -60.76 36.32
N GLN F 138 8.74 -61.16 35.05
CA GLN F 138 8.44 -60.23 33.96
C GLN F 138 6.99 -59.79 34.00
N ALA F 139 6.06 -60.73 34.18
CA ALA F 139 4.65 -60.40 34.11
C ALA F 139 4.25 -59.40 35.19
N ARG F 140 4.68 -59.64 36.42
CA ARG F 140 4.28 -58.77 37.53
C ARG F 140 4.96 -57.41 37.45
N ILE F 141 6.23 -57.38 37.04
CA ILE F 141 6.91 -56.10 36.87
C ILE F 141 6.23 -55.28 35.77
N ALA F 142 5.88 -55.92 34.66
CA ALA F 142 5.19 -55.21 33.59
C ALA F 142 3.81 -54.75 34.04
N ASP F 143 3.11 -55.56 34.83
CA ASP F 143 1.81 -55.16 35.35
C ASP F 143 1.92 -53.96 36.27
N LEU F 144 2.93 -53.96 37.15
CA LEU F 144 3.13 -52.82 38.04
C LEU F 144 3.47 -51.56 37.25
N LEU F 145 4.36 -51.68 36.26
CA LEU F 145 4.75 -50.54 35.46
C LEU F 145 3.65 -50.06 34.54
N SER F 146 2.60 -50.85 34.34
CA SER F 146 1.49 -50.42 33.50
C SER F 146 0.77 -49.23 34.13
N GLN F 147 0.66 -49.21 35.45
CA GLN F 147 -0.04 -48.13 36.14
C GLN F 147 0.82 -46.90 36.35
N CYS F 148 2.12 -46.97 36.04
CA CYS F 148 2.99 -45.83 36.22
C CYS F 148 2.73 -44.81 35.11
N ARG F 149 2.46 -43.57 35.50
CA ARG F 149 2.22 -42.48 34.57
C ARG F 149 3.42 -41.56 34.41
N GLN F 150 4.17 -41.32 35.47
CA GLN F 150 5.27 -40.37 35.42
C GLN F 150 6.51 -40.93 36.10
N ILE F 151 7.66 -40.47 35.63
CA ILE F 151 8.98 -40.90 36.13
C ILE F 151 9.71 -39.69 36.68
N GLY F 152 10.29 -39.87 37.86
CA GLY F 152 11.12 -38.86 38.46
C GLY F 152 10.37 -37.99 39.44
N GLY F 153 11.04 -36.93 39.87
CA GLY F 153 10.46 -36.00 40.81
C GLY F 153 9.62 -34.94 40.12
N ARG F 154 9.10 -34.03 40.94
CA ARG F 154 8.29 -32.92 40.47
C ARG F 154 7.12 -33.41 39.62
N ARG F 155 6.51 -34.50 40.06
CA ARG F 155 5.39 -35.08 39.33
C ARG F 155 4.15 -34.22 39.42
N GLY F 156 4.02 -33.42 40.48
CA GLY F 156 2.84 -32.59 40.65
C GLY F 156 2.69 -31.55 39.54
N VAL F 157 3.80 -31.05 39.02
CA VAL F 157 3.78 -30.07 37.95
C VAL F 157 3.91 -30.74 36.58
N GLY F 158 3.69 -32.04 36.51
CA GLY F 158 3.68 -32.75 35.24
C GLY F 158 5.03 -32.88 34.59
N CYS F 159 5.97 -33.53 35.27
CA CYS F 159 7.32 -33.73 34.76
C CYS F 159 7.60 -35.22 34.66
N GLY F 160 7.89 -35.69 33.46
CA GLY F 160 8.34 -37.06 33.25
C GLY F 160 7.26 -38.03 32.84
N ARG F 161 6.31 -37.59 32.02
CA ARG F 161 5.23 -38.46 31.60
C ARG F 161 5.78 -39.65 30.81
N VAL F 162 5.13 -40.80 30.96
CA VAL F 162 5.58 -42.04 30.35
C VAL F 162 4.84 -42.25 29.04
N ALA F 163 5.59 -42.29 27.94
CA ALA F 163 5.03 -42.64 26.65
C ALA F 163 4.83 -44.15 26.51
N GLY F 164 5.72 -44.93 27.09
CA GLY F 164 5.60 -46.38 27.03
C GLY F 164 6.72 -47.02 27.80
N PHE F 165 6.65 -48.35 27.88
CA PHE F 165 7.66 -49.12 28.61
C PHE F 165 7.74 -50.52 28.02
N SER F 166 8.84 -51.21 28.34
CA SER F 166 9.03 -52.56 27.88
C SER F 166 9.92 -53.32 28.87
N VAL F 167 9.58 -54.60 29.09
CA VAL F 167 10.39 -55.48 29.91
C VAL F 167 10.84 -56.64 29.03
N GLU F 168 12.15 -56.89 29.00
CA GLU F 168 12.72 -57.88 28.12
C GLU F 168 13.69 -58.77 28.87
N VAL F 169 13.67 -60.06 28.55
CA VAL F 169 14.63 -61.00 29.11
C VAL F 169 15.92 -60.90 28.33
N VAL F 170 17.02 -60.64 29.02
CA VAL F 170 18.31 -60.43 28.38
C VAL F 170 19.36 -61.34 29.01
N PRO F 171 20.41 -61.73 28.29
CA PRO F 171 21.48 -62.50 28.92
C PRO F 171 22.19 -61.68 29.99
N GLU F 172 22.72 -62.39 31.00
CA GLU F 172 23.38 -61.72 32.10
C GLU F 172 24.61 -60.96 31.63
N VAL F 173 25.23 -61.42 30.54
CA VAL F 173 26.47 -60.82 30.05
C VAL F 173 26.29 -59.37 29.61
N GLU F 174 25.07 -58.98 29.24
CA GLU F 174 24.85 -57.61 28.76
C GLU F 174 25.18 -56.58 29.84
N CYS F 175 24.59 -56.74 31.01
CA CYS F 175 24.80 -55.87 32.15
C CYS F 175 24.18 -56.55 33.35
N THR F 176 24.48 -56.02 34.53
CA THR F 176 24.06 -56.66 35.77
C THR F 176 23.12 -55.76 36.54
N TRP F 177 22.58 -56.30 37.63
CA TRP F 177 21.71 -55.58 38.54
C TRP F 177 22.48 -54.87 39.64
N ALA F 178 23.81 -54.94 39.61
CA ALA F 178 24.60 -54.43 40.72
C ALA F 178 24.87 -52.94 40.65
N LEU F 179 24.43 -52.27 39.59
CA LEU F 179 24.61 -50.82 39.48
C LEU F 179 23.58 -50.11 40.36
N ARG F 180 23.82 -50.22 41.67
CA ARG F 180 22.92 -49.65 42.67
C ARG F 180 23.71 -49.46 43.96
N ALA F 181 23.02 -49.05 45.01
CA ALA F 181 23.65 -48.87 46.31
C ALA F 181 23.80 -50.24 46.97
N MET F 182 25.01 -50.75 46.99
CA MET F 182 25.33 -52.05 47.54
C MET F 182 25.71 -51.95 49.01
N PRO F 183 25.53 -53.04 49.76
CA PRO F 183 25.98 -53.05 51.15
C PRO F 183 27.48 -52.86 51.25
N ASP F 184 27.93 -52.48 52.45
CA ASP F 184 29.33 -52.15 52.64
C ASP F 184 30.23 -53.35 52.36
N ASP F 185 29.82 -54.53 52.80
CA ASP F 185 30.60 -55.75 52.63
C ASP F 185 30.12 -56.58 51.44
N SER F 186 29.58 -55.93 50.41
CA SER F 186 29.16 -56.65 49.22
C SER F 186 30.36 -57.28 48.54
N GLU F 187 30.16 -58.46 47.96
CA GLU F 187 31.26 -59.18 47.33
C GLU F 187 31.75 -58.43 46.10
N GLN F 188 33.07 -58.40 45.94
CA GLN F 188 33.67 -57.65 44.84
C GLN F 188 33.33 -58.24 43.48
N SER F 189 33.20 -59.57 43.41
CA SER F 189 33.01 -60.23 42.12
C SER F 189 31.74 -59.77 41.43
N ILE F 190 30.66 -59.57 42.19
CA ILE F 190 29.38 -59.24 41.59
C ILE F 190 29.25 -57.77 41.23
N LEU F 191 30.20 -56.94 41.64
CA LEU F 191 30.12 -55.50 41.36
C LEU F 191 30.61 -55.21 39.95
N CYS F 192 29.88 -54.35 39.24
CA CYS F 192 30.21 -53.95 37.89
C CYS F 192 30.91 -52.60 37.94
N GLY F 193 32.22 -52.60 37.72
CA GLY F 193 32.98 -51.37 37.71
C GLY F 193 33.43 -50.94 39.09
N GLU F 194 33.76 -49.65 39.18
CA GLU F 194 34.27 -49.07 40.41
C GLU F 194 33.13 -48.60 41.29
N TYR F 195 33.19 -48.93 42.57
CA TYR F 195 32.17 -48.56 43.55
C TYR F 195 32.83 -47.70 44.62
N ALA F 196 32.27 -46.51 44.84
CA ALA F 196 32.79 -45.60 45.84
C ALA F 196 31.94 -45.67 47.10
N LEU F 197 32.59 -45.77 48.24
CA LEU F 197 31.87 -45.83 49.51
C LEU F 197 31.20 -44.48 49.78
N ALA F 198 29.92 -44.51 50.10
CA ALA F 198 29.16 -43.31 50.38
C ALA F 198 28.03 -43.65 51.33
N MET F 199 27.29 -42.62 51.74
CA MET F 199 26.15 -42.79 52.62
C MET F 199 24.88 -42.75 51.80
N SER F 200 24.15 -43.87 51.79
CA SER F 200 22.91 -43.97 51.04
C SER F 200 22.06 -45.06 51.68
N ALA F 201 20.77 -45.04 51.35
CA ALA F 201 19.88 -46.08 51.81
C ALA F 201 19.96 -47.28 50.87
N LEU F 202 19.74 -48.46 51.43
CA LEU F 202 19.71 -49.70 50.65
C LEU F 202 18.31 -50.14 50.29
N GLN F 203 17.29 -49.58 50.92
CA GLN F 203 15.90 -49.89 50.63
C GLN F 203 15.12 -48.60 50.44
N SER F 204 14.06 -48.69 49.66
CA SER F 204 13.12 -47.58 49.58
C SER F 204 12.45 -47.39 50.94
N PRO F 205 12.22 -46.16 51.36
CA PRO F 205 12.54 -44.90 50.68
C PRO F 205 14.00 -44.54 50.80
N TYR F 206 14.62 -44.05 49.72
CA TYR F 206 16.01 -43.67 49.75
C TYR F 206 16.23 -42.25 50.24
N TRP F 207 15.16 -41.48 50.40
CA TRP F 207 15.24 -40.11 50.87
C TRP F 207 15.18 -39.99 52.37
N ASP F 208 14.96 -41.09 53.08
CA ASP F 208 14.86 -41.07 54.54
C ASP F 208 16.27 -41.04 55.12
N ARG F 209 16.62 -39.92 55.76
CA ARG F 209 17.97 -39.74 56.25
C ARG F 209 18.27 -40.55 57.50
N SER F 210 17.25 -41.04 58.21
CA SER F 210 17.48 -41.91 59.34
C SER F 210 17.83 -43.33 58.93
N LEU F 211 17.53 -43.70 57.68
CA LEU F 211 17.84 -45.03 57.15
C LEU F 211 19.15 -45.07 56.39
N HIS F 212 19.87 -43.95 56.31
CA HIS F 212 21.09 -43.90 55.51
C HIS F 212 22.19 -44.71 56.16
N LYS F 213 22.97 -45.40 55.34
CA LYS F 213 24.03 -46.29 55.79
C LYS F 213 25.25 -46.12 54.90
N PRO F 214 26.44 -46.41 55.42
CA PRO F 214 27.62 -46.47 54.54
C PRO F 214 27.44 -47.58 53.51
N ALA F 215 27.40 -47.20 52.24
CA ALA F 215 27.09 -48.12 51.16
C ALA F 215 28.01 -47.87 49.98
N LEU F 216 28.14 -48.88 49.14
CA LEU F 216 28.93 -48.79 47.92
C LEU F 216 28.04 -48.32 46.78
N VAL F 217 28.35 -47.16 46.23
CA VAL F 217 27.58 -46.54 45.16
C VAL F 217 28.44 -46.48 43.91
N PRO F 218 27.96 -46.91 42.76
CA PRO F 218 28.79 -46.88 41.55
C PRO F 218 29.14 -45.45 41.15
N THR F 219 30.44 -45.22 40.92
CA THR F 219 30.89 -43.90 40.52
C THR F 219 30.41 -43.53 39.12
N SER F 220 30.28 -44.51 38.23
CA SER F 220 29.86 -44.26 36.87
C SER F 220 28.36 -44.13 36.71
N LEU F 221 27.63 -43.95 37.81
CA LEU F 221 26.18 -43.80 37.76
C LEU F 221 25.64 -42.64 38.58
N ALA F 222 26.34 -42.19 39.61
CA ALA F 222 25.87 -41.10 40.45
C ALA F 222 26.00 -39.77 39.72
N MET G 1 33.44 -39.90 61.55
CA MET G 1 32.27 -39.02 61.55
C MET G 1 31.16 -39.61 60.70
N ARG G 2 29.95 -39.61 61.26
CA ARG G 2 28.83 -40.37 60.72
C ARG G 2 27.65 -39.46 60.40
N TYR G 3 27.44 -38.43 61.21
CA TYR G 3 26.31 -37.53 61.10
C TYR G 3 26.82 -36.11 60.97
N PRO G 4 26.01 -35.21 60.40
CA PRO G 4 26.42 -33.80 60.34
C PRO G 4 26.67 -33.19 61.71
N SER G 5 25.92 -33.59 62.73
CA SER G 5 26.10 -33.04 64.06
C SER G 5 27.38 -33.52 64.73
N ASP G 6 28.04 -34.54 64.18
CA ASP G 6 29.28 -35.04 64.78
C ASP G 6 30.41 -34.03 64.70
N VAL G 7 30.28 -32.98 63.89
CA VAL G 7 31.35 -31.99 63.79
C VAL G 7 31.48 -31.19 65.07
N VAL G 8 30.43 -31.07 65.86
CA VAL G 8 30.49 -30.22 67.05
C VAL G 8 31.52 -30.76 68.04
N ASP G 9 31.28 -31.96 68.56
CA ASP G 9 32.14 -32.53 69.58
C ASP G 9 33.47 -33.05 69.04
N GLN G 10 33.65 -33.11 67.72
CA GLN G 10 34.86 -33.70 67.16
C GLN G 10 35.84 -32.68 66.59
N VAL G 11 35.37 -31.54 66.08
CA VAL G 11 36.29 -30.48 65.66
C VAL G 11 36.06 -29.18 66.40
N PHE G 12 34.87 -28.93 66.96
CA PHE G 12 34.65 -27.76 67.79
C PHE G 12 34.76 -28.04 69.27
N LYS G 13 34.54 -29.29 69.68
CA LYS G 13 34.73 -29.74 71.06
C LYS G 13 33.95 -28.87 72.03
N LEU G 14 32.72 -28.53 71.65
CA LEU G 14 31.86 -27.69 72.47
C LEU G 14 31.00 -28.54 73.39
N PRO G 15 31.06 -28.36 74.70
CA PRO G 15 30.18 -29.10 75.59
C PRO G 15 28.72 -28.69 75.36
N PRO G 16 27.78 -29.58 75.65
CA PRO G 16 26.36 -29.25 75.41
C PRO G 16 25.90 -28.09 76.28
N ASP G 17 24.89 -27.38 75.78
CA ASP G 17 24.34 -26.24 76.49
C ASP G 17 23.60 -26.70 77.74
N LYS G 18 23.19 -25.74 78.55
CA LYS G 18 22.48 -26.00 79.80
C LYS G 18 20.98 -25.86 79.60
N GLY G 19 20.23 -26.42 80.55
CA GLY G 19 18.78 -26.35 80.48
C GLY G 19 18.15 -27.28 79.46
N LEU G 20 18.89 -28.28 79.00
CA LEU G 20 18.39 -29.18 77.96
C LEU G 20 17.69 -30.38 78.59
N LEU G 21 16.54 -30.73 78.02
CA LEU G 21 15.80 -31.89 78.49
C LEU G 21 16.56 -33.17 78.15
N THR G 22 16.26 -34.23 78.89
CA THR G 22 16.86 -35.53 78.70
C THR G 22 15.81 -36.50 78.17
N TRP G 23 16.13 -37.16 77.05
CA TRP G 23 15.17 -38.07 76.44
C TRP G 23 14.98 -39.30 77.31
N ASP G 24 13.73 -39.66 77.57
CA ASP G 24 13.38 -40.79 78.41
C ASP G 24 12.25 -41.59 77.77
N ASN G 25 12.38 -41.87 76.48
CA ASN G 25 11.35 -42.59 75.75
C ASN G 25 12.02 -43.45 74.68
N ASP G 26 11.22 -43.99 73.78
CA ASP G 26 11.75 -44.79 72.68
C ASP G 26 12.63 -43.91 71.80
N PRO G 27 13.76 -44.44 71.31
CA PRO G 27 14.65 -43.61 70.49
C PRO G 27 13.97 -43.10 69.24
N VAL G 28 14.33 -41.88 68.85
CA VAL G 28 13.80 -41.27 67.64
C VAL G 28 14.87 -40.33 67.09
N ALA G 29 14.90 -40.20 65.76
CA ALA G 29 15.95 -39.45 65.10
C ALA G 29 15.78 -37.95 65.31
N CYS G 30 16.90 -37.24 65.29
CA CYS G 30 16.87 -35.78 65.28
C CYS G 30 16.15 -35.27 64.05
N SER G 31 15.36 -34.21 64.23
CA SER G 31 14.64 -33.63 63.09
C SER G 31 15.57 -32.96 62.10
N HIS G 32 16.84 -32.75 62.45
CA HIS G 32 17.78 -32.04 61.60
C HIS G 32 18.85 -32.94 60.99
N CYS G 33 19.54 -33.73 61.80
CA CYS G 33 20.64 -34.56 61.32
C CYS G 33 20.33 -36.04 61.33
N ALA G 34 19.09 -36.42 61.62
CA ALA G 34 18.63 -37.81 61.66
C ALA G 34 19.35 -38.66 62.71
N ARG G 35 20.11 -38.03 63.60
CA ARG G 35 20.84 -38.78 64.61
C ARG G 35 19.86 -39.37 65.62
N PRO G 36 20.01 -40.63 66.00
CA PRO G 36 19.13 -41.19 67.02
C PRO G 36 19.30 -40.47 68.35
N ILE G 37 18.19 -40.27 69.04
CA ILE G 37 18.19 -39.67 70.38
C ILE G 37 17.69 -40.75 71.32
N GLU G 38 18.62 -41.51 71.89
CA GLU G 38 18.25 -42.60 72.78
C GLU G 38 18.05 -42.07 74.20
N LYS G 39 17.75 -42.98 75.13
CA LYS G 39 17.56 -42.59 76.51
C LYS G 39 18.86 -42.06 77.11
N GLY G 40 18.75 -40.98 77.86
CA GLY G 40 19.90 -40.35 78.47
C GLY G 40 20.59 -39.31 77.61
N ASP G 41 20.20 -39.18 76.35
CA ASP G 41 20.78 -38.17 75.48
C ASP G 41 20.08 -36.83 75.69
N LEU G 42 20.85 -35.75 75.64
CA LEU G 42 20.30 -34.42 75.83
C LEU G 42 19.71 -33.90 74.53
N TYR G 43 18.44 -33.49 74.58
CA TYR G 43 17.74 -32.97 73.43
C TYR G 43 17.01 -31.70 73.84
N SER G 44 16.28 -31.11 72.89
CA SER G 44 15.43 -29.96 73.14
C SER G 44 14.32 -29.97 72.11
N PRO G 45 13.09 -29.62 72.50
CA PRO G 45 11.99 -29.62 71.54
C PRO G 45 12.19 -28.55 70.47
N SER G 46 11.57 -28.78 69.31
CA SER G 46 11.78 -27.93 68.15
C SER G 46 11.09 -26.58 68.35
N SER G 47 11.85 -25.50 68.22
CA SER G 47 11.34 -24.14 68.34
C SER G 47 11.92 -23.29 67.22
N VAL G 48 11.84 -23.80 65.99
CA VAL G 48 12.56 -23.20 64.86
C VAL G 48 12.04 -21.81 64.54
N GLY G 49 10.75 -21.56 64.70
CA GLY G 49 10.19 -20.26 64.42
C GLY G 49 9.65 -20.13 63.00
N ALA G 50 8.99 -19.01 62.75
CA ALA G 50 8.30 -18.79 61.49
C ALA G 50 9.24 -18.46 60.33
N PHE G 51 10.52 -18.23 60.60
CA PHE G 51 11.48 -17.90 59.55
C PHE G 51 12.31 -19.10 59.13
N PHE G 52 11.91 -20.30 59.52
CA PHE G 52 12.59 -21.53 59.13
C PHE G 52 12.00 -21.99 57.81
N SER G 53 12.81 -21.95 56.75
CA SER G 53 12.36 -22.28 55.41
C SER G 53 12.92 -23.61 54.92
N ASP G 54 13.23 -24.51 55.85
CA ASP G 54 13.84 -25.80 55.52
C ASP G 54 13.05 -26.94 56.15
N THR G 55 11.72 -26.80 56.18
CA THR G 55 10.89 -27.90 56.66
C THR G 55 10.96 -29.10 55.73
N ARG G 56 11.24 -28.86 54.45
CA ARG G 56 11.35 -29.98 53.50
C ARG G 56 12.55 -30.85 53.80
N ASN G 57 13.61 -30.28 54.33
CA ASN G 57 14.85 -31.02 54.58
C ASN G 57 14.91 -31.63 55.97
N LEU G 58 13.85 -31.52 56.76
CA LEU G 58 13.85 -32.14 58.07
C LEU G 58 13.92 -33.65 57.94
N ALA G 59 14.81 -34.26 58.74
CA ALA G 59 15.04 -35.69 58.62
C ALA G 59 13.89 -36.51 59.20
N SER G 60 13.19 -35.96 60.18
CA SER G 60 12.07 -36.69 60.80
C SER G 60 11.11 -35.69 61.42
N THR G 61 9.89 -36.16 61.67
CA THR G 61 8.85 -35.36 62.29
C THR G 61 8.79 -35.55 63.80
N SER G 62 9.93 -35.83 64.44
CA SER G 62 9.97 -36.07 65.87
C SER G 62 9.92 -34.78 66.68
N ARG G 63 10.14 -33.63 66.04
CA ARG G 63 10.13 -32.33 66.72
C ARG G 63 11.12 -32.28 67.87
N SER G 64 12.22 -33.02 67.76
CA SER G 64 13.28 -33.03 68.74
C SER G 64 14.59 -32.68 68.07
N ILE G 65 15.42 -31.91 68.77
CA ILE G 65 16.70 -31.46 68.26
C ILE G 65 17.78 -31.82 69.28
N CYS G 66 18.82 -32.51 68.83
CA CYS G 66 19.92 -32.84 69.71
C CYS G 66 20.75 -31.60 70.01
N TRP G 67 21.58 -31.69 71.07
CA TRP G 67 22.34 -30.53 71.50
C TRP G 67 23.39 -30.12 70.48
N ARG G 68 23.97 -31.08 69.75
CA ARG G 68 24.94 -30.74 68.71
C ARG G 68 24.30 -29.88 67.64
N CYS G 69 23.08 -30.23 67.22
CA CYS G 69 22.38 -29.40 66.25
C CYS G 69 22.03 -28.04 66.83
N LEU G 70 21.64 -28.00 68.11
CA LEU G 70 21.37 -26.72 68.75
C LEU G 70 22.58 -25.80 68.69
N ILE G 71 23.77 -26.37 68.90
CA ILE G 71 24.99 -25.59 68.70
C ILE G 71 25.15 -25.21 67.24
N LEU G 72 24.85 -26.13 66.32
CA LEU G 72 24.99 -25.85 64.89
C LEU G 72 24.02 -24.77 64.43
N ARG G 73 22.87 -24.64 65.08
CA ARG G 73 21.83 -23.72 64.65
C ARG G 73 22.04 -22.30 65.12
N LYS G 74 23.11 -22.03 65.87
CA LYS G 74 23.41 -20.68 66.29
C LYS G 74 23.78 -19.81 65.10
N LYS G 75 23.50 -18.52 65.22
CA LYS G 75 23.77 -17.60 64.11
C LYS G 75 25.27 -17.54 63.81
N GLN G 76 26.10 -17.53 64.85
CA GLN G 76 27.55 -17.52 64.65
C GLN G 76 28.00 -18.77 63.92
N MET G 77 27.36 -19.91 64.20
CA MET G 77 27.69 -21.16 63.51
C MET G 77 27.20 -21.16 62.08
N LEU G 78 25.99 -20.62 61.84
CA LEU G 78 25.48 -20.57 60.48
C LEU G 78 26.34 -19.67 59.60
N ASN G 79 26.68 -18.48 60.09
CA ASN G 79 27.51 -17.57 59.32
C ASN G 79 28.91 -18.15 59.09
N GLY G 80 29.48 -18.77 60.13
CA GLY G 80 30.81 -19.33 59.99
C GLY G 80 30.89 -20.49 59.03
N LEU G 81 29.81 -21.27 58.91
CA LEU G 81 29.78 -22.45 58.05
C LEU G 81 29.05 -22.19 56.73
N SER G 82 29.12 -20.97 56.21
CA SER G 82 28.47 -20.68 54.94
C SER G 82 29.25 -21.27 53.77
N TYR G 83 30.57 -21.19 53.81
CA TYR G 83 31.43 -21.72 52.76
C TYR G 83 32.52 -22.59 53.38
N ALA G 84 32.13 -23.50 54.26
CA ALA G 84 33.05 -24.23 55.11
C ALA G 84 33.20 -25.68 54.64
N LEU G 85 34.43 -26.18 54.74
CA LEU G 85 34.75 -27.59 54.54
C LEU G 85 35.24 -28.13 55.88
N ILE G 86 34.45 -28.98 56.50
CA ILE G 86 34.76 -29.52 57.82
C ILE G 86 35.31 -30.93 57.64
N THR G 87 36.60 -31.09 57.87
CA THR G 87 37.24 -32.39 57.87
C THR G 87 37.45 -32.82 59.33
N GLN G 88 38.12 -33.96 59.52
CA GLN G 88 38.41 -34.42 60.88
C GLN G 88 39.39 -33.48 61.58
N ASP G 89 40.35 -32.93 60.85
CA ASP G 89 41.36 -32.08 61.47
C ASP G 89 40.77 -30.74 61.90
N GLY G 90 39.96 -30.11 61.06
CA GLY G 90 39.41 -28.82 61.39
C GLY G 90 38.47 -28.33 60.32
N VAL G 91 38.10 -27.07 60.42
CA VAL G 91 37.17 -26.43 59.49
C VAL G 91 37.94 -25.48 58.59
N PHE G 92 37.79 -25.66 57.29
CA PHE G 92 38.44 -24.84 56.28
C PHE G 92 37.39 -24.07 55.49
N GLN G 93 37.83 -23.01 54.83
CA GLN G 93 36.94 -22.16 54.05
C GLN G 93 37.25 -22.34 52.57
N ILE G 94 36.24 -22.76 51.81
CA ILE G 94 36.38 -22.99 50.38
C ILE G 94 35.77 -21.85 49.56
N SER G 95 35.68 -20.66 50.14
CA SER G 95 35.02 -19.54 49.45
C SER G 95 35.77 -19.16 48.17
N LYS G 96 37.10 -19.21 48.21
CA LYS G 96 37.89 -18.82 47.05
C LYS G 96 37.82 -19.88 45.96
N ASP G 97 38.07 -19.45 44.72
CA ASP G 97 38.05 -20.37 43.59
C ASP G 97 39.18 -21.38 43.66
N THR G 98 40.37 -20.94 44.09
CA THR G 98 41.50 -21.85 44.21
C THR G 98 41.22 -22.94 45.23
N ASN G 99 40.57 -22.58 46.34
CA ASN G 99 40.19 -23.58 47.33
C ASN G 99 39.20 -24.58 46.76
N LYS G 100 38.24 -24.11 45.95
CA LYS G 100 37.29 -25.02 45.32
C LYS G 100 38.00 -25.96 44.36
N ALA G 101 38.94 -25.45 43.57
CA ALA G 101 39.69 -26.29 42.64
C ALA G 101 40.49 -27.34 43.39
N TRP G 102 41.14 -26.94 44.48
CA TRP G 102 41.90 -27.89 45.28
C TRP G 102 40.99 -28.96 45.87
N LEU G 103 39.83 -28.56 46.38
CA LEU G 103 38.91 -29.54 46.97
C LEU G 103 38.38 -30.52 45.95
N PHE G 104 38.02 -30.03 44.76
CA PHE G 104 37.40 -30.87 43.75
C PHE G 104 38.38 -31.55 42.82
N THR G 105 39.68 -31.32 43.00
CA THR G 105 40.68 -32.06 42.25
C THR G 105 41.63 -32.84 43.14
N THR G 106 41.98 -32.32 44.31
CA THR G 106 42.85 -32.99 45.27
C THR G 106 42.16 -32.94 46.64
N PRO G 107 41.14 -33.76 46.85
CA PRO G 107 40.37 -33.68 48.09
C PRO G 107 41.14 -34.26 49.26
N PRO G 108 40.80 -33.87 50.50
CA PRO G 108 41.39 -34.51 51.66
C PRO G 108 40.94 -35.97 51.75
N PRO G 109 41.77 -36.83 52.34
CA PRO G 109 41.39 -38.25 52.40
C PRO G 109 40.28 -38.55 53.41
N ALA G 110 40.36 -37.95 54.60
CA ALA G 110 39.46 -38.31 55.69
C ALA G 110 38.03 -37.92 55.34
N PRO G 111 37.04 -38.48 56.04
CA PRO G 111 35.65 -38.03 55.86
C PRO G 111 35.53 -36.53 56.11
N PHE G 112 34.72 -35.87 55.29
CA PHE G 112 34.54 -34.44 55.42
C PHE G 112 33.15 -34.05 54.95
N PHE G 113 32.72 -32.87 55.38
CA PHE G 113 31.49 -32.24 54.92
C PHE G 113 31.82 -31.01 54.10
N VAL G 114 31.08 -30.80 53.02
CA VAL G 114 31.27 -29.65 52.16
C VAL G 114 30.00 -28.80 52.19
N MET G 115 30.16 -27.52 52.49
CA MET G 115 29.05 -26.58 52.57
C MET G 115 29.29 -25.42 51.63
N HIS G 116 28.21 -24.89 51.08
CA HIS G 116 28.29 -23.65 50.31
C HIS G 116 26.91 -23.02 50.30
N SER G 117 26.83 -21.77 50.74
CA SER G 117 25.56 -21.06 50.79
C SER G 117 25.30 -20.36 49.47
N SER G 118 24.04 -20.41 49.03
CA SER G 118 23.62 -19.72 47.83
C SER G 118 23.02 -18.34 48.13
N SER G 119 23.01 -17.93 49.39
CA SER G 119 22.42 -16.66 49.78
C SER G 119 23.17 -16.12 50.99
N THR G 120 22.60 -15.10 51.63
CA THR G 120 23.28 -14.43 52.72
C THR G 120 23.50 -15.36 53.92
N MET G 121 22.49 -16.14 54.28
CA MET G 121 22.63 -17.09 55.36
C MET G 121 21.63 -18.21 55.16
N GLN G 122 22.09 -19.46 55.34
CA GLN G 122 21.26 -20.62 55.15
C GLN G 122 21.61 -21.68 56.18
N HIS G 123 20.67 -22.59 56.41
CA HIS G 123 20.91 -23.76 57.23
C HIS G 123 21.55 -24.83 56.36
N LEU G 124 22.84 -25.08 56.58
CA LEU G 124 23.57 -26.02 55.73
C LEU G 124 24.11 -27.21 56.48
N CYS G 125 24.77 -27.00 57.62
CA CYS G 125 25.61 -28.05 58.21
C CYS G 125 24.80 -29.29 58.53
N TRP G 126 23.61 -29.14 59.09
CA TRP G 126 22.82 -30.30 59.46
C TRP G 126 22.12 -30.96 58.27
N ARG G 127 22.28 -30.42 57.07
CA ARG G 127 21.74 -31.04 55.87
C ARG G 127 22.79 -31.79 55.05
N THR G 128 24.06 -31.43 55.18
CA THR G 128 25.10 -32.02 54.35
C THR G 128 25.39 -33.45 54.78
N PRO G 129 25.22 -34.43 53.91
CA PRO G 129 25.68 -35.78 54.22
C PRO G 129 27.20 -35.86 54.20
N VAL G 130 27.73 -36.80 54.96
CA VAL G 130 29.18 -36.95 55.07
C VAL G 130 29.72 -37.59 53.81
N THR G 131 30.88 -37.12 53.36
CA THR G 131 31.58 -37.70 52.22
C THR G 131 32.50 -38.79 52.72
N LEU G 132 32.08 -40.05 52.58
CA LEU G 132 32.87 -41.16 53.10
C LEU G 132 34.09 -41.44 52.24
N ASP G 133 33.96 -41.30 50.92
CA ASP G 133 35.06 -41.52 49.99
C ASP G 133 35.24 -40.30 49.12
N ASN G 134 36.49 -39.85 48.98
CA ASN G 134 36.77 -38.62 48.25
C ASN G 134 36.51 -38.75 46.75
N ARG G 135 36.29 -39.96 46.25
CA ARG G 135 35.96 -40.12 44.84
C ARG G 135 34.53 -39.71 44.53
N LEU G 136 33.64 -39.78 45.53
CA LEU G 136 32.23 -39.42 45.37
C LEU G 136 31.91 -38.38 46.44
N ILE G 137 32.14 -37.12 46.12
CA ILE G 137 32.01 -36.03 47.07
C ILE G 137 30.59 -35.48 47.02
N LYS G 138 29.95 -35.39 48.18
CA LYS G 138 28.60 -34.84 48.30
C LYS G 138 28.70 -33.41 48.80
N VAL G 139 28.23 -32.47 48.00
CA VAL G 139 28.33 -31.04 48.28
C VAL G 139 26.93 -30.47 48.42
N ARG G 140 26.70 -29.73 49.49
CA ARG G 140 25.42 -29.05 49.72
C ARG G 140 25.61 -27.58 49.38
N TYR G 141 25.08 -27.18 48.22
CA TYR G 141 25.08 -25.79 47.80
C TYR G 141 23.67 -25.27 48.00
N GLY G 142 23.48 -24.47 49.05
CA GLY G 142 22.18 -23.91 49.34
C GLY G 142 21.11 -24.96 49.56
N ASN G 143 20.16 -25.04 48.64
CA ASN G 143 19.08 -26.02 48.72
C ASN G 143 19.31 -27.23 47.84
N ASN G 144 20.40 -27.27 47.08
CA ASN G 144 20.67 -28.35 46.15
C ASN G 144 21.70 -29.29 46.76
N LEU G 145 21.40 -30.59 46.71
CA LEU G 145 22.34 -31.61 47.17
C LEU G 145 23.10 -32.12 45.95
N PHE G 146 24.38 -31.79 45.89
CA PHE G 146 25.21 -32.05 44.72
C PHE G 146 26.15 -33.23 44.97
N VAL G 147 26.39 -34.00 43.92
CA VAL G 147 27.38 -35.07 43.93
C VAL G 147 28.47 -34.69 42.93
N VAL G 148 29.69 -34.54 43.42
CA VAL G 148 30.83 -34.13 42.61
C VAL G 148 31.85 -35.25 42.61
N ARG G 149 32.26 -35.68 41.42
CA ARG G 149 33.28 -36.70 41.27
C ARG G 149 34.56 -36.05 40.75
N PRO G 150 35.64 -36.04 41.52
CA PRO G 150 36.86 -35.34 41.07
C PRO G 150 37.41 -35.88 39.77
N GLU G 151 37.25 -37.17 39.48
CA GLU G 151 37.73 -37.72 38.22
C GLU G 151 37.01 -37.08 37.03
N ALA G 152 35.69 -36.90 37.14
CA ALA G 152 34.95 -36.25 36.08
C ALA G 152 35.36 -34.80 35.91
N ILE G 153 35.62 -34.11 37.03
CA ILE G 153 36.08 -32.72 36.96
C ILE G 153 37.41 -32.65 36.22
N ARG G 154 38.34 -33.54 36.57
CA ARG G 154 39.64 -33.57 35.90
C ARG G 154 39.48 -33.87 34.42
N GLU G 155 38.62 -34.81 34.07
CA GLU G 155 38.41 -35.15 32.67
C GLU G 155 37.82 -33.99 31.88
N ALA G 156 36.87 -33.27 32.46
CA ALA G 156 36.29 -32.11 31.78
C ALA G 156 37.32 -31.00 31.63
N LEU G 157 38.14 -30.79 32.65
CA LEU G 157 39.21 -29.79 32.53
C LEU G 157 40.19 -30.16 31.43
N GLU G 158 40.54 -31.45 31.34
CA GLU G 158 41.41 -31.90 30.26
C GLU G 158 40.76 -31.71 28.91
N ILE G 159 39.45 -31.98 28.81
CA ILE G 159 38.73 -31.79 27.56
C ILE G 159 38.81 -30.34 27.12
N ALA G 160 38.58 -29.42 28.06
CA ALA G 160 38.67 -27.99 27.74
C ALA G 160 40.09 -27.61 27.33
N ASP G 161 41.09 -28.15 28.02
CA ASP G 161 42.48 -27.83 27.69
C ASP G 161 42.84 -28.30 26.28
N ARG G 162 42.44 -29.53 25.93
CA ARG G 162 42.69 -30.02 24.58
C ARG G 162 41.93 -29.21 23.55
N MET G 163 40.70 -28.80 23.87
CA MET G 163 39.92 -28.01 22.93
C MET G 163 40.56 -26.65 22.67
N ASN G 164 41.11 -26.02 23.72
CA ASN G 164 41.58 -24.64 23.63
C ASN G 164 43.10 -24.52 23.76
N GLU G 165 43.85 -25.59 23.44
CA GLU G 165 45.29 -25.53 23.57
C GLU G 165 45.92 -24.63 22.50
N GLY G 166 45.35 -24.62 21.30
CA GLY G 166 45.94 -23.89 20.19
C GLY G 166 45.36 -22.50 19.99
N GLN G 167 44.04 -22.38 19.99
CA GLN G 167 43.40 -21.10 19.74
C GLN G 167 43.75 -20.10 20.83
N LYS G 168 44.02 -18.86 20.41
CA LYS G 168 44.41 -17.83 21.37
C LYS G 168 43.23 -17.37 22.22
N LYS G 169 42.05 -17.29 21.62
CA LYS G 169 40.84 -16.85 22.33
C LYS G 169 40.23 -18.06 23.00
N TRP G 170 40.40 -18.15 24.32
CA TRP G 170 39.86 -19.28 25.08
C TRP G 170 38.34 -19.22 25.11
N GLN G 171 37.69 -20.33 24.80
CA GLN G 171 36.24 -20.43 24.79
C GLN G 171 35.81 -21.61 25.65
N ALA G 172 34.75 -21.40 26.43
CA ALA G 172 34.24 -22.45 27.31
C ALA G 172 33.49 -23.50 26.50
N PRO G 173 33.88 -24.77 26.57
CA PRO G 173 33.13 -25.80 25.83
C PRO G 173 31.67 -25.91 26.27
N ILE G 174 31.40 -25.71 27.54
CA ILE G 174 30.05 -25.86 28.09
C ILE G 174 29.71 -24.60 28.87
N PHE G 175 28.48 -24.12 28.71
CA PHE G 175 28.03 -22.96 29.46
C PHE G 175 27.77 -23.34 30.90
N LEU G 176 28.37 -22.62 31.83
CA LEU G 176 28.25 -22.92 33.25
C LEU G 176 27.99 -21.64 34.03
N ASP G 177 27.16 -21.75 35.06
CA ASP G 177 26.83 -20.64 35.94
C ASP G 177 27.26 -21.00 37.36
N ARG G 178 27.96 -20.07 38.02
CA ARG G 178 28.39 -20.32 39.39
C ARG G 178 27.21 -20.45 40.34
N LYS G 179 26.11 -19.76 40.05
CA LYS G 179 24.91 -19.87 40.87
C LYS G 179 24.01 -21.02 40.48
N ALA G 180 24.33 -21.71 39.38
CA ALA G 180 23.51 -22.82 38.88
C ALA G 180 22.07 -22.37 38.66
N ALA G 181 21.91 -21.15 38.16
CA ALA G 181 20.61 -20.53 38.02
C ALA G 181 20.22 -20.22 36.58
N ASP G 182 21.17 -20.02 35.68
CA ASP G 182 20.84 -19.64 34.32
C ASP G 182 20.15 -20.78 33.60
N SER G 183 19.25 -20.41 32.68
CA SER G 183 18.52 -21.41 31.91
C SER G 183 19.41 -22.17 30.94
N GLY G 184 20.61 -21.65 30.65
CA GLY G 184 21.59 -22.32 29.84
C GLY G 184 22.64 -23.09 30.61
N HIS G 185 22.46 -23.29 31.90
CA HIS G 185 23.43 -24.00 32.72
C HIS G 185 23.54 -25.44 32.23
N GLY G 186 24.78 -25.87 31.94
CA GLY G 186 25.03 -27.21 31.49
C GLY G 186 24.86 -27.45 30.02
N ALA G 187 24.40 -26.46 29.27
CA ALA G 187 24.24 -26.61 27.83
C ALA G 187 25.57 -26.36 27.12
N LEU G 188 25.78 -27.09 26.02
CA LEU G 188 27.00 -26.94 25.25
C LEU G 188 27.00 -25.58 24.54
N THR G 189 28.14 -24.88 24.66
CA THR G 189 28.31 -23.64 23.92
C THR G 189 28.58 -23.95 22.45
N LYS G 190 28.52 -22.91 21.62
CA LYS G 190 28.76 -23.12 20.19
C LYS G 190 30.16 -23.64 19.93
N ALA G 191 31.17 -23.02 20.54
CA ALA G 191 32.54 -23.41 20.27
C ALA G 191 32.77 -24.87 20.64
N GLY G 192 32.24 -25.30 21.79
CA GLY G 192 32.28 -26.72 22.12
C GLY G 192 31.40 -27.57 21.24
N ARG G 193 30.37 -26.99 20.62
CA ARG G 193 29.48 -27.77 19.79
C ARG G 193 30.12 -28.15 18.46
N GLU G 194 30.83 -27.21 17.83
CA GLU G 194 31.56 -27.52 16.60
C GLU G 194 33.07 -27.49 16.79
N HIS G 195 33.56 -27.80 18.00
CA HIS G 195 34.99 -28.01 18.19
C HIS G 195 35.28 -29.20 19.11
N LEU G 196 34.31 -30.06 19.39
CA LEU G 196 34.52 -31.23 20.23
C LEU G 196 34.01 -32.48 19.52
N SER G 197 34.67 -33.60 19.78
CA SER G 197 34.27 -34.86 19.19
C SER G 197 32.98 -35.38 19.83
N ALA G 198 32.42 -36.42 19.22
CA ALA G 198 31.17 -36.97 19.73
C ALA G 198 31.33 -37.53 21.15
N ALA G 199 32.45 -38.20 21.41
CA ALA G 199 32.67 -38.76 22.74
C ALA G 199 32.79 -37.66 23.79
N ASP G 200 33.52 -36.58 23.49
CA ASP G 200 33.68 -35.50 24.45
C ASP G 200 32.36 -34.77 24.68
N GLN G 201 31.57 -34.57 23.62
CA GLN G 201 30.26 -33.97 23.79
C GLN G 201 29.35 -34.85 24.64
N GLU G 202 29.38 -36.16 24.40
CA GLU G 202 28.60 -37.09 25.21
C GLU G 202 29.02 -37.03 26.67
N PHE G 203 30.33 -36.97 26.92
CA PHE G 203 30.81 -36.87 28.30
C PHE G 203 30.35 -35.56 28.95
N LEU G 204 30.41 -34.45 28.20
CA LEU G 204 30.01 -33.18 28.77
C LEU G 204 28.52 -33.14 29.07
N LEU G 205 27.69 -33.75 28.22
CA LEU G 205 26.27 -33.79 28.49
C LEU G 205 25.89 -34.75 29.62
N ASN G 206 26.77 -35.66 30.00
CA ASN G 206 26.47 -36.68 30.99
C ASN G 206 27.23 -36.47 32.30
N ILE G 207 27.39 -35.22 32.71
CA ILE G 207 27.99 -34.91 34.00
C ILE G 207 26.89 -34.53 34.98
N THR G 208 27.14 -34.79 36.25
CA THR G 208 26.16 -34.51 37.28
C THR G 208 25.99 -33.00 37.45
N PRO G 209 24.84 -32.55 37.97
CA PRO G 209 24.68 -31.11 38.23
C PRO G 209 25.74 -30.54 39.15
N GLY G 210 26.17 -31.32 40.13
CA GLY G 210 27.24 -30.87 41.00
C GLY G 210 28.54 -30.65 40.26
N GLU G 211 28.83 -31.50 39.27
CA GLU G 211 30.04 -31.32 38.48
C GLU G 211 29.95 -30.06 37.62
N ARG G 212 28.78 -29.77 37.06
CA ARG G 212 28.60 -28.51 36.35
C ARG G 212 28.83 -27.32 37.27
N TRP G 213 28.27 -27.38 38.48
CA TRP G 213 28.45 -26.29 39.43
C TRP G 213 29.91 -26.11 39.80
N ALA G 214 30.63 -27.20 40.02
CA ALA G 214 32.05 -27.11 40.36
C ALA G 214 32.87 -26.57 39.21
N LEU G 215 32.61 -27.05 37.98
CA LEU G 215 33.33 -26.54 36.83
C LEU G 215 33.02 -25.09 36.57
N ALA G 216 31.85 -24.61 36.99
CA ALA G 216 31.54 -23.19 36.89
C ALA G 216 32.50 -22.33 37.69
N TYR G 217 33.18 -22.91 38.68
CA TYR G 217 34.21 -22.22 39.45
C TYR G 217 35.62 -22.56 38.97
N ILE G 218 35.87 -23.81 38.61
CA ILE G 218 37.24 -24.21 38.28
C ILE G 218 37.59 -23.90 36.83
N MET G 219 36.64 -23.97 35.91
CA MET G 219 36.93 -23.90 34.48
C MET G 219 36.81 -22.45 34.01
N HIS G 220 37.94 -21.87 33.62
CA HIS G 220 37.98 -20.51 33.07
C HIS G 220 39.09 -20.44 32.04
N SER G 221 39.31 -19.23 31.50
CA SER G 221 40.42 -19.02 30.59
C SER G 221 41.76 -19.25 31.30
N LYS G 222 41.87 -18.78 32.54
CA LYS G 222 43.06 -18.99 33.36
C LYS G 222 42.62 -19.81 34.57
N ARG G 223 42.87 -21.12 34.50
CA ARG G 223 42.41 -22.02 35.55
C ARG G 223 43.09 -21.66 36.88
N PRO G 224 42.32 -21.53 37.96
CA PRO G 224 42.94 -21.23 39.26
C PRO G 224 43.87 -22.35 39.69
N GLN G 225 44.99 -21.97 40.30
CA GLN G 225 45.93 -22.96 40.80
C GLN G 225 45.48 -23.45 42.17
N PRO G 226 45.33 -24.76 42.36
CA PRO G 226 44.82 -25.26 43.64
C PRO G 226 45.72 -24.85 44.81
N GLU G 227 45.09 -24.52 45.93
CA GLU G 227 45.81 -24.14 47.13
C GLU G 227 45.03 -24.61 48.35
N GLU G 228 45.75 -24.89 49.42
CA GLU G 228 45.10 -25.37 50.63
C GLU G 228 44.37 -24.24 51.33
N PRO G 229 43.09 -24.40 51.65
CA PRO G 229 42.38 -23.36 52.39
C PRO G 229 42.91 -23.23 53.82
N GLU G 230 42.66 -22.06 54.39
CA GLU G 230 43.12 -21.78 55.74
C GLU G 230 42.11 -22.26 56.77
N CYS G 231 42.62 -22.74 57.90
CA CYS G 231 41.77 -23.25 58.97
C CYS G 231 40.96 -22.13 59.59
N ILE G 232 39.69 -22.40 59.88
CA ILE G 232 38.77 -21.39 60.35
C ILE G 232 38.17 -21.70 61.72
N THR G 233 38.28 -22.94 62.21
CA THR G 233 37.56 -23.31 63.44
C THR G 233 37.96 -22.43 64.61
N SER G 234 39.18 -21.92 64.63
CA SER G 234 39.57 -20.98 65.67
C SER G 234 38.75 -19.71 65.61
N LYS G 235 38.54 -19.16 64.41
CA LYS G 235 37.73 -17.96 64.26
C LYS G 235 36.29 -18.19 64.70
N ILE G 236 35.71 -19.32 64.28
CA ILE G 236 34.32 -19.61 64.64
C ILE G 236 34.18 -19.80 66.14
N LEU G 237 35.14 -20.50 66.76
CA LEU G 237 35.10 -20.68 68.21
C LEU G 237 35.24 -19.36 68.94
N GLU G 238 36.13 -18.48 68.46
CA GLU G 238 36.30 -17.18 69.09
C GLU G 238 35.05 -16.34 68.98
N LYS G 239 34.40 -16.35 67.82
CA LYS G 239 33.18 -15.58 67.64
C LYS G 239 31.98 -16.21 68.34
N LEU G 240 32.11 -17.43 68.84
CA LEU G 240 30.99 -18.11 69.49
C LEU G 240 31.02 -17.90 71.00
N MET K 1 -23.97 -13.97 -48.65
CA MET K 1 -25.03 -13.10 -49.13
C MET K 1 -24.42 -11.92 -49.88
N PHE K 2 -23.28 -12.14 -50.51
CA PHE K 2 -22.52 -11.09 -51.17
C PHE K 2 -22.53 -11.31 -52.68
N VAL K 3 -22.79 -10.25 -53.43
CA VAL K 3 -22.74 -10.26 -54.89
C VAL K 3 -21.77 -9.17 -55.31
N THR K 4 -20.66 -9.57 -55.92
CA THR K 4 -19.60 -8.64 -56.28
C THR K 4 -19.84 -8.08 -57.67
N GLN K 5 -19.99 -6.76 -57.76
CA GLN K 5 -20.17 -6.08 -59.03
C GLN K 5 -18.90 -5.30 -59.36
N VAL K 6 -18.37 -5.53 -60.56
CA VAL K 6 -17.15 -4.87 -61.03
C VAL K 6 -17.48 -4.18 -62.35
N ILE K 7 -17.08 -2.91 -62.46
CA ILE K 7 -17.37 -2.09 -63.62
C ILE K 7 -16.06 -1.80 -64.34
N PHE K 8 -16.02 -2.06 -65.64
CA PHE K 8 -14.87 -1.74 -66.48
C PHE K 8 -15.25 -0.59 -67.40
N ASN K 9 -14.47 0.49 -67.35
CA ASN K 9 -14.72 1.67 -68.17
C ASN K 9 -13.84 1.66 -69.42
N MET K 10 -14.28 0.85 -70.40
CA MET K 10 -13.57 0.74 -71.66
C MET K 10 -13.42 2.09 -72.35
N GLY K 11 -14.32 3.02 -72.09
CA GLY K 11 -14.30 4.31 -72.75
C GLY K 11 -15.39 4.41 -73.79
N GLU K 12 -15.61 3.31 -74.51
CA GLU K 12 -16.71 3.18 -75.45
C GLU K 12 -17.71 2.17 -74.90
N ARG K 13 -18.99 2.52 -74.96
CA ARG K 13 -20.03 1.63 -74.46
C ARG K 13 -20.03 0.32 -75.24
N ALA K 14 -20.09 -0.79 -74.51
CA ALA K 14 -19.83 -2.12 -75.07
C ALA K 14 -21.08 -2.97 -75.06
N TYR K 15 -21.22 -3.80 -76.10
CA TYR K 15 -22.27 -4.80 -76.15
C TYR K 15 -22.01 -5.91 -75.13
N PRO K 16 -23.05 -6.56 -74.62
CA PRO K 16 -22.83 -7.68 -73.70
C PRO K 16 -22.19 -8.88 -74.39
N ASP K 17 -22.79 -9.32 -75.50
CA ASP K 17 -22.29 -10.50 -76.20
C ASP K 17 -20.91 -10.25 -76.81
N ARG K 18 -20.71 -9.06 -77.39
CA ARG K 18 -19.40 -8.74 -77.95
C ARG K 18 -18.35 -8.70 -76.85
N ALA K 19 -18.69 -8.14 -75.69
CA ALA K 19 -17.76 -8.15 -74.56
C ALA K 19 -17.47 -9.57 -74.11
N ARG K 20 -18.48 -10.43 -74.08
CA ARG K 20 -18.27 -11.82 -73.70
C ARG K 20 -17.30 -12.50 -74.65
N ALA K 21 -17.50 -12.33 -75.95
CA ALA K 21 -16.60 -12.93 -76.93
C ALA K 21 -15.19 -12.36 -76.80
N MET K 22 -15.08 -11.05 -76.61
CA MET K 22 -13.77 -10.41 -76.50
C MET K 22 -13.00 -10.92 -75.30
N VAL K 23 -13.66 -11.00 -74.14
CA VAL K 23 -12.98 -11.47 -72.94
C VAL K 23 -12.65 -12.95 -73.06
N ALA K 24 -13.54 -13.73 -73.66
CA ALA K 24 -13.24 -15.15 -73.86
C ALA K 24 -12.01 -15.34 -74.74
N GLU K 25 -11.89 -14.53 -75.79
CA GLU K 25 -10.67 -14.56 -76.59
C GLU K 25 -9.47 -14.12 -75.76
N LEU K 26 -9.63 -13.07 -74.95
CA LEU K 26 -8.54 -12.60 -74.10
C LEU K 26 -8.20 -13.62 -73.03
N MET K 27 -9.21 -14.24 -72.40
CA MET K 27 -8.94 -15.24 -71.40
C MET K 27 -8.26 -16.48 -71.99
N ASP K 28 -8.54 -16.79 -73.25
CA ASP K 28 -8.01 -18.01 -73.85
C ASP K 28 -6.49 -18.08 -73.72
N GLY K 29 -5.81 -16.94 -73.81
CA GLY K 29 -4.37 -16.94 -73.61
C GLY K 29 -3.96 -17.29 -72.19
N VAL K 30 -4.64 -16.71 -71.20
CA VAL K 30 -4.24 -16.84 -69.81
C VAL K 30 -4.64 -18.21 -69.28
N GLN K 31 -4.19 -18.54 -68.06
CA GLN K 31 -4.34 -19.84 -67.41
C GLN K 31 -5.72 -20.44 -67.62
N PRO K 32 -5.80 -21.62 -68.24
CA PRO K 32 -7.11 -22.18 -68.61
C PRO K 32 -8.04 -22.44 -67.43
N GLY K 33 -7.50 -22.70 -66.23
CA GLY K 33 -8.37 -22.95 -65.09
C GLY K 33 -9.27 -21.77 -64.79
N LEU K 34 -8.69 -20.56 -64.73
CA LEU K 34 -9.49 -19.36 -64.54
C LEU K 34 -10.44 -19.14 -65.71
N VAL K 35 -10.03 -19.53 -66.90
CA VAL K 35 -10.89 -19.37 -68.08
C VAL K 35 -12.17 -20.18 -67.93
N ALA K 36 -12.02 -21.48 -67.71
CA ALA K 36 -13.17 -22.36 -67.55
C ALA K 36 -13.99 -21.99 -66.32
N THR K 37 -13.34 -21.54 -65.25
CA THR K 37 -14.08 -21.07 -64.09
C THR K 37 -14.90 -19.84 -64.42
N LEU K 38 -14.34 -18.92 -65.21
CA LEU K 38 -15.01 -17.65 -65.49
C LEU K 38 -16.24 -17.86 -66.36
N MET K 39 -16.11 -18.60 -67.46
CA MET K 39 -17.28 -18.83 -68.30
C MET K 39 -18.03 -20.09 -67.93
N ASN K 40 -17.92 -20.55 -66.69
CA ASN K 40 -18.74 -21.65 -66.16
C ASN K 40 -18.62 -22.90 -67.04
N TYR K 41 -17.42 -23.19 -67.50
CA TYR K 41 -17.16 -24.34 -68.36
C TYR K 41 -16.45 -25.43 -67.56
N ILE K 42 -16.90 -26.67 -67.76
CA ILE K 42 -16.27 -27.79 -67.05
C ILE K 42 -14.82 -27.90 -67.47
N PRO K 43 -13.88 -28.08 -66.53
CA PRO K 43 -12.45 -28.17 -66.90
C PRO K 43 -12.19 -29.23 -67.97
N GLY K 44 -11.71 -28.80 -69.12
CA GLY K 44 -11.45 -29.67 -70.25
C GLY K 44 -12.52 -29.66 -71.32
N THR K 45 -13.70 -29.17 -71.02
CA THR K 45 -14.81 -29.09 -71.96
C THR K 45 -15.25 -27.64 -72.13
N SER K 46 -16.33 -27.45 -72.88
CA SER K 46 -16.91 -26.14 -73.13
C SER K 46 -18.43 -26.20 -73.05
N THR K 47 -18.95 -26.94 -72.08
CA THR K 47 -20.38 -27.15 -71.92
C THR K 47 -20.93 -26.26 -70.82
N SER K 48 -22.09 -25.66 -71.09
CA SER K 48 -22.77 -24.85 -70.08
C SER K 48 -23.33 -25.75 -68.99
N ARG K 49 -23.07 -25.38 -67.74
CA ARG K 49 -23.43 -26.23 -66.61
C ARG K 49 -24.93 -26.16 -66.34
N THR K 50 -25.48 -27.29 -65.89
CA THR K 50 -26.89 -27.34 -65.52
C THR K 50 -27.17 -26.42 -64.33
N GLU K 51 -26.29 -26.42 -63.34
CA GLU K 51 -26.50 -25.64 -62.13
C GLU K 51 -26.50 -24.15 -62.44
N PHE K 52 -27.21 -23.40 -61.59
CA PHE K 52 -27.33 -21.95 -61.63
C PHE K 52 -25.97 -21.30 -61.81
N PRO K 53 -25.69 -20.70 -62.96
CA PRO K 53 -24.40 -20.01 -63.13
C PRO K 53 -24.28 -18.84 -62.18
N THR K 54 -23.11 -18.73 -61.54
CA THR K 54 -22.87 -17.73 -60.52
C THR K 54 -22.09 -16.53 -61.02
N VAL K 55 -21.26 -16.69 -62.05
CA VAL K 55 -20.51 -15.60 -62.64
C VAL K 55 -21.14 -15.28 -63.99
N GLN K 56 -21.58 -14.04 -64.18
CA GLN K 56 -22.24 -13.62 -65.40
C GLN K 56 -21.75 -12.24 -65.79
N PHE K 57 -22.31 -11.70 -66.87
CA PHE K 57 -21.90 -10.43 -67.43
C PHE K 57 -23.06 -9.44 -67.37
N GLY K 58 -22.86 -8.28 -67.99
CA GLY K 58 -23.87 -7.25 -68.04
C GLY K 58 -23.33 -5.94 -68.60
N GLY K 59 -24.23 -5.06 -69.04
CA GLY K 59 -23.81 -3.84 -69.69
C GLY K 59 -23.54 -2.70 -68.72
N ALA K 60 -22.92 -1.66 -69.26
CA ALA K 60 -22.61 -0.46 -68.49
C ALA K 60 -22.59 0.73 -69.44
N SER K 61 -22.65 1.93 -68.86
CA SER K 61 -22.66 3.15 -69.68
C SER K 61 -21.38 3.32 -70.48
N ASP K 62 -20.26 2.78 -70.01
CA ASP K 62 -18.99 2.92 -70.73
C ASP K 62 -18.21 1.62 -70.78
N GLY K 63 -18.85 0.48 -70.61
CA GLY K 63 -18.19 -0.81 -70.67
C GLY K 63 -19.10 -1.96 -70.32
N PHE K 64 -18.54 -2.99 -69.68
CA PHE K 64 -19.29 -4.16 -69.25
C PHE K 64 -19.14 -4.32 -67.74
N CYS K 65 -20.09 -5.03 -67.15
CA CYS K 65 -20.12 -5.23 -65.71
C CYS K 65 -20.03 -6.71 -65.38
N LEU K 66 -19.25 -7.03 -64.34
CA LEU K 66 -19.15 -8.38 -63.83
C LEU K 66 -20.11 -8.53 -62.65
N LEU K 67 -20.94 -9.57 -62.69
CA LEU K 67 -21.90 -9.85 -61.62
C LEU K 67 -21.66 -11.26 -61.12
N GLY K 68 -20.95 -11.40 -60.01
CA GLY K 68 -20.69 -12.69 -59.42
C GLY K 68 -21.60 -13.02 -58.27
N PHE K 69 -22.62 -13.84 -58.52
CA PHE K 69 -23.56 -14.21 -57.47
C PHE K 69 -22.89 -15.10 -56.43
N GLY K 70 -23.47 -15.11 -55.24
CA GLY K 70 -23.03 -16.00 -54.18
C GLY K 70 -21.63 -15.71 -53.66
N ASP K 71 -21.23 -16.44 -52.62
CA ASP K 71 -19.89 -16.26 -52.07
C ASP K 71 -18.83 -16.80 -53.02
N GLY K 72 -19.07 -17.97 -53.62
CA GLY K 72 -18.09 -18.53 -54.53
C GLY K 72 -17.90 -17.69 -55.77
N GLY K 73 -18.99 -17.27 -56.40
CA GLY K 73 -18.87 -16.43 -57.58
C GLY K 73 -18.27 -15.08 -57.29
N GLY K 74 -18.61 -14.50 -56.14
CA GLY K 74 -17.98 -13.27 -55.71
C GLY K 74 -16.48 -13.42 -55.56
N ALA K 75 -16.04 -14.52 -54.93
CA ALA K 75 -14.62 -14.75 -54.79
C ALA K 75 -13.93 -14.94 -56.13
N ILE K 76 -14.59 -15.66 -57.05
CA ILE K 76 -14.03 -15.86 -58.39
C ILE K 76 -13.84 -14.53 -59.10
N VAL K 77 -14.85 -13.66 -59.04
CA VAL K 77 -14.71 -12.35 -59.64
C VAL K 77 -13.60 -11.56 -58.96
N ARG K 78 -13.51 -11.66 -57.63
CA ARG K 78 -12.54 -10.86 -56.88
C ARG K 78 -11.10 -11.24 -57.27
N ASP K 79 -10.81 -12.53 -57.41
CA ASP K 79 -9.44 -12.87 -57.79
C ASP K 79 -9.26 -12.95 -59.31
N ALA K 80 -10.32 -12.72 -60.09
CA ALA K 80 -10.19 -12.69 -61.54
C ALA K 80 -10.08 -11.29 -62.12
N VAL K 81 -10.51 -10.25 -61.40
CA VAL K 81 -10.41 -8.88 -61.95
C VAL K 81 -8.99 -8.45 -62.30
N PRO K 82 -7.94 -8.73 -61.52
CA PRO K 82 -6.62 -8.21 -61.92
C PRO K 82 -6.15 -8.75 -63.27
N LEU K 83 -6.36 -10.04 -63.53
CA LEU K 83 -5.91 -10.63 -64.78
C LEU K 83 -6.69 -10.08 -65.97
N ILE K 84 -8.01 -9.99 -65.85
CA ILE K 84 -8.81 -9.47 -66.96
C ILE K 84 -8.51 -7.99 -67.19
N HIS K 85 -8.26 -7.23 -66.12
CA HIS K 85 -7.88 -5.83 -66.30
C HIS K 85 -6.54 -5.71 -67.00
N ALA K 86 -5.57 -6.54 -66.63
CA ALA K 86 -4.28 -6.51 -67.32
C ALA K 86 -4.44 -6.87 -68.79
N ALA K 87 -5.27 -7.87 -69.09
CA ALA K 87 -5.52 -8.24 -70.48
C ALA K 87 -6.18 -7.11 -71.25
N LEU K 88 -7.15 -6.43 -70.64
CA LEU K 88 -7.80 -5.30 -71.29
C LEU K 88 -6.81 -4.17 -71.54
N ALA K 89 -5.93 -3.91 -70.58
CA ALA K 89 -4.91 -2.89 -70.77
C ALA K 89 -3.98 -3.25 -71.93
N ARG K 90 -3.59 -4.54 -72.02
CA ARG K 90 -2.76 -4.97 -73.13
C ARG K 90 -3.47 -4.83 -74.46
N ARG K 91 -4.77 -5.15 -74.51
CA ARG K 91 -5.48 -5.20 -75.78
C ARG K 91 -5.76 -3.80 -76.33
N MET K 92 -6.12 -2.85 -75.46
CA MET K 92 -6.34 -1.46 -75.86
C MET K 92 -5.26 -0.58 -75.25
N PRO K 93 -4.15 -0.33 -75.95
CA PRO K 93 -3.19 0.64 -75.47
C PRO K 93 -3.58 2.09 -75.74
N ASP K 94 -4.68 2.30 -76.48
CA ASP K 94 -5.12 3.65 -76.84
C ASP K 94 -6.12 4.23 -75.87
N ARG K 95 -6.50 3.49 -74.82
CA ARG K 95 -7.44 3.99 -73.84
C ARG K 95 -7.06 3.43 -72.48
N ILE K 96 -7.38 4.18 -71.43
CA ILE K 96 -7.06 3.82 -70.06
C ILE K 96 -8.28 3.15 -69.44
N ILE K 97 -8.13 1.89 -69.06
CA ILE K 97 -9.20 1.13 -68.44
C ILE K 97 -9.12 1.33 -66.93
N GLN K 98 -10.25 1.64 -66.30
CA GLN K 98 -10.29 1.93 -64.88
C GLN K 98 -11.37 1.09 -64.22
N VAL K 99 -11.07 0.59 -63.02
CA VAL K 99 -11.91 -0.39 -62.34
C VAL K 99 -12.24 0.13 -60.94
N GLU K 100 -13.52 0.09 -60.59
CA GLU K 100 -13.95 0.28 -59.22
C GLU K 100 -14.79 -0.92 -58.80
N HIS K 101 -14.59 -1.36 -57.57
CA HIS K 101 -15.23 -2.57 -57.05
C HIS K 101 -16.34 -2.19 -56.08
N LYS K 102 -17.52 -2.78 -56.27
CA LYS K 102 -18.68 -2.55 -55.42
C LYS K 102 -19.18 -3.89 -54.91
N GLU K 103 -18.98 -4.14 -53.62
CA GLU K 103 -19.42 -5.38 -52.99
C GLU K 103 -20.73 -5.12 -52.28
N HIS K 104 -21.80 -5.75 -52.76
CA HIS K 104 -23.15 -5.51 -52.27
C HIS K 104 -23.60 -6.61 -51.32
N SER K 105 -24.57 -6.28 -50.48
CA SER K 105 -25.20 -7.24 -49.59
C SER K 105 -26.53 -7.68 -50.19
N LEU K 106 -26.74 -8.98 -50.29
CA LEU K 106 -27.93 -9.54 -50.92
C LEU K 106 -28.89 -10.05 -49.85
N SER K 107 -30.14 -9.61 -49.93
CA SER K 107 -31.16 -10.05 -48.99
C SER K 107 -32.53 -9.82 -49.60
N ALA K 108 -33.48 -10.65 -49.19
CA ALA K 108 -34.87 -10.53 -49.64
C ALA K 108 -35.79 -10.81 -48.46
N GLU K 109 -36.78 -9.93 -48.26
CA GLU K 109 -37.69 -10.05 -47.13
C GLU K 109 -39.10 -9.74 -47.58
N ALA K 110 -40.07 -10.29 -46.86
CA ALA K 110 -41.48 -10.17 -47.21
C ALA K 110 -42.14 -9.06 -46.38
N ARG K 111 -43.06 -8.35 -47.02
CA ARG K 111 -43.86 -7.32 -46.36
C ARG K 111 -45.30 -7.46 -46.85
N PRO K 112 -46.28 -7.11 -46.02
CA PRO K 112 -47.67 -7.13 -46.47
C PRO K 112 -47.93 -6.21 -47.65
N TYR K 113 -47.16 -5.13 -47.77
CA TYR K 113 -47.30 -4.24 -48.91
C TYR K 113 -46.92 -4.94 -50.20
N VAL K 114 -47.58 -4.56 -51.29
CA VAL K 114 -47.29 -5.12 -52.61
C VAL K 114 -46.29 -4.20 -53.30
N LEU K 115 -45.12 -4.74 -53.60
CA LEU K 115 -44.01 -3.97 -54.16
C LEU K 115 -43.98 -4.16 -55.67
N SER K 116 -43.91 -3.05 -56.41
CA SER K 116 -43.89 -3.07 -57.86
C SER K 116 -42.45 -2.95 -58.36
N TYR K 117 -42.07 -3.84 -59.27
CA TYR K 117 -40.73 -3.85 -59.84
C TYR K 117 -40.80 -3.84 -61.35
N THR K 118 -39.82 -3.17 -61.96
CA THR K 118 -39.72 -3.06 -63.41
C THR K 118 -38.43 -3.73 -63.88
N VAL K 119 -38.51 -4.45 -65.00
CA VAL K 119 -37.38 -5.09 -65.62
C VAL K 119 -37.27 -4.58 -67.05
N PRO K 120 -36.10 -4.11 -67.48
CA PRO K 120 -35.99 -3.50 -68.82
C PRO K 120 -36.15 -4.50 -69.96
N ARG K 121 -35.47 -5.64 -69.86
CA ARG K 121 -35.45 -6.64 -70.92
C ARG K 121 -35.85 -8.00 -70.36
N MET K 122 -36.70 -8.71 -71.07
CA MET K 122 -37.18 -10.03 -70.66
C MET K 122 -37.12 -11.00 -71.83
N VAL K 123 -36.78 -12.25 -71.54
CA VAL K 123 -36.73 -13.33 -72.53
C VAL K 123 -37.56 -14.49 -72.00
N VAL K 124 -38.46 -15.00 -72.83
CA VAL K 124 -39.42 -16.00 -72.36
C VAL K 124 -39.54 -17.20 -73.30
N GLN K 125 -38.64 -17.33 -74.27
CA GLN K 125 -38.77 -18.41 -75.25
C GLN K 125 -37.41 -18.96 -75.61
N LYS K 126 -37.28 -20.29 -75.54
CA LYS K 126 -36.06 -21.01 -75.90
C LYS K 126 -36.25 -21.93 -77.10
N LYS K 127 -37.30 -22.75 -77.10
CA LYS K 127 -37.53 -23.72 -78.17
C LYS K 127 -38.92 -23.54 -78.74
N GLN K 128 -39.10 -23.96 -80.00
CA GLN K 128 -40.39 -23.83 -80.65
C GLN K 128 -41.44 -24.70 -79.97
N ARG K 129 -41.06 -25.91 -79.55
CA ARG K 129 -41.97 -26.73 -78.76
C ARG K 129 -42.35 -26.03 -77.46
N HIS K 130 -41.43 -25.25 -76.89
CA HIS K 130 -41.77 -24.36 -75.78
C HIS K 130 -42.54 -23.14 -76.27
N ALA K 131 -42.27 -22.69 -77.50
CA ALA K 131 -43.07 -21.62 -78.09
C ALA K 131 -44.48 -22.09 -78.43
N GLU K 132 -44.69 -23.39 -78.61
CA GLU K 132 -46.05 -23.91 -78.75
C GLU K 132 -46.84 -23.65 -77.47
N ARG K 133 -46.18 -23.70 -76.31
CA ARG K 133 -46.81 -23.27 -75.07
C ARG K 133 -46.91 -21.75 -74.99
N LEU K 134 -46.08 -21.03 -75.74
CA LEU K 134 -46.07 -19.58 -75.77
C LEU K 134 -46.93 -19.02 -76.91
N LEU K 135 -47.68 -19.89 -77.60
CA LEU K 135 -48.45 -19.46 -78.77
C LEU K 135 -49.41 -18.32 -78.44
N HIS K 136 -49.84 -18.21 -77.19
CA HIS K 136 -50.75 -17.14 -76.77
C HIS K 136 -50.39 -16.68 -75.37
N GLU K 137 -50.83 -15.47 -75.05
CA GLU K 137 -50.59 -14.91 -73.73
C GLU K 137 -51.40 -15.62 -72.64
N ALA K 138 -52.45 -16.35 -73.02
CA ALA K 138 -53.24 -17.08 -72.03
C ALA K 138 -52.38 -18.09 -71.29
N GLU K 139 -51.54 -18.83 -72.03
CA GLU K 139 -50.55 -19.68 -71.40
C GLU K 139 -49.26 -18.94 -71.08
N GLY K 140 -49.05 -17.78 -71.69
CA GLY K 140 -47.82 -17.04 -71.45
C GLY K 140 -47.73 -16.46 -70.06
N LYS K 141 -48.84 -15.94 -69.53
CA LYS K 141 -48.80 -15.27 -68.24
C LYS K 141 -48.39 -16.21 -67.12
N ALA K 142 -48.98 -17.40 -67.07
CA ALA K 142 -48.58 -18.38 -66.06
C ALA K 142 -47.10 -18.71 -66.17
N HIS K 143 -46.62 -18.89 -67.41
CA HIS K 143 -45.20 -19.10 -67.63
C HIS K 143 -44.39 -17.91 -67.12
N LEU K 144 -44.93 -16.71 -67.18
CA LEU K 144 -44.19 -15.51 -66.79
C LEU K 144 -43.87 -15.51 -65.30
N GLU K 145 -44.90 -15.44 -64.45
CA GLU K 145 -44.65 -15.48 -63.01
C GLU K 145 -44.04 -16.80 -62.57
N GLY K 146 -44.31 -17.90 -63.28
CA GLY K 146 -43.60 -19.13 -62.99
C GLY K 146 -42.10 -18.97 -63.17
N LEU K 147 -41.69 -18.36 -64.28
CA LEU K 147 -40.27 -18.11 -64.53
C LEU K 147 -39.68 -17.18 -63.48
N PHE K 148 -40.40 -16.13 -63.12
CA PHE K 148 -39.90 -15.21 -62.10
C PHE K 148 -39.66 -15.92 -60.78
N LEU K 149 -40.67 -16.68 -60.32
CA LEU K 149 -40.54 -17.39 -59.06
C LEU K 149 -39.43 -18.43 -59.11
N ARG K 150 -39.34 -19.16 -60.23
CA ARG K 150 -38.30 -20.18 -60.36
C ARG K 150 -36.92 -19.55 -60.32
N SER K 151 -36.73 -18.43 -61.02
CA SER K 151 -35.43 -17.75 -60.99
C SER K 151 -35.09 -17.26 -59.60
N LEU K 152 -36.06 -16.68 -58.90
CA LEU K 152 -35.81 -16.20 -57.55
C LEU K 152 -35.41 -17.34 -56.63
N GLN K 153 -36.14 -18.46 -56.69
CA GLN K 153 -35.80 -19.61 -55.85
C GLN K 153 -34.44 -20.18 -56.22
N ARG K 154 -34.13 -20.23 -57.52
CA ARG K 154 -32.84 -20.77 -57.96
C ARG K 154 -31.68 -19.94 -57.42
N GLN K 155 -31.78 -18.61 -57.55
CA GLN K 155 -30.68 -17.78 -57.06
C GLN K 155 -30.61 -17.79 -55.53
N ALA K 156 -31.76 -17.84 -54.85
CA ALA K 156 -31.75 -17.92 -53.40
C ALA K 156 -31.08 -19.21 -52.94
N ALA K 157 -31.37 -20.33 -53.58
CA ALA K 157 -30.73 -21.58 -53.22
C ALA K 157 -29.25 -21.57 -53.55
N ALA K 158 -28.88 -20.99 -54.70
CA ALA K 158 -27.48 -20.94 -55.09
C ALA K 158 -26.65 -20.13 -54.11
N VAL K 159 -27.19 -18.98 -53.66
CA VAL K 159 -26.49 -18.17 -52.67
C VAL K 159 -26.81 -18.58 -51.24
N GLY K 160 -27.69 -19.57 -51.05
CA GLY K 160 -28.04 -20.01 -49.71
C GLY K 160 -28.80 -18.99 -48.90
N LEU K 161 -29.77 -18.31 -49.52
CA LEU K 161 -30.54 -17.27 -48.84
C LEU K 161 -31.98 -17.71 -48.68
N PRO K 162 -32.48 -17.85 -47.45
CA PRO K 162 -33.88 -18.22 -47.26
C PRO K 162 -34.82 -17.19 -47.87
N LEU K 163 -35.92 -17.67 -48.43
CA LEU K 163 -36.84 -16.82 -49.17
C LEU K 163 -38.23 -16.91 -48.56
N PRO K 164 -39.01 -15.83 -48.62
CA PRO K 164 -40.37 -15.85 -48.08
C PRO K 164 -41.22 -16.94 -48.72
N GLU K 165 -41.66 -17.89 -47.89
CA GLU K 165 -42.42 -19.03 -48.39
C GLU K 165 -43.83 -18.66 -48.83
N ASN K 166 -44.28 -17.44 -48.57
CA ASN K 166 -45.62 -16.99 -48.93
C ASN K 166 -45.57 -15.88 -49.97
N LEU K 167 -44.73 -16.07 -50.99
CA LEU K 167 -44.59 -15.09 -52.05
C LEU K 167 -45.66 -15.26 -53.12
N GLU K 168 -46.13 -14.15 -53.68
CA GLU K 168 -47.08 -14.17 -54.80
C GLU K 168 -46.67 -13.06 -55.76
N VAL K 169 -45.96 -13.44 -56.82
CA VAL K 169 -45.50 -12.50 -57.83
C VAL K 169 -46.55 -12.41 -58.93
N GLU K 170 -46.84 -11.19 -59.38
CA GLU K 170 -47.88 -10.95 -60.37
C GLU K 170 -47.34 -10.02 -61.45
N PHE K 171 -47.34 -10.50 -62.69
CA PHE K 171 -46.97 -9.65 -63.82
C PHE K 171 -48.05 -8.60 -64.05
N LYS K 172 -47.62 -7.38 -64.38
CA LYS K 172 -48.54 -6.25 -64.52
C LYS K 172 -48.79 -5.86 -65.98
N GLY K 173 -47.75 -5.58 -66.74
CA GLY K 173 -47.97 -5.11 -68.10
C GLY K 173 -46.69 -5.07 -68.90
N ALA K 174 -46.81 -4.59 -70.13
CA ALA K 174 -45.72 -4.53 -71.08
C ALA K 174 -45.68 -3.17 -71.76
N VAL K 175 -44.50 -2.82 -72.26
CA VAL K 175 -44.31 -1.55 -72.95
C VAL K 175 -43.77 -1.79 -74.35
N GLY K 176 -42.64 -2.49 -74.45
CA GLY K 176 -41.99 -2.72 -75.73
C GLY K 176 -41.61 -4.17 -75.90
N ASN K 177 -41.13 -4.48 -77.11
CA ASN K 177 -40.68 -5.83 -77.46
C ASN K 177 -39.35 -5.73 -78.19
N PHE K 178 -38.51 -6.75 -77.99
CA PHE K 178 -37.22 -6.82 -78.67
C PHE K 178 -36.97 -8.28 -79.06
N ALA K 179 -35.74 -8.57 -79.48
CA ALA K 179 -35.36 -9.90 -79.90
C ALA K 179 -34.07 -10.32 -79.20
N ALA K 180 -33.99 -11.59 -78.82
CA ALA K 180 -32.83 -12.16 -78.14
C ALA K 180 -32.09 -13.09 -79.09
N LYS K 181 -30.80 -12.84 -79.28
CA LYS K 181 -29.98 -13.59 -80.22
C LYS K 181 -28.81 -14.20 -79.46
N HIS K 182 -28.73 -15.54 -79.47
CA HIS K 182 -27.74 -16.23 -78.65
C HIS K 182 -26.34 -16.12 -79.23
N ASN K 183 -26.17 -16.50 -80.49
CA ASN K 183 -24.87 -16.49 -81.13
C ASN K 183 -24.92 -15.65 -82.40
N PRO K 184 -23.79 -15.08 -82.81
CA PRO K 184 -23.79 -14.34 -84.09
C PRO K 184 -24.19 -15.19 -85.27
N ASN K 185 -23.81 -16.46 -85.29
CA ASN K 185 -24.15 -17.33 -86.41
C ASN K 185 -25.59 -17.84 -86.36
N SER K 186 -26.24 -17.79 -85.20
CA SER K 186 -27.60 -18.30 -85.08
C SER K 186 -28.58 -17.35 -85.75
N LYS K 187 -29.48 -17.92 -86.56
CA LYS K 187 -30.53 -17.15 -87.21
C LYS K 187 -31.76 -16.94 -86.33
N VAL K 188 -31.91 -17.75 -85.29
CA VAL K 188 -33.09 -17.68 -84.45
C VAL K 188 -32.99 -16.53 -83.46
N ALA K 189 -34.04 -15.73 -83.38
CA ALA K 189 -34.15 -14.66 -82.40
C ALA K 189 -35.22 -15.05 -81.39
N TYR K 190 -34.81 -15.17 -80.12
CA TYR K 190 -35.73 -15.56 -79.08
C TYR K 190 -36.67 -14.40 -78.73
N ARG K 191 -37.71 -14.72 -77.97
CA ARG K 191 -38.68 -13.71 -77.58
C ARG K 191 -38.04 -12.67 -76.67
N GLY K 192 -38.44 -11.41 -76.86
CA GLY K 192 -37.93 -10.32 -76.07
C GLY K 192 -38.96 -9.25 -75.83
N LEU K 193 -39.15 -8.86 -74.58
CA LEU K 193 -40.14 -7.85 -74.20
C LEU K 193 -39.45 -6.76 -73.40
N ARG K 194 -39.76 -5.51 -73.73
CA ARG K 194 -39.17 -4.34 -73.08
C ARG K 194 -40.19 -3.64 -72.20
N GLY K 195 -39.69 -2.97 -71.17
CA GLY K 195 -40.56 -2.24 -70.26
C GLY K 195 -41.52 -3.13 -69.50
N ALA K 196 -41.05 -4.27 -69.00
CA ALA K 196 -41.89 -5.21 -68.29
C ALA K 196 -41.95 -4.82 -66.81
N VAL K 197 -43.17 -4.82 -66.26
CA VAL K 197 -43.42 -4.46 -64.88
C VAL K 197 -44.24 -5.56 -64.22
N PHE K 198 -43.92 -5.86 -62.97
CA PHE K 198 -44.63 -6.89 -62.22
C PHE K 198 -44.68 -6.51 -60.75
N ASP K 199 -45.63 -7.10 -60.04
CA ASP K 199 -45.84 -6.84 -58.62
C ASP K 199 -45.40 -8.06 -57.81
N VAL K 200 -44.63 -7.82 -56.76
CA VAL K 200 -44.16 -8.88 -55.87
C VAL K 200 -44.41 -8.45 -54.43
N ASN K 201 -44.78 -9.41 -53.59
CA ASN K 201 -45.07 -9.13 -52.17
C ASN K 201 -43.82 -9.28 -51.30
N ALA K 202 -42.74 -8.60 -51.68
CA ALA K 202 -41.49 -8.69 -50.94
C ALA K 202 -40.60 -7.51 -51.32
N ARG K 203 -39.82 -7.06 -50.34
CA ARG K 203 -38.83 -6.01 -50.56
C ARG K 203 -37.53 -6.68 -51.01
N LEU K 204 -37.19 -6.49 -52.29
CA LEU K 204 -36.02 -7.12 -52.88
C LEU K 204 -34.80 -6.24 -52.65
N GLY K 205 -33.74 -6.84 -52.11
CA GLY K 205 -32.48 -6.16 -51.91
C GLY K 205 -31.40 -6.75 -52.80
N GLY K 206 -30.29 -6.01 -52.91
CA GLY K 206 -29.22 -6.43 -53.79
C GLY K 206 -29.67 -6.39 -55.25
N ILE K 207 -29.12 -7.31 -56.05
CA ILE K 207 -29.46 -7.43 -57.45
C ILE K 207 -30.02 -8.84 -57.69
N TRP K 208 -31.13 -8.91 -58.40
CA TRP K 208 -31.76 -10.17 -58.76
C TRP K 208 -31.74 -10.32 -60.28
N THR K 209 -32.14 -11.50 -60.76
CA THR K 209 -32.08 -11.78 -62.18
C THR K 209 -33.26 -12.68 -62.56
N ALA K 210 -33.71 -12.55 -63.80
CA ALA K 210 -34.77 -13.40 -64.33
C ALA K 210 -34.57 -13.59 -65.82
N GLY K 211 -35.09 -14.68 -66.35
CA GLY K 211 -34.99 -14.96 -67.77
C GLY K 211 -34.46 -16.33 -68.11
N PHE K 212 -33.38 -16.36 -68.89
CA PHE K 212 -32.80 -17.61 -69.36
C PHE K 212 -31.34 -17.35 -69.68
N MET K 213 -30.49 -18.38 -69.49
CA MET K 213 -29.10 -18.35 -69.95
C MET K 213 -28.37 -17.15 -69.33
N LEU K 214 -28.18 -17.28 -68.01
CA LEU K 214 -27.59 -16.23 -67.18
C LEU K 214 -26.24 -15.78 -67.70
N SER K 215 -25.58 -16.61 -68.50
CA SER K 215 -24.17 -16.44 -68.86
C SER K 215 -23.95 -15.37 -69.93
N LYS K 216 -24.93 -14.52 -70.21
CA LYS K 216 -24.74 -13.45 -71.18
C LYS K 216 -24.94 -12.07 -70.59
N GLY K 217 -25.95 -11.88 -69.75
CA GLY K 217 -26.19 -10.61 -69.11
C GLY K 217 -27.50 -9.93 -69.44
N TYR K 218 -28.45 -10.63 -70.05
CA TYR K 218 -29.77 -10.06 -70.31
C TYR K 218 -30.67 -10.26 -69.09
N GLY K 219 -31.83 -9.63 -69.10
CA GLY K 219 -32.83 -9.84 -68.07
C GLY K 219 -32.42 -9.52 -66.65
N GLN K 220 -31.40 -8.69 -66.48
CA GLN K 220 -30.93 -8.32 -65.16
C GLN K 220 -31.60 -7.04 -64.68
N PHE K 221 -31.63 -6.87 -63.36
CA PHE K 221 -32.23 -5.67 -62.76
C PHE K 221 -31.73 -5.52 -61.35
N ASN K 222 -31.37 -4.29 -60.97
CA ASN K 222 -30.89 -3.98 -59.63
C ASN K 222 -32.08 -3.51 -58.79
N ALA K 223 -32.41 -4.27 -57.76
CA ALA K 223 -33.49 -3.87 -56.86
C ALA K 223 -33.06 -2.76 -55.93
N THR K 224 -31.77 -2.69 -55.59
CA THR K 224 -31.30 -1.68 -54.64
C THR K 224 -31.43 -0.28 -55.21
N HIS K 225 -30.91 -0.06 -56.42
CA HIS K 225 -30.90 1.27 -57.01
C HIS K 225 -32.23 1.63 -57.68
N GLN K 226 -33.15 0.68 -57.79
CA GLN K 226 -34.45 0.93 -58.40
C GLN K 226 -35.45 1.54 -57.44
N LEU K 227 -35.13 1.60 -56.15
CA LEU K 227 -36.04 2.10 -55.11
C LEU K 227 -37.27 1.17 -55.12
N SER K 228 -38.48 1.69 -54.99
CA SER K 228 -39.68 0.88 -54.96
C SER K 228 -40.88 1.79 -55.19
N GLY K 229 -42.07 1.21 -55.18
CA GLY K 229 -43.30 1.95 -55.37
C GLY K 229 -44.18 1.95 -54.13
#